data_3MAU
#
_entry.id   3MAU
#
_cell.length_a   64.360
_cell.length_b   243.450
_cell.length_c   280.670
_cell.angle_alpha   90.000
_cell.angle_beta   90.000
_cell.angle_gamma   90.000
#
_symmetry.space_group_name_H-M   'C 2 2 21'
#
loop_
_entity.id
_entity.type
_entity.pdbx_description
1 polymer 'sphingosine-1-phosphate lyase'
2 non-polymer '(5-HYDROXY-4,6-DIMETHYLPYRIDIN-3-YL)METHYL DIHYDROGEN PHOSPHATE'
3 non-polymer 'PHOSPHATE ION'
4 non-polymer '{5-hydroxy-6-methyl-4-[(E)-{[2-(phosphonooxy)ethyl]imino}methyl]pyridin-3-yl}methyl dihydrogen phosphate'
5 water water
#
_entity_poly.entity_id   1
_entity_poly.type   'polypeptide(L)'
_entity_poly.pdbx_seq_one_letter_code
;MPLSAFSPPLPCDPARSHPTPEFPSSLQDYCEIRGIQSQPPARRDPTMDWLASLRSQIKPYRDRFPSHARLPRAGLPRAE
ILAEIAAMGAAESPAWRDGYASGAVYHGDEHHIAFLNEVYALQSQSNPLHPDLWPSTAKFEAEVVAMTAHMLGGDAAGGT
VCGTVTSGGTESLLLAMKTYRDWARATKGITAPEAVVPVSAHAAFDKAAQYFGIKLVRTPLDADYRADVAAMREAITPNT
VVVAGSAPGYPHGVVDPIPEIAALAAEHGIGCHVDACLGGFILPWAERLGYPVPPFDFRLEGVTSVSADTHAYGYGAKGT
SVILYRRPDLLHYQYFIAADWPGGLYFSPTFAGSRPGALSATAWAAMLSLGEEGYLDATRRILQAADRLKAGVRAIPSLK
ILGDPLWVIAVASDELNIYQVMEEMAGRGWRLNGLHRPPAFHVALTLRHTEPGVVDRFLADLQDAVAQVRAHPEKATGMA
PVYGMAAAAPPELVRQVLTGFIDLLYEVHHHHHH
;
_entity_poly.pdbx_strand_id   A,B,C,D
#
# COMPACT_ATOMS: atom_id res chain seq x y z
N ILE A 58 29.88 -19.29 -36.44
CA ILE A 58 29.12 -18.90 -37.62
C ILE A 58 28.10 -17.79 -37.29
N LYS A 59 28.14 -16.72 -38.06
CA LYS A 59 27.29 -15.53 -37.84
C LYS A 59 26.12 -15.47 -38.83
N PRO A 60 24.93 -15.89 -38.38
CA PRO A 60 23.72 -16.08 -39.19
C PRO A 60 23.14 -14.81 -39.84
N TYR A 61 23.23 -13.67 -39.18
CA TYR A 61 22.55 -12.47 -39.67
C TYR A 61 23.48 -11.45 -40.29
N ARG A 62 24.69 -11.87 -40.65
CA ARG A 62 25.67 -10.95 -41.22
C ARG A 62 25.14 -10.32 -42.51
N ASP A 63 24.37 -11.09 -43.26
CA ASP A 63 23.84 -10.60 -44.54
C ASP A 63 22.39 -10.11 -44.47
N ARG A 64 21.51 -10.86 -43.80
CA ARG A 64 20.10 -10.48 -43.76
C ARG A 64 19.81 -9.12 -43.09
N PHE A 65 20.68 -8.71 -42.17
CA PHE A 65 20.49 -7.44 -41.46
C PHE A 65 21.71 -6.53 -41.52
N PRO A 66 21.47 -5.22 -41.56
CA PRO A 66 22.53 -4.21 -41.58
C PRO A 66 23.41 -4.34 -40.34
N SER A 67 24.73 -4.21 -40.53
CA SER A 67 25.66 -4.27 -39.41
C SER A 67 26.03 -2.86 -38.99
N HIS A 68 26.11 -2.65 -37.67
CA HIS A 68 26.40 -1.33 -37.12
C HIS A 68 27.71 -1.31 -36.36
N ALA A 69 28.74 -0.70 -36.95
CA ALA A 69 29.98 -0.47 -36.24
C ALA A 69 30.10 1.00 -35.85
N ARG A 70 29.04 1.77 -36.15
CA ARG A 70 28.99 3.18 -35.84
C ARG A 70 27.55 3.57 -35.52
N LEU A 71 27.38 4.49 -34.57
CA LEU A 71 26.06 5.01 -34.26
C LEU A 71 25.44 5.63 -35.50
N PRO A 72 24.20 5.26 -35.83
CA PRO A 72 23.48 5.86 -36.96
C PRO A 72 23.39 7.38 -36.77
N ARG A 73 23.71 8.14 -37.80
CA ARG A 73 23.71 9.60 -37.70
C ARG A 73 22.39 10.09 -37.11
N ALA A 74 21.28 9.51 -37.57
CA ALA A 74 19.98 9.80 -36.98
C ALA A 74 19.38 8.50 -36.45
N GLY A 75 18.61 8.61 -35.36
CA GLY A 75 18.05 7.44 -34.72
C GLY A 75 17.09 6.67 -35.61
N LEU A 76 17.24 5.35 -35.64
CA LEU A 76 16.32 4.50 -36.40
C LEU A 76 14.99 4.37 -35.64
N PRO A 77 13.89 4.15 -36.37
CA PRO A 77 12.56 4.11 -35.73
C PRO A 77 12.39 2.92 -34.78
N ARG A 78 11.65 3.15 -33.70
CA ARG A 78 11.41 2.10 -32.73
C ARG A 78 10.64 0.93 -33.34
N ALA A 79 9.68 1.25 -34.21
CA ALA A 79 8.88 0.21 -34.87
C ALA A 79 9.79 -0.76 -35.64
N GLU A 80 10.81 -0.22 -36.29
CA GLU A 80 11.72 -1.02 -37.11
C GLU A 80 12.67 -1.86 -36.27
N ILE A 81 13.32 -1.24 -35.29
CA ILE A 81 14.24 -1.94 -34.40
C ILE A 81 13.57 -3.17 -33.78
N LEU A 82 12.34 -2.99 -33.31
CA LEU A 82 11.58 -4.10 -32.72
C LEU A 82 11.34 -5.22 -33.73
N ALA A 83 11.00 -4.85 -34.96
CA ALA A 83 10.73 -5.83 -36.01
C ALA A 83 11.97 -6.66 -36.33
N GLU A 84 13.14 -6.01 -36.36
CA GLU A 84 14.41 -6.68 -36.58
C GLU A 84 14.64 -7.73 -35.50
N ILE A 85 14.42 -7.33 -34.24
CA ILE A 85 14.61 -8.22 -33.09
C ILE A 85 13.58 -9.35 -33.03
N ALA A 86 12.34 -9.04 -33.37
CA ALA A 86 11.26 -10.03 -33.31
C ALA A 86 11.49 -11.13 -34.34
N ALA A 87 12.04 -10.73 -35.48
CA ALA A 87 12.37 -11.66 -36.55
C ALA A 87 13.40 -12.68 -36.06
N MET A 88 14.46 -12.17 -35.43
CA MET A 88 15.47 -13.04 -34.85
C MET A 88 14.85 -13.93 -33.78
N GLY A 89 13.79 -13.45 -33.16
CA GLY A 89 13.10 -14.21 -32.13
C GLY A 89 12.42 -15.43 -32.71
N ALA A 90 11.77 -15.24 -33.87
CA ALA A 90 11.08 -16.32 -34.56
C ALA A 90 12.04 -17.35 -35.17
N ALA A 91 13.27 -16.92 -35.40
CA ALA A 91 14.29 -17.78 -35.99
C ALA A 91 14.94 -18.68 -34.94
N GLU A 92 15.15 -18.14 -33.74
CA GLU A 92 15.93 -18.83 -32.71
C GLU A 92 15.09 -19.56 -31.66
N SER A 93 13.82 -19.16 -31.51
CA SER A 93 12.99 -19.71 -30.44
C SER A 93 12.40 -21.10 -30.70
N PRO A 94 12.33 -21.53 -31.97
CA PRO A 94 11.89 -22.92 -32.18
C PRO A 94 12.87 -23.95 -31.60
N ALA A 95 14.16 -23.65 -31.67
CA ALA A 95 15.19 -24.58 -31.17
C ALA A 95 14.98 -24.97 -29.71
N TRP A 96 14.83 -23.99 -28.82
CA TRP A 96 14.68 -24.30 -27.40
C TRP A 96 13.24 -24.65 -27.03
N ARG A 97 12.28 -24.06 -27.74
CA ARG A 97 10.87 -24.27 -27.43
C ARG A 97 10.39 -25.70 -27.72
N ASP A 98 10.78 -26.23 -28.87
CA ASP A 98 10.35 -27.57 -29.27
C ASP A 98 11.14 -28.67 -28.55
N GLY A 99 12.13 -28.29 -27.75
CA GLY A 99 12.78 -29.21 -26.85
C GLY A 99 14.13 -29.75 -27.28
N TYR A 100 14.76 -29.09 -28.26
CA TYR A 100 16.02 -29.59 -28.80
C TYR A 100 17.24 -29.19 -27.97
N ALA A 101 17.05 -28.29 -27.01
CA ALA A 101 18.18 -27.76 -26.27
C ALA A 101 18.36 -28.41 -24.90
N SER A 102 19.59 -28.78 -24.59
CA SER A 102 19.95 -29.25 -23.26
C SER A 102 20.16 -28.03 -22.37
N GLY A 103 19.41 -27.96 -21.27
CA GLY A 103 19.44 -26.80 -20.41
C GLY A 103 18.96 -25.57 -21.17
N ALA A 104 19.74 -24.49 -21.07
CA ALA A 104 19.47 -23.22 -21.77
C ALA A 104 18.19 -22.52 -21.32
N VAL A 105 17.05 -23.00 -21.78
CA VAL A 105 15.74 -22.55 -21.33
C VAL A 105 15.16 -23.59 -20.37
N TYR A 106 14.74 -23.14 -19.19
CA TYR A 106 14.38 -24.08 -18.13
C TYR A 106 12.89 -24.32 -17.98
N HIS A 107 12.09 -23.33 -18.33
CA HIS A 107 10.64 -23.46 -18.27
C HIS A 107 10.06 -23.48 -19.67
N GLY A 108 10.14 -22.35 -20.36
CA GLY A 108 9.79 -22.30 -21.77
C GLY A 108 8.33 -22.05 -22.11
N ASP A 109 7.43 -22.32 -21.17
CA ASP A 109 6.00 -22.15 -21.42
C ASP A 109 5.66 -20.68 -21.70
N GLU A 110 5.02 -20.42 -22.84
CA GLU A 110 4.84 -19.05 -23.32
C GLU A 110 3.99 -18.17 -22.42
N HIS A 111 3.23 -18.76 -21.51
CA HIS A 111 2.41 -17.96 -20.59
C HIS A 111 3.20 -17.58 -19.34
N HIS A 112 4.03 -18.50 -18.89
CA HIS A 112 4.94 -18.24 -17.78
C HIS A 112 5.97 -17.19 -18.18
N ILE A 113 6.30 -17.16 -19.47
CA ILE A 113 7.25 -16.18 -19.98
C ILE A 113 6.59 -14.80 -20.14
N ALA A 114 5.39 -14.78 -20.72
CA ALA A 114 4.63 -13.56 -20.89
C ALA A 114 4.35 -12.94 -19.53
N PHE A 115 4.23 -13.80 -18.52
CA PHE A 115 3.99 -13.37 -17.14
C PHE A 115 5.21 -12.67 -16.55
N LEU A 116 6.37 -13.32 -16.62
CA LEU A 116 7.59 -12.73 -16.09
C LEU A 116 8.00 -11.46 -16.82
N ASN A 117 7.63 -11.36 -18.09
CA ASN A 117 7.92 -10.16 -18.86
C ASN A 117 7.12 -8.96 -18.36
N GLU A 118 5.92 -9.24 -17.87
CA GLU A 118 5.11 -8.20 -17.25
C GLU A 118 5.76 -7.76 -15.94
N VAL A 119 6.23 -8.74 -15.17
CA VAL A 119 6.97 -8.46 -13.96
C VAL A 119 8.17 -7.57 -14.25
N TYR A 120 8.96 -7.92 -15.27
CA TYR A 120 10.09 -7.08 -15.65
C TYR A 120 9.59 -5.67 -15.99
N ALA A 121 8.53 -5.60 -16.78
CA ALA A 121 8.05 -4.33 -17.28
C ALA A 121 7.67 -3.37 -16.17
N LEU A 122 7.06 -3.91 -15.11
CA LEU A 122 6.58 -3.09 -14.00
C LEU A 122 7.72 -2.66 -13.08
N GLN A 123 8.87 -3.31 -13.22
CA GLN A 123 10.01 -3.03 -12.36
C GLN A 123 11.25 -2.60 -13.14
N SER A 124 11.06 -2.33 -14.42
CA SER A 124 12.20 -2.12 -15.32
C SER A 124 13.20 -1.13 -14.76
N GLN A 125 12.70 -0.11 -14.09
CA GLN A 125 13.55 0.99 -13.64
C GLN A 125 14.28 0.71 -12.34
N SER A 126 13.88 -0.35 -11.65
CA SER A 126 14.47 -0.70 -10.37
C SER A 126 15.99 -0.89 -10.41
N ASN A 127 16.66 -0.27 -9.45
CA ASN A 127 18.08 -0.45 -9.22
C ASN A 127 18.25 -0.51 -7.70
N PRO A 128 18.52 -1.71 -7.17
CA PRO A 128 18.54 -1.93 -5.72
C PRO A 128 19.76 -1.33 -5.04
N LEU A 129 20.53 -0.52 -5.76
CA LEU A 129 21.61 0.23 -5.14
C LEU A 129 20.96 1.33 -4.31
N HIS A 130 19.72 1.66 -4.68
CA HIS A 130 18.93 2.69 -3.99
C HIS A 130 17.67 2.09 -3.33
N PRO A 131 17.84 1.53 -2.13
CA PRO A 131 16.72 0.83 -1.50
C PRO A 131 15.62 1.80 -1.05
N ASP A 132 15.91 3.10 -1.08
CA ASP A 132 14.94 4.09 -0.62
C ASP A 132 14.04 4.58 -1.75
N LEU A 133 14.48 4.36 -2.99
CA LEU A 133 13.68 4.71 -4.16
C LEU A 133 12.81 3.55 -4.60
N TRP A 134 13.34 2.34 -4.47
CA TRP A 134 12.61 1.13 -4.81
C TRP A 134 12.65 0.15 -3.64
N PRO A 135 11.93 0.46 -2.56
CA PRO A 135 11.88 -0.46 -1.43
C PRO A 135 11.18 -1.75 -1.83
N SER A 136 10.50 -1.73 -2.97
CA SER A 136 9.79 -2.92 -3.45
C SER A 136 10.76 -4.01 -3.82
N THR A 137 11.85 -3.62 -4.47
CA THR A 137 12.85 -4.57 -4.92
C THR A 137 13.64 -5.13 -3.74
N ALA A 138 13.98 -4.26 -2.80
CA ALA A 138 14.69 -4.71 -1.61
C ALA A 138 13.85 -5.72 -0.84
N LYS A 139 12.53 -5.59 -0.97
CA LYS A 139 11.60 -6.54 -0.35
C LYS A 139 11.68 -7.89 -1.07
N PHE A 140 11.54 -7.86 -2.39
CA PHE A 140 11.65 -9.06 -3.20
C PHE A 140 12.92 -9.81 -2.86
N GLU A 141 14.05 -9.12 -2.88
CA GLU A 141 15.33 -9.76 -2.62
C GLU A 141 15.36 -10.41 -1.24
N ALA A 142 14.87 -9.72 -0.23
CA ALA A 142 14.83 -10.26 1.13
C ALA A 142 14.00 -11.54 1.22
N GLU A 143 12.92 -11.59 0.45
CA GLU A 143 11.99 -12.72 0.49
C GLU A 143 12.43 -13.90 -0.40
N VAL A 144 13.07 -13.61 -1.52
CA VAL A 144 13.65 -14.67 -2.33
C VAL A 144 14.72 -15.38 -1.52
N VAL A 145 15.58 -14.62 -0.85
CA VAL A 145 16.61 -15.18 0.02
C VAL A 145 16.03 -15.99 1.19
N ALA A 146 14.89 -15.54 1.72
CA ALA A 146 14.27 -16.19 2.87
C ALA A 146 13.52 -17.47 2.49
N MET A 147 12.71 -17.39 1.44
CA MET A 147 11.99 -18.54 0.92
C MET A 147 12.94 -19.64 0.47
N THR A 148 14.06 -19.23 -0.10
CA THR A 148 15.07 -20.16 -0.59
C THR A 148 15.81 -20.78 0.59
N ALA A 149 16.06 -19.99 1.64
CA ALA A 149 16.71 -20.49 2.83
C ALA A 149 15.89 -21.59 3.47
N HIS A 150 14.61 -21.31 3.69
CA HIS A 150 13.69 -22.29 4.25
C HIS A 150 13.69 -23.58 3.43
N MET A 151 13.57 -23.42 2.12
CA MET A 151 13.52 -24.56 1.20
C MET A 151 14.72 -25.50 1.38
N LEU A 152 15.88 -24.94 1.68
CA LEU A 152 17.10 -25.74 1.79
C LEU A 152 17.48 -25.98 3.24
N GLY A 153 16.48 -26.25 4.06
CA GLY A 153 16.66 -26.60 5.45
C GLY A 153 17.25 -25.52 6.33
N GLY A 154 16.76 -24.30 6.17
CA GLY A 154 17.32 -23.17 6.90
C GLY A 154 16.83 -23.09 8.33
N ASP A 155 15.73 -23.76 8.61
CA ASP A 155 15.16 -23.77 9.95
C ASP A 155 15.93 -24.75 10.82
N ALA A 156 16.24 -25.91 10.25
CA ALA A 156 17.02 -26.94 10.94
C ALA A 156 18.42 -26.46 11.32
N ALA A 157 18.66 -25.16 11.20
CA ALA A 157 19.97 -24.61 11.48
C ALA A 157 19.89 -23.58 12.59
N GLY A 158 18.68 -23.34 13.07
CA GLY A 158 18.47 -22.40 14.16
C GLY A 158 17.85 -21.09 13.70
N GLY A 159 17.74 -20.91 12.40
CA GLY A 159 17.18 -19.68 11.85
C GLY A 159 18.19 -18.56 11.75
N THR A 160 19.47 -18.93 11.75
CA THR A 160 20.53 -17.95 11.55
C THR A 160 20.95 -17.90 10.09
N VAL A 161 20.33 -18.76 9.28
CA VAL A 161 20.65 -18.81 7.85
C VAL A 161 20.22 -17.54 7.13
N CYS A 162 21.18 -16.97 6.40
CA CYS A 162 20.98 -15.69 5.73
C CYS A 162 21.74 -15.70 4.41
N GLY A 163 21.40 -14.78 3.51
CA GLY A 163 22.11 -14.68 2.26
C GLY A 163 21.87 -13.37 1.53
N THR A 164 22.19 -13.37 0.23
CA THR A 164 21.91 -12.25 -0.64
C THR A 164 21.53 -12.78 -2.01
N VAL A 165 20.89 -11.96 -2.82
CA VAL A 165 20.58 -12.34 -4.19
C VAL A 165 21.73 -11.89 -5.07
N THR A 166 22.22 -12.80 -5.91
CA THR A 166 23.33 -12.51 -6.82
C THR A 166 22.88 -12.59 -8.26
N SER A 167 23.83 -12.45 -9.19
CA SER A 167 23.53 -12.38 -10.61
C SER A 167 23.55 -13.72 -11.34
N GLY A 168 23.98 -14.77 -10.65
CA GLY A 168 24.06 -16.09 -11.25
C GLY A 168 24.85 -17.05 -10.41
N GLY A 169 24.86 -18.32 -10.81
CA GLY A 169 25.61 -19.33 -10.08
C GLY A 169 27.06 -18.94 -9.88
N THR A 170 27.71 -18.50 -10.96
CA THR A 170 29.12 -18.14 -10.90
C THR A 170 29.39 -17.09 -9.83
N GLU A 171 28.58 -16.04 -9.77
CA GLU A 171 28.79 -15.00 -8.76
C GLU A 171 28.63 -15.56 -7.35
N SER A 172 27.60 -16.37 -7.16
CA SER A 172 27.40 -17.05 -5.88
C SER A 172 28.68 -17.77 -5.46
N LEU A 173 29.17 -18.65 -6.32
CA LEU A 173 30.41 -19.40 -6.04
C LEU A 173 31.59 -18.47 -5.77
N LEU A 174 31.81 -17.49 -6.66
CA LEU A 174 32.89 -16.54 -6.47
C LEU A 174 32.77 -15.84 -5.11
N LEU A 175 31.59 -15.29 -4.82
CA LEU A 175 31.36 -14.59 -3.56
C LEU A 175 31.74 -15.48 -2.39
N ALA A 176 31.24 -16.72 -2.41
CA ALA A 176 31.52 -17.68 -1.36
C ALA A 176 33.02 -17.88 -1.15
N MET A 177 33.74 -18.22 -2.22
CA MET A 177 35.19 -18.39 -2.14
C MET A 177 35.89 -17.19 -1.51
N LYS A 178 35.49 -15.99 -1.93
CA LYS A 178 36.05 -14.76 -1.39
C LYS A 178 35.74 -14.64 0.10
N THR A 179 34.53 -15.02 0.49
CA THR A 179 34.12 -14.98 1.89
C THR A 179 35.02 -15.86 2.75
N TYR A 180 35.10 -17.14 2.40
CA TYR A 180 35.95 -18.08 3.11
C TYR A 180 37.41 -17.64 3.16
N ARG A 181 37.89 -17.06 2.06
CA ARG A 181 39.26 -16.55 2.02
C ARG A 181 39.47 -15.42 3.03
N ASP A 182 38.51 -14.50 3.10
CA ASP A 182 38.61 -13.32 3.96
C ASP A 182 38.42 -13.68 5.42
N TRP A 183 37.58 -14.68 5.66
CA TRP A 183 37.31 -15.18 7.00
C TRP A 183 38.54 -15.91 7.54
N ALA A 184 39.07 -16.83 6.73
CA ALA A 184 40.23 -17.61 7.12
C ALA A 184 41.43 -16.73 7.50
N ARG A 185 41.61 -15.62 6.78
CA ARG A 185 42.73 -14.72 7.05
C ARG A 185 42.52 -13.99 8.38
N ALA A 186 41.30 -13.52 8.61
CA ALA A 186 41.02 -12.73 9.80
C ALA A 186 41.01 -13.57 11.08
N THR A 187 40.36 -14.72 11.05
CA THR A 187 40.23 -15.57 12.23
C THR A 187 41.38 -16.57 12.41
N LYS A 188 41.63 -17.37 11.38
CA LYS A 188 42.64 -18.42 11.46
C LYS A 188 44.02 -18.01 10.95
N GLY A 189 44.17 -16.73 10.58
CA GLY A 189 45.44 -16.19 10.12
C GLY A 189 46.06 -16.85 8.89
N ILE A 190 45.23 -17.45 8.05
CA ILE A 190 45.70 -18.17 6.86
C ILE A 190 45.93 -17.25 5.66
N THR A 191 47.19 -16.99 5.34
CA THR A 191 47.53 -16.00 4.32
C THR A 191 47.90 -16.57 2.94
N ALA A 192 47.89 -17.89 2.80
CA ALA A 192 48.05 -18.54 1.49
C ALA A 192 47.02 -19.64 1.37
N PRO A 193 45.75 -19.27 1.13
CA PRO A 193 44.59 -20.14 1.31
C PRO A 193 44.51 -21.23 0.26
N GLU A 194 43.94 -22.36 0.64
CA GLU A 194 43.70 -23.46 -0.29
C GLU A 194 42.24 -23.83 -0.24
N ALA A 195 41.73 -24.36 -1.34
CA ALA A 195 40.38 -24.88 -1.38
C ALA A 195 40.43 -26.27 -2.00
N VAL A 196 39.59 -27.17 -1.52
CA VAL A 196 39.61 -28.54 -1.99
C VAL A 196 38.23 -28.94 -2.50
N VAL A 197 38.15 -29.22 -3.79
CA VAL A 197 36.88 -29.61 -4.41
C VAL A 197 37.12 -30.80 -5.33
N PRO A 198 36.05 -31.53 -5.68
CA PRO A 198 36.18 -32.60 -6.67
C PRO A 198 36.55 -32.06 -8.03
N VAL A 199 37.02 -32.93 -8.91
CA VAL A 199 37.40 -32.52 -10.26
C VAL A 199 36.14 -32.27 -11.08
N SER A 200 34.99 -32.62 -10.52
CA SER A 200 33.71 -32.41 -11.19
C SER A 200 33.08 -31.06 -10.79
N ALA A 201 33.55 -30.49 -9.68
CA ALA A 201 33.06 -29.17 -9.26
C ALA A 201 33.15 -28.19 -10.42
N HIS A 202 32.21 -27.25 -10.46
CA HIS A 202 32.10 -26.35 -11.62
C HIS A 202 33.34 -25.51 -11.89
N ALA A 203 33.59 -25.23 -13.17
CA ALA A 203 34.74 -24.46 -13.61
C ALA A 203 34.78 -23.07 -12.99
N ALA A 204 33.64 -22.63 -12.46
CA ALA A 204 33.58 -21.34 -11.79
C ALA A 204 34.54 -21.32 -10.61
N PHE A 205 34.86 -22.49 -10.09
CA PHE A 205 35.78 -22.60 -8.95
C PHE A 205 37.19 -22.22 -9.35
N ASP A 206 37.62 -22.61 -10.54
CA ASP A 206 38.93 -22.22 -11.06
C ASP A 206 38.99 -20.71 -11.21
N LYS A 207 37.89 -20.15 -11.68
CA LYS A 207 37.76 -18.71 -11.86
C LYS A 207 38.00 -17.99 -10.52
N ALA A 208 37.41 -18.50 -9.44
CA ALA A 208 37.63 -17.92 -8.12
C ALA A 208 39.08 -18.08 -7.67
N ALA A 209 39.66 -19.24 -7.97
CA ALA A 209 41.06 -19.49 -7.66
C ALA A 209 41.95 -18.41 -8.27
N GLN A 210 41.78 -18.16 -9.57
CA GLN A 210 42.57 -17.17 -10.28
C GLN A 210 42.34 -15.73 -9.77
N TYR A 211 41.07 -15.36 -9.59
CA TYR A 211 40.71 -14.00 -9.19
C TYR A 211 41.25 -13.64 -7.82
N PHE A 212 40.97 -14.50 -6.84
CA PHE A 212 41.15 -14.14 -5.44
C PHE A 212 42.47 -14.64 -4.84
N GLY A 213 43.22 -15.42 -5.63
CA GLY A 213 44.51 -15.93 -5.21
C GLY A 213 44.40 -17.09 -4.24
N ILE A 214 43.53 -18.04 -4.57
CA ILE A 214 43.35 -19.22 -3.76
C ILE A 214 43.95 -20.39 -4.53
N LYS A 215 44.72 -21.23 -3.84
CA LYS A 215 45.26 -22.42 -4.48
C LYS A 215 44.18 -23.51 -4.49
N LEU A 216 43.71 -23.86 -5.68
CA LEU A 216 42.63 -24.84 -5.80
C LEU A 216 43.20 -26.24 -6.03
N VAL A 217 42.72 -27.20 -5.25
CA VAL A 217 43.18 -28.58 -5.35
C VAL A 217 42.01 -29.48 -5.71
N ARG A 218 42.10 -30.13 -6.87
CA ARG A 218 41.00 -30.99 -7.33
C ARG A 218 41.25 -32.47 -7.10
N THR A 219 40.35 -33.09 -6.35
CA THR A 219 40.47 -34.51 -6.02
C THR A 219 39.77 -35.39 -7.05
N PRO A 220 40.14 -36.67 -7.13
CA PRO A 220 39.57 -37.58 -8.13
C PRO A 220 38.20 -38.11 -7.72
N LEU A 221 37.53 -38.78 -8.65
CA LEU A 221 36.21 -39.37 -8.39
C LEU A 221 36.30 -40.89 -8.24
N ASP A 222 35.18 -41.53 -7.93
CA ASP A 222 35.13 -42.98 -7.84
C ASP A 222 34.43 -43.60 -9.05
N ALA A 223 33.95 -44.83 -8.91
CA ALA A 223 33.33 -45.57 -10.01
C ALA A 223 31.99 -44.98 -10.45
N ASP A 224 31.28 -44.36 -9.52
CA ASP A 224 29.96 -43.78 -9.78
C ASP A 224 30.10 -42.32 -10.20
N TYR A 225 31.35 -41.87 -10.37
CA TYR A 225 31.64 -40.48 -10.72
C TYR A 225 31.26 -39.49 -9.62
N ARG A 226 31.04 -40.01 -8.42
CA ARG A 226 30.85 -39.18 -7.24
C ARG A 226 32.20 -38.88 -6.63
N ALA A 227 32.26 -37.89 -5.75
CA ALA A 227 33.53 -37.47 -5.17
C ALA A 227 34.18 -38.58 -4.34
N ASP A 228 35.51 -38.58 -4.32
CA ASP A 228 36.26 -39.53 -3.50
C ASP A 228 36.58 -38.87 -2.15
N VAL A 229 35.75 -39.15 -1.15
CA VAL A 229 35.84 -38.47 0.15
C VAL A 229 37.19 -38.64 0.84
N ALA A 230 37.87 -39.76 0.56
CA ALA A 230 39.17 -40.05 1.14
C ALA A 230 40.24 -39.10 0.60
N ALA A 231 40.32 -39.01 -0.72
CA ALA A 231 41.33 -38.17 -1.37
C ALA A 231 41.18 -36.71 -0.98
N MET A 232 39.99 -36.34 -0.54
CA MET A 232 39.75 -34.99 -0.05
C MET A 232 40.43 -34.80 1.30
N ARG A 233 40.24 -35.75 2.21
CA ARG A 233 40.93 -35.71 3.49
C ARG A 233 42.44 -35.62 3.29
N GLU A 234 42.94 -36.42 2.35
CA GLU A 234 44.37 -36.44 2.04
C GLU A 234 44.94 -35.08 1.64
N ALA A 235 44.16 -34.31 0.90
CA ALA A 235 44.65 -33.05 0.34
C ALA A 235 44.44 -31.85 1.27
N ILE A 236 43.71 -32.05 2.37
CA ILE A 236 43.52 -30.98 3.34
C ILE A 236 44.81 -30.65 4.08
N THR A 237 45.13 -29.37 4.16
CA THR A 237 46.29 -28.91 4.91
C THR A 237 45.79 -27.93 5.96
N PRO A 238 46.71 -27.36 6.76
CA PRO A 238 46.26 -26.36 7.74
C PRO A 238 45.89 -25.03 7.07
N ASN A 239 46.26 -24.89 5.80
CA ASN A 239 45.93 -23.69 5.03
C ASN A 239 44.63 -23.83 4.23
N THR A 240 44.06 -25.03 4.21
CA THR A 240 42.76 -25.27 3.58
C THR A 240 41.65 -24.51 4.30
N VAL A 241 40.92 -23.70 3.55
CA VAL A 241 39.90 -22.84 4.13
C VAL A 241 38.49 -23.26 3.78
N VAL A 242 38.34 -24.20 2.85
CA VAL A 242 37.01 -24.65 2.45
C VAL A 242 37.08 -25.89 1.59
N VAL A 243 36.04 -26.71 1.67
CA VAL A 243 35.88 -27.85 0.77
C VAL A 243 34.49 -27.72 0.16
N ALA A 244 34.29 -28.31 -1.02
CA ALA A 244 32.99 -28.16 -1.67
C ALA A 244 32.49 -29.46 -2.25
N GLY A 245 31.18 -29.55 -2.43
CA GLY A 245 30.57 -30.71 -3.03
C GLY A 245 29.47 -30.21 -3.93
N SER A 246 29.23 -30.92 -5.03
CA SER A 246 28.25 -30.46 -6.00
C SER A 246 26.97 -31.28 -5.88
N ALA A 247 25.84 -30.60 -5.99
CA ALA A 247 24.56 -31.25 -5.75
C ALA A 247 23.48 -30.79 -6.73
N PRO A 248 23.55 -31.26 -7.99
CA PRO A 248 24.57 -32.15 -8.52
C PRO A 248 25.65 -31.34 -9.19
N GLY A 249 26.76 -32.00 -9.53
CA GLY A 249 27.76 -31.39 -10.39
C GLY A 249 27.19 -31.24 -11.78
N TYR A 250 27.72 -30.28 -12.53
CA TYR A 250 27.21 -30.04 -13.87
C TYR A 250 27.56 -31.15 -14.88
N PRO A 251 28.79 -31.68 -14.79
CA PRO A 251 29.23 -32.67 -15.79
C PRO A 251 28.31 -33.89 -15.91
N HIS A 252 28.08 -34.59 -14.79
CA HIS A 252 27.44 -35.89 -14.86
C HIS A 252 26.07 -36.00 -14.20
N GLY A 253 25.66 -34.95 -13.50
CA GLY A 253 24.35 -34.90 -12.88
C GLY A 253 24.27 -35.69 -11.59
N VAL A 254 25.43 -36.08 -11.06
CA VAL A 254 25.48 -36.89 -9.85
C VAL A 254 25.75 -36.03 -8.64
N VAL A 255 25.23 -36.44 -7.49
CA VAL A 255 25.37 -35.71 -6.25
C VAL A 255 26.51 -36.24 -5.41
N ASP A 256 27.55 -35.44 -5.22
CA ASP A 256 28.67 -35.81 -4.36
C ASP A 256 28.15 -36.18 -2.97
N PRO A 257 28.94 -36.95 -2.20
CA PRO A 257 28.53 -37.39 -0.87
C PRO A 257 28.58 -36.22 0.13
N ILE A 258 27.54 -35.38 0.11
CA ILE A 258 27.54 -34.17 0.92
C ILE A 258 27.63 -34.43 2.42
N PRO A 259 26.80 -35.35 2.94
CA PRO A 259 26.85 -35.62 4.39
C PRO A 259 28.29 -35.92 4.83
N GLU A 260 28.98 -36.76 4.06
CA GLU A 260 30.34 -37.16 4.37
C GLU A 260 31.32 -36.00 4.27
N ILE A 261 31.22 -35.24 3.18
CA ILE A 261 32.08 -34.07 2.97
C ILE A 261 31.84 -33.01 4.04
N ALA A 262 30.56 -32.77 4.32
CA ALA A 262 30.16 -31.82 5.35
C ALA A 262 30.78 -32.18 6.70
N ALA A 263 30.71 -33.46 7.05
CA ALA A 263 31.30 -33.96 8.28
C ALA A 263 32.82 -33.77 8.26
N LEU A 264 33.45 -34.15 7.16
CA LEU A 264 34.89 -33.98 7.00
C LEU A 264 35.27 -32.53 7.27
N ALA A 265 34.40 -31.61 6.89
CA ALA A 265 34.66 -30.19 7.05
C ALA A 265 34.56 -29.73 8.50
N ALA A 266 33.43 -30.03 9.14
CA ALA A 266 33.23 -29.69 10.54
C ALA A 266 34.38 -30.23 11.39
N GLU A 267 34.91 -31.39 10.99
CA GLU A 267 36.04 -32.03 11.66
C GLU A 267 37.25 -31.09 11.75
N HIS A 268 37.68 -30.55 10.61
CA HIS A 268 38.87 -29.69 10.56
C HIS A 268 38.58 -28.21 10.83
N GLY A 269 37.35 -27.91 11.26
CA GLY A 269 36.96 -26.55 11.58
C GLY A 269 37.03 -25.56 10.43
N ILE A 270 36.77 -26.05 9.21
CA ILE A 270 36.73 -25.20 8.03
C ILE A 270 35.34 -25.20 7.39
N GLY A 271 35.21 -24.49 6.28
CA GLY A 271 33.92 -24.38 5.61
C GLY A 271 33.64 -25.51 4.65
N CYS A 272 32.35 -25.76 4.40
CA CYS A 272 31.93 -26.68 3.37
C CYS A 272 30.89 -25.98 2.53
N HIS A 273 31.17 -25.77 1.24
CA HIS A 273 30.19 -25.14 0.38
C HIS A 273 29.49 -26.16 -0.51
N VAL A 274 28.18 -26.06 -0.62
CA VAL A 274 27.43 -26.96 -1.48
C VAL A 274 26.95 -26.24 -2.73
N ASP A 275 27.55 -26.60 -3.86
CA ASP A 275 27.17 -26.04 -5.15
C ASP A 275 25.87 -26.65 -5.64
N ALA A 276 24.76 -26.15 -5.11
CA ALA A 276 23.43 -26.63 -5.51
C ALA A 276 22.81 -25.73 -6.57
N CYS A 277 23.65 -25.10 -7.38
CA CYS A 277 23.16 -24.18 -8.40
C CYS A 277 22.20 -24.88 -9.34
N LEU A 278 22.45 -26.15 -9.58
CA LEU A 278 21.58 -26.91 -10.47
C LEU A 278 20.46 -27.57 -9.67
N GLY A 279 20.81 -28.10 -8.50
CA GLY A 279 19.89 -28.92 -7.73
C GLY A 279 19.04 -28.22 -6.68
N GLY A 280 19.41 -27.00 -6.31
CA GLY A 280 18.67 -26.28 -5.29
C GLY A 280 17.16 -26.39 -5.42
N PHE A 281 16.63 -26.18 -6.62
CA PHE A 281 15.19 -26.17 -6.82
C PHE A 281 14.66 -27.46 -7.43
N ILE A 282 15.48 -28.51 -7.37
CA ILE A 282 15.09 -29.83 -7.88
C ILE A 282 15.17 -30.88 -6.78
N LEU A 283 16.29 -30.90 -6.06
CA LEU A 283 16.52 -31.92 -5.02
C LEU A 283 15.52 -31.96 -3.85
N PRO A 284 15.13 -30.79 -3.31
CA PRO A 284 14.21 -30.83 -2.18
C PRO A 284 12.85 -31.42 -2.56
N TRP A 285 12.45 -31.26 -3.81
CA TRP A 285 11.16 -31.78 -4.26
C TRP A 285 11.27 -33.24 -4.69
N ALA A 286 12.44 -33.63 -5.16
CA ALA A 286 12.69 -35.02 -5.52
C ALA A 286 12.68 -35.87 -4.25
N GLU A 287 13.12 -35.27 -3.16
CA GLU A 287 13.17 -35.98 -1.88
C GLU A 287 11.77 -36.29 -1.35
N ARG A 288 10.85 -35.34 -1.52
CA ARG A 288 9.47 -35.50 -1.09
C ARG A 288 8.66 -36.34 -2.07
N LEU A 289 9.17 -36.51 -3.29
CA LEU A 289 8.55 -37.37 -4.28
C LEU A 289 9.00 -38.81 -4.07
N GLY A 290 9.80 -39.01 -3.03
CA GLY A 290 10.26 -40.34 -2.65
C GLY A 290 11.44 -40.87 -3.45
N TYR A 291 12.39 -40.01 -3.78
CA TYR A 291 13.60 -40.40 -4.50
C TYR A 291 14.77 -40.59 -3.57
N PRO A 292 15.83 -41.28 -4.05
CA PRO A 292 17.03 -41.51 -3.25
C PRO A 292 17.93 -40.29 -3.19
N VAL A 293 17.58 -39.30 -2.37
CA VAL A 293 18.44 -38.15 -2.18
C VAL A 293 18.74 -37.92 -0.69
N PRO A 294 20.00 -38.12 -0.30
CA PRO A 294 20.44 -37.81 1.07
C PRO A 294 20.28 -36.32 1.35
N PRO A 295 20.37 -35.93 2.64
CA PRO A 295 20.35 -34.49 2.93
C PRO A 295 21.57 -33.82 2.32
N PHE A 296 21.36 -32.76 1.54
CA PHE A 296 22.43 -32.10 0.80
C PHE A 296 22.63 -30.66 1.25
N ASP A 297 21.71 -30.19 2.08
CA ASP A 297 21.64 -28.77 2.41
C ASP A 297 22.08 -28.44 3.84
N PHE A 298 21.26 -27.64 4.52
CA PHE A 298 21.62 -27.12 5.83
C PHE A 298 21.19 -28.05 6.95
N ARG A 299 20.48 -29.11 6.61
CA ARG A 299 20.15 -30.12 7.60
C ARG A 299 21.44 -30.65 8.20
N LEU A 300 22.42 -30.91 7.34
CA LEU A 300 23.75 -31.31 7.76
C LEU A 300 24.44 -30.16 8.48
N GLU A 301 25.10 -30.43 9.59
CA GLU A 301 25.65 -29.36 10.41
C GLU A 301 26.99 -28.82 9.89
N GLY A 302 27.72 -29.64 9.15
CA GLY A 302 29.01 -29.24 8.62
C GLY A 302 28.91 -28.20 7.50
N VAL A 303 27.79 -28.23 6.78
CA VAL A 303 27.53 -27.33 5.66
C VAL A 303 27.36 -25.87 6.10
N THR A 304 28.32 -25.03 5.72
CA THR A 304 28.36 -23.63 6.12
C THR A 304 27.77 -22.67 5.09
N SER A 305 27.74 -23.08 3.82
CA SER A 305 27.12 -22.26 2.77
C SER A 305 26.54 -23.10 1.64
N VAL A 306 25.57 -22.54 0.93
CA VAL A 306 24.96 -23.21 -0.21
C VAL A 306 24.59 -22.19 -1.29
N SER A 307 24.77 -22.56 -2.55
CA SER A 307 24.35 -21.68 -3.64
C SER A 307 23.27 -22.34 -4.46
N ALA A 308 22.27 -21.56 -4.88
CA ALA A 308 21.17 -22.08 -5.69
C ALA A 308 20.75 -21.08 -6.75
N ASP A 309 20.42 -21.57 -7.95
CA ASP A 309 20.05 -20.71 -9.07
C ASP A 309 18.55 -20.56 -9.28
N THR A 310 18.04 -19.37 -8.99
CA THR A 310 16.64 -19.09 -9.20
C THR A 310 16.33 -18.95 -10.68
N HIS A 311 17.38 -18.80 -11.49
CA HIS A 311 17.18 -18.60 -12.92
C HIS A 311 17.28 -19.92 -13.69
N ALA A 312 17.73 -20.96 -12.98
CA ALA A 312 17.76 -22.29 -13.53
C ALA A 312 16.44 -23.00 -13.27
N TYR A 313 16.45 -23.91 -12.30
CA TYR A 313 15.25 -24.68 -11.99
C TYR A 313 14.29 -23.96 -11.05
N GLY A 314 14.61 -22.70 -10.74
CA GLY A 314 13.71 -21.84 -10.00
C GLY A 314 12.72 -21.18 -10.94
N TYR A 315 13.02 -21.27 -12.24
CA TYR A 315 12.15 -20.77 -13.29
C TYR A 315 11.97 -19.27 -13.27
N GLY A 316 12.90 -18.57 -12.64
CA GLY A 316 12.97 -17.13 -12.76
C GLY A 316 13.48 -16.80 -14.15
N ALA A 317 13.67 -15.51 -14.43
CA ALA A 317 14.30 -15.12 -15.67
C ALA A 317 15.81 -15.05 -15.43
N LYS A 318 16.59 -15.16 -16.51
CA LYS A 318 18.04 -15.26 -16.41
C LYS A 318 18.67 -14.05 -15.73
N GLY A 319 19.59 -14.30 -14.81
CA GLY A 319 20.34 -13.24 -14.17
C GLY A 319 20.10 -13.10 -12.68
N THR A 320 19.62 -14.17 -12.04
CA THR A 320 19.44 -14.19 -10.59
C THR A 320 19.92 -15.49 -9.97
N SER A 321 20.32 -15.42 -8.71
CA SER A 321 20.78 -16.58 -7.99
C SER A 321 20.87 -16.22 -6.52
N VAL A 322 20.88 -17.23 -5.66
CA VAL A 322 20.99 -16.99 -4.23
C VAL A 322 22.25 -17.63 -3.65
N ILE A 323 22.95 -16.88 -2.80
CA ILE A 323 24.02 -17.44 -1.97
C ILE A 323 23.55 -17.38 -0.53
N LEU A 324 23.64 -18.51 0.17
CA LEU A 324 23.16 -18.62 1.55
C LEU A 324 24.29 -19.02 2.47
N TYR A 325 24.39 -18.37 3.62
CA TYR A 325 25.35 -18.74 4.64
C TYR A 325 24.64 -19.24 5.90
N ARG A 326 25.31 -20.10 6.67
CA ARG A 326 24.70 -20.67 7.87
C ARG A 326 24.56 -19.66 9.00
N ARG A 327 25.59 -18.83 9.20
CA ARG A 327 25.54 -17.82 10.25
C ARG A 327 25.86 -16.44 9.66
N PRO A 328 25.33 -15.37 10.28
CA PRO A 328 25.60 -14.01 9.78
C PRO A 328 27.06 -13.60 9.88
N ASP A 329 27.79 -14.12 10.86
CA ASP A 329 29.20 -13.73 11.04
C ASP A 329 30.03 -14.14 9.83
N LEU A 330 29.43 -14.99 8.99
CA LEU A 330 30.07 -15.49 7.77
C LEU A 330 29.73 -14.56 6.61
N LEU A 331 28.43 -14.42 6.35
CA LEU A 331 27.89 -13.46 5.39
C LEU A 331 28.64 -12.13 5.43
N HIS A 332 28.88 -11.61 6.62
CA HIS A 332 29.48 -10.29 6.76
C HIS A 332 30.83 -10.10 6.06
N TYR A 333 31.55 -11.19 5.81
CA TYR A 333 32.84 -11.06 5.13
C TYR A 333 32.65 -10.85 3.63
N GLN A 334 31.40 -10.93 3.18
CA GLN A 334 31.06 -10.75 1.78
C GLN A 334 30.81 -9.28 1.46
N TYR A 335 30.10 -8.58 2.34
CA TYR A 335 29.78 -7.17 2.13
C TYR A 335 31.02 -6.35 1.82
N PHE A 336 30.90 -5.45 0.84
CA PHE A 336 31.94 -4.46 0.60
C PHE A 336 31.51 -3.10 1.14
N ILE A 337 32.40 -2.47 1.90
CA ILE A 337 32.09 -1.15 2.46
C ILE A 337 33.27 -0.18 2.37
N ALA A 338 32.98 1.05 1.96
CA ALA A 338 33.99 2.10 1.96
C ALA A 338 33.45 3.33 2.68
N ALA A 339 34.18 3.80 3.68
CA ALA A 339 33.75 4.95 4.48
C ALA A 339 34.59 6.20 4.23
N ASP A 340 35.77 6.00 3.63
CA ASP A 340 36.76 7.06 3.47
C ASP A 340 36.69 7.76 2.11
N TRP A 341 35.67 7.41 1.32
CA TRP A 341 35.54 7.88 -0.05
C TRP A 341 34.81 9.21 -0.12
N PRO A 342 35.36 10.19 -0.84
CA PRO A 342 34.70 11.48 -1.03
C PRO A 342 33.31 11.36 -1.66
N GLY A 343 32.96 10.19 -2.18
CA GLY A 343 31.66 9.98 -2.79
C GLY A 343 30.60 9.64 -1.76
N GLY A 344 31.01 9.63 -0.50
CA GLY A 344 30.10 9.37 0.60
C GLY A 344 30.14 7.94 1.10
N LEU A 345 29.10 7.55 1.81
CA LEU A 345 28.96 6.18 2.25
C LEU A 345 28.57 5.34 1.06
N TYR A 346 29.29 4.24 0.86
CA TYR A 346 29.01 3.33 -0.24
C TYR A 346 29.20 1.89 0.21
N PHE A 347 28.19 1.06 -0.03
CA PHE A 347 28.25 -0.34 0.35
C PHE A 347 27.55 -1.15 -0.72
N SER A 348 27.92 -2.42 -0.83
CA SER A 348 27.19 -3.33 -1.71
C SER A 348 27.32 -4.74 -1.18
N PRO A 349 26.22 -5.49 -1.17
CA PRO A 349 26.19 -6.87 -0.71
C PRO A 349 27.01 -7.78 -1.63
N THR A 350 26.95 -7.52 -2.93
CA THR A 350 27.57 -8.40 -3.92
C THR A 350 28.67 -7.70 -4.69
N PHE A 351 29.03 -8.26 -5.84
CA PHE A 351 30.04 -7.69 -6.74
C PHE A 351 29.59 -6.38 -7.36
N ALA A 352 28.35 -6.36 -7.82
CA ALA A 352 27.84 -5.23 -8.59
C ALA A 352 27.50 -4.03 -7.72
N GLY A 353 27.52 -2.86 -8.36
CA GLY A 353 26.98 -1.65 -7.77
C GLY A 353 25.54 -1.56 -8.23
N SER A 354 25.32 -0.93 -9.38
CA SER A 354 24.00 -0.89 -9.98
C SER A 354 23.61 -2.29 -10.47
N ARG A 355 22.42 -2.72 -10.11
CA ARG A 355 21.91 -4.03 -10.52
C ARG A 355 20.60 -3.84 -11.26
N PRO A 356 20.17 -4.84 -12.02
CA PRO A 356 18.84 -4.88 -12.60
C PRO A 356 17.85 -5.33 -11.54
N GLY A 357 17.16 -4.40 -10.92
CA GLY A 357 16.22 -4.74 -9.86
C GLY A 357 15.13 -5.66 -10.36
N ALA A 358 14.75 -5.50 -11.62
CA ALA A 358 13.62 -6.22 -12.21
C ALA A 358 13.83 -7.72 -12.24
N LEU A 359 15.09 -8.14 -12.36
CA LEU A 359 15.39 -9.56 -12.41
C LEU A 359 15.18 -10.21 -11.04
N SER A 360 15.42 -9.43 -9.98
CA SER A 360 15.11 -9.88 -8.61
C SER A 360 13.59 -10.03 -8.44
N ALA A 361 12.84 -9.19 -9.15
CA ALA A 361 11.39 -9.29 -9.14
C ALA A 361 10.93 -10.57 -9.82
N THR A 362 11.52 -10.90 -10.97
CA THR A 362 11.09 -12.08 -11.74
C THR A 362 11.35 -13.37 -10.97
N ALA A 363 12.40 -13.36 -10.15
CA ALA A 363 12.71 -14.53 -9.33
C ALA A 363 11.67 -14.69 -8.25
N TRP A 364 11.38 -13.58 -7.58
CA TRP A 364 10.36 -13.52 -6.54
C TRP A 364 8.99 -13.92 -7.08
N ALA A 365 8.58 -13.29 -8.18
CA ALA A 365 7.29 -13.57 -8.78
C ALA A 365 7.14 -15.02 -9.26
N ALA A 366 8.20 -15.60 -9.82
CA ALA A 366 8.16 -16.97 -10.28
C ALA A 366 8.00 -17.96 -9.11
N MET A 367 8.69 -17.68 -8.00
CA MET A 367 8.59 -18.53 -6.81
C MET A 367 7.19 -18.49 -6.21
N LEU A 368 6.57 -17.31 -6.20
CA LEU A 368 5.22 -17.18 -5.68
C LEU A 368 4.17 -17.78 -6.62
N SER A 369 4.38 -17.65 -7.92
CA SER A 369 3.39 -18.15 -8.88
C SER A 369 3.38 -19.68 -8.91
N LEU A 370 4.46 -20.29 -8.43
CA LEU A 370 4.58 -21.74 -8.44
C LEU A 370 4.26 -22.35 -7.08
N GLY A 371 4.94 -21.85 -6.04
CA GLY A 371 4.76 -22.39 -4.70
C GLY A 371 5.18 -23.83 -4.65
N GLU A 372 5.09 -24.45 -3.48
CA GLU A 372 5.54 -25.82 -3.31
C GLU A 372 4.85 -26.80 -4.26
N GLU A 373 3.63 -26.47 -4.69
CA GLU A 373 2.91 -27.30 -5.65
C GLU A 373 3.55 -27.28 -7.04
N GLY A 374 3.73 -26.08 -7.59
CA GLY A 374 4.29 -25.91 -8.92
C GLY A 374 5.67 -26.50 -9.09
N TYR A 375 6.45 -26.50 -8.02
CA TYR A 375 7.78 -27.11 -8.04
C TYR A 375 7.69 -28.63 -7.93
N LEU A 376 6.86 -29.09 -7.02
CA LEU A 376 6.61 -30.51 -6.89
C LEU A 376 6.14 -31.08 -8.22
N ASP A 377 5.23 -30.37 -8.87
CA ASP A 377 4.69 -30.81 -10.16
C ASP A 377 5.77 -30.82 -11.23
N ALA A 378 6.42 -29.68 -11.41
CA ALA A 378 7.50 -29.55 -12.38
C ALA A 378 8.56 -30.63 -12.17
N THR A 379 9.03 -30.75 -10.93
CA THR A 379 10.08 -31.72 -10.60
C THR A 379 9.70 -33.16 -10.94
N ARG A 380 8.41 -33.49 -10.79
CA ARG A 380 7.93 -34.82 -11.12
C ARG A 380 7.95 -35.05 -12.62
N ARG A 381 7.43 -34.10 -13.38
CA ARG A 381 7.37 -34.21 -14.83
C ARG A 381 8.77 -34.31 -15.45
N ILE A 382 9.74 -33.68 -14.81
CA ILE A 382 11.14 -33.74 -15.25
C ILE A 382 11.78 -35.09 -14.92
N LEU A 383 11.71 -35.49 -13.66
CA LEU A 383 12.32 -36.74 -13.21
C LEU A 383 11.67 -37.96 -13.87
N GLN A 384 10.40 -37.84 -14.23
CA GLN A 384 9.70 -38.89 -14.98
CA GLN A 384 9.74 -38.92 -14.96
C GLN A 384 10.31 -39.03 -16.37
N ALA A 385 10.43 -37.89 -17.07
CA ALA A 385 11.05 -37.86 -18.39
C ALA A 385 12.49 -38.38 -18.30
N ALA A 386 13.15 -38.09 -17.19
CA ALA A 386 14.54 -38.52 -16.99
C ALA A 386 14.64 -40.05 -16.92
N ASP A 387 14.02 -40.63 -15.90
CA ASP A 387 14.02 -42.08 -15.71
C ASP A 387 13.65 -42.82 -16.99
N ARG A 388 12.80 -42.17 -17.78
CA ARG A 388 12.26 -42.74 -19.01
C ARG A 388 13.29 -42.69 -20.14
N LEU A 389 14.09 -41.62 -20.13
CA LEU A 389 15.15 -41.45 -21.11
C LEU A 389 16.34 -42.35 -20.79
N LYS A 390 16.63 -42.51 -19.50
CA LYS A 390 17.75 -43.34 -19.06
C LYS A 390 17.52 -44.81 -19.41
N ALA A 391 16.28 -45.27 -19.25
CA ALA A 391 15.91 -46.64 -19.62
C ALA A 391 16.10 -46.85 -21.13
N GLY A 392 15.69 -45.86 -21.92
CA GLY A 392 15.86 -45.91 -23.36
C GLY A 392 17.32 -45.92 -23.79
N VAL A 393 18.19 -45.35 -22.96
CA VAL A 393 19.62 -45.29 -23.26
C VAL A 393 20.36 -46.56 -22.89
N ARG A 394 20.09 -47.09 -21.71
CA ARG A 394 20.70 -48.36 -21.29
C ARG A 394 20.25 -49.47 -22.23
N ALA A 395 19.01 -49.36 -22.72
CA ALA A 395 18.45 -50.29 -23.70
C ALA A 395 19.30 -50.38 -24.97
N ILE A 396 19.88 -49.25 -25.38
CA ILE A 396 20.75 -49.23 -26.55
C ILE A 396 22.14 -49.79 -26.21
N PRO A 397 22.59 -50.78 -26.99
CA PRO A 397 23.74 -51.66 -26.73
C PRO A 397 25.08 -50.94 -26.50
N SER A 398 25.45 -50.05 -27.41
CA SER A 398 26.80 -49.46 -27.39
C SER A 398 26.99 -48.37 -26.32
N LEU A 399 25.90 -47.74 -25.91
CA LEU A 399 25.94 -46.61 -24.98
C LEU A 399 25.89 -47.02 -23.51
N LYS A 400 26.56 -46.24 -22.66
CA LYS A 400 26.42 -46.36 -21.22
C LYS A 400 26.17 -44.99 -20.60
N ILE A 401 25.56 -44.97 -19.42
CA ILE A 401 25.35 -43.73 -18.68
C ILE A 401 26.42 -43.59 -17.59
N LEU A 402 26.88 -42.36 -17.37
CA LEU A 402 27.91 -42.12 -16.37
C LEU A 402 27.30 -41.92 -14.98
N GLY A 403 27.74 -42.72 -14.03
CA GLY A 403 27.22 -42.66 -12.67
C GLY A 403 25.71 -42.89 -12.62
N ASP A 404 25.09 -42.42 -11.54
CA ASP A 404 23.62 -42.51 -11.43
C ASP A 404 22.94 -41.15 -11.31
N PRO A 405 22.68 -40.49 -12.45
CA PRO A 405 22.08 -39.16 -12.51
C PRO A 405 20.59 -39.26 -12.30
N LEU A 406 20.00 -38.19 -11.78
CA LEU A 406 18.57 -38.14 -11.59
C LEU A 406 17.88 -37.46 -12.77
N TRP A 407 18.46 -36.38 -13.28
CA TRP A 407 17.86 -35.66 -14.41
C TRP A 407 18.88 -35.03 -15.38
N VAL A 408 20.14 -34.96 -14.97
CA VAL A 408 21.20 -34.52 -15.89
C VAL A 408 22.04 -35.71 -16.39
N ILE A 409 21.75 -36.15 -17.62
CA ILE A 409 22.27 -37.42 -18.11
C ILE A 409 23.52 -37.32 -18.97
N ALA A 410 24.63 -37.85 -18.46
CA ALA A 410 25.88 -37.90 -19.21
C ALA A 410 26.06 -39.27 -19.89
N VAL A 411 25.91 -39.32 -21.21
CA VAL A 411 25.98 -40.59 -21.95
C VAL A 411 27.30 -40.78 -22.72
N ALA A 412 27.95 -41.92 -22.48
CA ALA A 412 29.25 -42.21 -23.09
C ALA A 412 29.23 -43.53 -23.87
N SER A 413 30.34 -43.83 -24.54
CA SER A 413 30.48 -45.11 -25.25
C SER A 413 31.91 -45.63 -25.20
N ASP A 414 32.02 -46.94 -25.02
CA ASP A 414 33.32 -47.60 -24.95
C ASP A 414 33.76 -48.08 -26.33
N GLU A 415 32.79 -48.39 -27.18
CA GLU A 415 33.06 -48.97 -28.48
C GLU A 415 33.09 -47.91 -29.58
N LEU A 416 32.15 -46.97 -29.53
CA LEU A 416 32.02 -45.97 -30.57
C LEU A 416 32.64 -44.62 -30.21
N ASN A 417 32.78 -43.76 -31.22
CA ASN A 417 33.21 -42.39 -31.02
C ASN A 417 32.02 -41.50 -30.60
N ILE A 418 31.84 -41.33 -29.29
CA ILE A 418 30.66 -40.63 -28.77
C ILE A 418 30.43 -39.25 -29.40
N TYR A 419 31.49 -38.60 -29.87
CA TYR A 419 31.38 -37.27 -30.44
C TYR A 419 30.66 -37.27 -31.80
N GLN A 420 30.78 -38.37 -32.53
CA GLN A 420 30.08 -38.48 -33.81
C GLN A 420 28.63 -38.88 -33.58
N VAL A 421 28.40 -39.68 -32.54
CA VAL A 421 27.04 -39.94 -32.09
C VAL A 421 26.41 -38.59 -31.85
N MET A 422 27.07 -37.78 -31.04
CA MET A 422 26.60 -36.44 -30.73
C MET A 422 26.34 -35.59 -31.96
N GLU A 423 27.25 -35.65 -32.94
CA GLU A 423 27.10 -34.90 -34.19
C GLU A 423 25.91 -35.40 -35.00
N GLU A 424 25.62 -36.70 -34.91
CA GLU A 424 24.50 -37.29 -35.63
C GLU A 424 23.16 -36.81 -35.05
N MET A 425 23.17 -36.54 -33.75
CA MET A 425 22.01 -35.97 -33.08
C MET A 425 21.87 -34.50 -33.50
N ALA A 426 23.00 -33.81 -33.56
CA ALA A 426 23.03 -32.42 -33.96
C ALA A 426 22.44 -32.27 -35.36
N GLY A 427 22.60 -33.31 -36.17
CA GLY A 427 22.07 -33.31 -37.51
C GLY A 427 20.55 -33.19 -37.52
N ARG A 428 19.92 -33.72 -36.48
CA ARG A 428 18.46 -33.70 -36.38
C ARG A 428 17.99 -32.50 -35.57
N GLY A 429 18.93 -31.66 -35.14
CA GLY A 429 18.61 -30.40 -34.49
C GLY A 429 18.90 -30.32 -33.00
N TRP A 430 19.49 -31.38 -32.44
CA TRP A 430 19.76 -31.43 -31.00
C TRP A 430 21.01 -30.65 -30.61
N ARG A 431 20.80 -29.60 -29.83
CA ARG A 431 21.90 -28.82 -29.29
C ARG A 431 22.33 -29.40 -27.96
N LEU A 432 23.35 -30.26 -27.98
CA LEU A 432 23.79 -30.94 -26.77
C LEU A 432 25.14 -30.41 -26.27
N ASN A 433 25.49 -30.82 -25.05
CA ASN A 433 26.74 -30.39 -24.42
C ASN A 433 27.85 -31.43 -24.57
N GLY A 434 28.98 -30.99 -25.09
CA GLY A 434 30.11 -31.89 -25.29
C GLY A 434 31.04 -31.93 -24.09
N LEU A 435 31.17 -33.10 -23.48
CA LEU A 435 32.04 -33.27 -22.32
C LEU A 435 33.31 -33.97 -22.75
N HIS A 436 34.33 -33.93 -21.90
CA HIS A 436 35.49 -34.78 -22.06
C HIS A 436 36.10 -35.10 -20.70
N ARG A 437 37.18 -35.88 -20.67
CA ARG A 437 37.75 -36.35 -19.41
C ARG A 437 36.68 -36.88 -18.44
N PRO A 438 35.91 -37.90 -18.86
CA PRO A 438 36.00 -38.71 -20.08
C PRO A 438 35.14 -38.15 -21.20
N PRO A 439 35.35 -38.62 -22.43
CA PRO A 439 34.53 -38.20 -23.57
C PRO A 439 33.08 -38.66 -23.42
N ALA A 440 32.16 -37.71 -23.51
CA ALA A 440 30.74 -37.98 -23.49
C ALA A 440 29.98 -36.72 -23.91
N PHE A 441 28.67 -36.85 -24.09
CA PHE A 441 27.81 -35.69 -24.25
C PHE A 441 26.71 -35.77 -23.19
N HIS A 442 26.24 -34.64 -22.67
CA HIS A 442 25.15 -34.70 -21.72
C HIS A 442 23.93 -33.88 -22.12
N VAL A 443 22.77 -34.32 -21.66
CA VAL A 443 21.54 -33.57 -21.82
C VAL A 443 20.90 -33.31 -20.45
N ALA A 444 20.77 -32.04 -20.10
CA ALA A 444 20.11 -31.65 -18.85
C ALA A 444 18.64 -31.36 -19.13
N LEU A 445 17.77 -32.15 -18.52
CA LEU A 445 16.35 -32.10 -18.84
C LEU A 445 15.62 -30.93 -18.17
N THR A 446 14.70 -30.33 -18.91
CA THR A 446 13.92 -29.23 -18.40
C THR A 446 12.45 -29.44 -18.77
N LEU A 447 11.59 -28.53 -18.33
CA LEU A 447 10.17 -28.59 -18.68
C LEU A 447 9.96 -28.67 -20.18
N ARG A 448 10.97 -28.26 -20.94
CA ARG A 448 10.90 -28.28 -22.40
C ARG A 448 10.94 -29.71 -22.94
N HIS A 449 11.50 -30.62 -22.15
CA HIS A 449 11.60 -32.02 -22.52
C HIS A 449 10.48 -32.88 -21.94
N THR A 450 9.57 -32.24 -21.20
CA THR A 450 8.45 -32.97 -20.61
C THR A 450 7.21 -32.87 -21.51
N GLU A 451 7.30 -32.00 -22.51
CA GLU A 451 6.22 -31.88 -23.47
C GLU A 451 6.01 -33.21 -24.22
N PRO A 452 4.85 -33.37 -24.87
CA PRO A 452 4.51 -34.64 -25.53
C PRO A 452 5.51 -35.05 -26.62
N GLY A 453 5.99 -36.28 -26.53
CA GLY A 453 6.76 -36.90 -27.59
C GLY A 453 8.20 -36.45 -27.73
N VAL A 454 8.68 -35.66 -26.78
CA VAL A 454 10.05 -35.14 -26.88
C VAL A 454 11.12 -36.15 -26.46
N VAL A 455 10.92 -36.84 -25.34
CA VAL A 455 11.86 -37.88 -24.95
C VAL A 455 11.85 -39.00 -25.99
N ASP A 456 10.70 -39.18 -26.63
CA ASP A 456 10.54 -40.19 -27.67
C ASP A 456 11.36 -39.86 -28.90
N ARG A 457 11.15 -38.65 -29.44
CA ARG A 457 11.93 -38.18 -30.57
C ARG A 457 13.44 -38.28 -30.28
N PHE A 458 13.82 -38.02 -29.03
CA PHE A 458 15.22 -38.08 -28.64
C PHE A 458 15.76 -39.51 -28.75
N LEU A 459 15.04 -40.46 -28.18
CA LEU A 459 15.44 -41.86 -28.23
C LEU A 459 15.41 -42.40 -29.65
N ALA A 460 14.41 -41.97 -30.42
CA ALA A 460 14.28 -42.35 -31.83
C ALA A 460 15.47 -41.87 -32.64
N ASP A 461 15.81 -40.60 -32.49
CA ASP A 461 16.97 -40.02 -33.18
C ASP A 461 18.28 -40.57 -32.64
N LEU A 462 18.27 -41.06 -31.40
CA LEU A 462 19.47 -41.61 -30.79
C LEU A 462 19.79 -42.99 -31.37
N GLN A 463 18.75 -43.80 -31.58
CA GLN A 463 18.93 -45.11 -32.18
C GLN A 463 19.51 -45.00 -33.58
N ASP A 464 18.87 -44.18 -34.41
CA ASP A 464 19.30 -43.99 -35.79
C ASP A 464 20.73 -43.46 -35.82
N ALA A 465 21.09 -42.70 -34.80
CA ALA A 465 22.42 -42.08 -34.73
C ALA A 465 23.52 -43.08 -34.38
N VAL A 466 23.21 -44.02 -33.50
CA VAL A 466 24.17 -45.06 -33.13
C VAL A 466 24.35 -46.02 -34.30
N ALA A 467 23.24 -46.40 -34.93
CA ALA A 467 23.25 -47.30 -36.07
C ALA A 467 24.13 -46.76 -37.20
N GLN A 468 24.07 -45.45 -37.40
CA GLN A 468 24.86 -44.78 -38.44
C GLN A 468 26.35 -44.77 -38.11
N VAL A 469 26.68 -44.61 -36.83
CA VAL A 469 28.07 -44.55 -36.41
C VAL A 469 28.71 -45.93 -36.30
N ARG A 470 27.89 -46.96 -36.10
CA ARG A 470 28.39 -48.32 -36.06
C ARG A 470 28.68 -48.83 -37.47
N ALA A 471 27.97 -48.26 -38.44
CA ALA A 471 28.18 -48.60 -39.84
C ALA A 471 29.46 -47.97 -40.40
N HIS A 472 29.84 -46.81 -39.84
CA HIS A 472 31.02 -46.10 -40.30
C HIS A 472 31.83 -45.55 -39.13
N PRO A 473 32.49 -46.42 -38.36
CA PRO A 473 33.28 -45.97 -37.21
C PRO A 473 34.35 -44.96 -37.60
N GLU A 474 34.57 -44.80 -38.90
CA GLU A 474 35.58 -43.89 -39.42
C GLU A 474 35.02 -42.47 -39.50
N LYS A 475 33.69 -42.37 -39.48
CA LYS A 475 33.01 -41.09 -39.70
C LYS A 475 33.28 -40.08 -38.59
N ALA A 476 33.66 -38.87 -38.99
CA ALA A 476 33.83 -37.76 -38.06
C ALA A 476 33.55 -36.46 -38.80
N THR A 477 32.27 -36.06 -38.81
CA THR A 477 31.87 -34.85 -39.52
C THR A 477 31.53 -33.70 -38.58
N GLY A 478 31.44 -32.50 -39.14
CA GLY A 478 31.00 -31.33 -38.40
C GLY A 478 31.84 -30.98 -37.18
N MET A 479 31.20 -31.03 -36.01
CA MET A 479 31.84 -30.63 -34.76
C MET A 479 32.60 -31.78 -34.11
N ALA A 480 32.25 -33.00 -34.49
CA ALA A 480 32.85 -34.18 -33.90
C ALA A 480 34.38 -34.11 -33.82
N PRO A 481 35.03 -33.75 -34.93
CA PRO A 481 36.49 -33.66 -34.91
C PRO A 481 37.00 -32.56 -33.98
N VAL A 482 36.20 -31.51 -33.79
CA VAL A 482 36.57 -30.41 -32.91
C VAL A 482 36.57 -30.82 -31.44
N TYR A 483 35.45 -31.38 -30.99
CA TYR A 483 35.34 -31.82 -29.61
C TYR A 483 36.42 -32.86 -29.31
N GLY A 484 36.82 -33.60 -30.34
CA GLY A 484 37.78 -34.68 -30.21
C GLY A 484 39.21 -34.20 -30.10
N MET A 485 39.54 -33.17 -30.87
CA MET A 485 40.86 -32.54 -30.78
C MET A 485 41.00 -31.85 -29.45
N ALA A 486 39.93 -31.17 -29.05
CA ALA A 486 39.89 -30.43 -27.80
C ALA A 486 40.21 -31.33 -26.62
N ALA A 487 39.74 -32.58 -26.69
CA ALA A 487 40.02 -33.56 -25.65
C ALA A 487 41.53 -33.82 -25.51
N ALA A 488 42.20 -33.99 -26.64
CA ALA A 488 43.61 -34.39 -26.66
C ALA A 488 44.63 -33.24 -26.56
N ALA A 489 44.26 -32.06 -27.04
CA ALA A 489 45.15 -30.91 -27.08
C ALA A 489 45.65 -30.49 -25.69
N PRO A 490 46.81 -29.81 -25.64
CA PRO A 490 47.38 -29.34 -24.38
C PRO A 490 46.71 -28.05 -23.92
N PRO A 491 46.49 -27.91 -22.61
CA PRO A 491 45.85 -26.72 -22.05
C PRO A 491 46.24 -25.42 -22.78
N GLU A 492 47.53 -25.11 -22.87
CA GLU A 492 47.94 -23.82 -23.40
C GLU A 492 47.61 -23.62 -24.88
N LEU A 493 47.30 -24.70 -25.58
CA LEU A 493 46.92 -24.59 -26.98
C LEU A 493 45.44 -24.27 -27.09
N VAL A 494 44.64 -24.96 -26.28
CA VAL A 494 43.21 -24.69 -26.20
C VAL A 494 42.99 -23.25 -25.75
N ARG A 495 43.72 -22.86 -24.72
CA ARG A 495 43.63 -21.51 -24.19
C ARG A 495 43.78 -20.47 -25.30
N GLN A 496 44.60 -20.79 -26.30
CA GLN A 496 44.86 -19.85 -27.39
C GLN A 496 43.83 -19.89 -28.51
N VAL A 497 43.38 -21.08 -28.89
CA VAL A 497 42.40 -21.19 -29.95
C VAL A 497 41.03 -20.62 -29.51
N LEU A 498 40.67 -20.89 -28.25
CA LEU A 498 39.41 -20.37 -27.70
C LEU A 498 39.44 -18.84 -27.60
N THR A 499 40.60 -18.31 -27.24
CA THR A 499 40.78 -16.86 -27.23
C THR A 499 40.49 -16.26 -28.61
N GLY A 500 40.84 -16.99 -29.66
CA GLY A 500 40.57 -16.53 -31.02
C GLY A 500 39.10 -16.66 -31.36
N PHE A 501 38.45 -17.66 -30.76
CA PHE A 501 37.02 -17.88 -30.94
C PHE A 501 36.17 -16.80 -30.27
N ILE A 502 36.58 -16.36 -29.09
CA ILE A 502 35.86 -15.30 -28.39
C ILE A 502 36.03 -13.96 -29.12
N ASP A 503 37.11 -13.83 -29.88
CA ASP A 503 37.36 -12.64 -30.68
C ASP A 503 36.49 -12.64 -31.93
N LEU A 504 36.25 -13.84 -32.46
CA LEU A 504 35.38 -14.03 -33.61
C LEU A 504 33.92 -13.68 -33.28
N LEU A 505 33.50 -13.98 -32.06
CA LEU A 505 32.17 -13.61 -31.59
C LEU A 505 31.93 -12.10 -31.60
N TYR A 506 33.00 -11.33 -31.43
CA TYR A 506 32.89 -9.89 -31.24
C TYR A 506 33.17 -9.05 -32.49
N GLU A 507 33.25 -9.70 -33.65
CA GLU A 507 33.52 -9.03 -34.92
C GLU A 507 32.26 -8.48 -35.60
N VAL A 508 32.41 -7.34 -36.25
CA VAL A 508 31.33 -6.71 -37.01
C VAL A 508 31.75 -6.45 -38.46
N HIS A 509 30.97 -6.94 -39.40
CA HIS A 509 31.36 -6.95 -40.83
C HIS A 509 31.11 -5.61 -41.56
N ILE B 58 13.93 1.92 6.58
CA ILE B 58 12.48 1.85 6.79
C ILE B 58 11.82 0.99 5.70
N LYS B 59 11.00 0.04 6.14
CA LYS B 59 10.33 -0.91 5.25
C LYS B 59 8.84 -0.55 5.06
N PRO B 60 8.51 0.09 3.93
CA PRO B 60 7.19 0.66 3.62
C PRO B 60 6.04 -0.35 3.50
N TYR B 61 6.30 -1.54 2.97
CA TYR B 61 5.22 -2.48 2.68
C TYR B 61 5.11 -3.63 3.67
N ARG B 62 5.71 -3.46 4.85
CA ARG B 62 5.70 -4.47 5.92
CA ARG B 62 5.69 -4.56 5.80
C ARG B 62 4.28 -4.87 6.26
N ASP B 63 3.40 -3.86 6.30
CA ASP B 63 2.03 -4.10 6.70
C ASP B 63 1.05 -4.22 5.54
N ARG B 64 1.17 -3.35 4.53
CA ARG B 64 0.19 -3.34 3.43
C ARG B 64 0.15 -4.64 2.65
N PHE B 65 1.26 -5.37 2.62
CA PHE B 65 1.33 -6.60 1.84
C PHE B 65 1.84 -7.79 2.66
N PRO B 66 1.32 -8.98 2.36
CA PRO B 66 1.75 -10.22 3.04
C PRO B 66 3.24 -10.44 2.88
N SER B 67 3.90 -10.86 3.94
CA SER B 67 5.32 -11.17 3.88
C SER B 67 5.53 -12.67 3.69
N HIS B 68 6.48 -13.03 2.83
CA HIS B 68 6.74 -14.43 2.53
C HIS B 68 8.13 -14.87 2.99
N ALA B 69 8.20 -15.65 4.05
CA ALA B 69 9.47 -16.24 4.45
C ALA B 69 9.46 -17.72 4.13
N ARG B 70 8.39 -18.16 3.46
CA ARG B 70 8.22 -19.55 3.05
C ARG B 70 7.44 -19.62 1.75
N LEU B 71 7.80 -20.56 0.88
CA LEU B 71 7.05 -20.77 -0.35
C LEU B 71 5.60 -21.08 -0.03
N PRO B 72 4.65 -20.38 -0.67
CA PRO B 72 3.23 -20.65 -0.50
C PRO B 72 2.92 -22.11 -0.86
N ARG B 73 2.20 -22.81 -0.01
CA ARG B 73 1.91 -24.22 -0.24
C ARG B 73 1.37 -24.43 -1.66
N ALA B 74 0.49 -23.54 -2.10
CA ALA B 74 0.00 -23.57 -3.47
C ALA B 74 0.32 -22.24 -4.13
N GLY B 75 0.58 -22.27 -5.43
CA GLY B 75 0.99 -21.08 -6.14
C GLY B 75 -0.07 -20.00 -6.16
N LEU B 76 0.33 -18.76 -5.89
CA LEU B 76 -0.59 -17.64 -5.96
C LEU B 76 -0.86 -17.26 -7.41
N PRO B 77 -2.05 -16.71 -7.71
CA PRO B 77 -2.41 -16.39 -9.09
C PRO B 77 -1.54 -15.32 -9.72
N ARG B 78 -1.27 -15.47 -11.02
CA ARG B 78 -0.47 -14.50 -11.75
C ARG B 78 -1.12 -13.12 -11.74
N ALA B 79 -2.44 -13.08 -11.92
CA ALA B 79 -3.17 -11.82 -11.93
C ALA B 79 -2.93 -11.03 -10.64
N GLU B 80 -2.86 -11.73 -9.52
CA GLU B 80 -2.68 -11.10 -8.21
C GLU B 80 -1.26 -10.62 -7.98
N ILE B 81 -0.28 -11.49 -8.24
CA ILE B 81 1.13 -11.13 -8.11
C ILE B 81 1.46 -9.86 -8.89
N LEU B 82 1.00 -9.78 -10.14
CA LEU B 82 1.20 -8.59 -10.95
C LEU B 82 0.59 -7.34 -10.29
N ALA B 83 -0.62 -7.48 -9.76
CA ALA B 83 -1.31 -6.35 -9.14
C ALA B 83 -0.56 -5.82 -7.91
N GLU B 84 -0.01 -6.72 -7.12
CA GLU B 84 0.81 -6.36 -5.97
C GLU B 84 2.02 -5.54 -6.43
N ILE B 85 2.70 -6.01 -7.48
CA ILE B 85 3.87 -5.33 -8.02
C ILE B 85 3.53 -4.00 -8.69
N ALA B 86 2.43 -3.97 -9.42
CA ALA B 86 2.01 -2.75 -10.12
C ALA B 86 1.69 -1.64 -9.12
N ALA B 87 1.10 -2.01 -7.99
CA ALA B 87 0.77 -1.07 -6.93
C ALA B 87 2.03 -0.41 -6.37
N MET B 88 3.06 -1.23 -6.12
CA MET B 88 4.35 -0.73 -5.70
C MET B 88 4.96 0.16 -6.77
N GLY B 89 4.62 -0.11 -8.02
CA GLY B 89 5.08 0.70 -9.13
C GLY B 89 4.53 2.11 -9.07
N ALA B 90 3.23 2.22 -8.81
CA ALA B 90 2.55 3.52 -8.72
C ALA B 90 2.95 4.32 -7.48
N ALA B 91 3.47 3.63 -6.47
CA ALA B 91 3.91 4.28 -5.24
C ALA B 91 5.32 4.87 -5.38
N GLU B 92 6.20 4.16 -6.08
CA GLU B 92 7.62 4.52 -6.15
C GLU B 92 8.02 5.31 -7.39
N SER B 93 7.24 5.21 -8.46
CA SER B 93 7.63 5.84 -9.71
C SER B 93 7.40 7.36 -9.79
N PRO B 94 6.54 7.93 -8.94
CA PRO B 94 6.45 9.40 -8.99
C PRO B 94 7.73 10.08 -8.55
N ALA B 95 8.45 9.49 -7.59
CA ALA B 95 9.69 10.08 -7.09
C ALA B 95 10.72 10.35 -8.18
N TRP B 96 11.04 9.33 -8.99
CA TRP B 96 12.04 9.50 -10.04
C TRP B 96 11.49 10.15 -11.30
N ARG B 97 10.21 9.92 -11.58
CA ARG B 97 9.58 10.42 -12.80
CA ARG B 97 9.55 10.41 -12.79
C ARG B 97 9.41 11.93 -12.80
N ASP B 98 8.97 12.48 -11.68
CA ASP B 98 8.73 13.92 -11.56
C ASP B 98 10.02 14.72 -11.36
N GLY B 99 11.14 14.01 -11.21
CA GLY B 99 12.44 14.65 -11.25
C GLY B 99 13.11 14.88 -9.91
N TYR B 100 12.65 14.21 -8.87
CA TYR B 100 13.17 14.44 -7.54
C TYR B 100 14.46 13.66 -7.25
N ALA B 101 14.80 12.73 -8.13
CA ALA B 101 15.94 11.85 -7.87
C ALA B 101 17.22 12.29 -8.60
N SER B 102 18.33 12.32 -7.86
CA SER B 102 19.65 12.52 -8.45
C SER B 102 20.13 11.21 -9.05
N GLY B 103 20.41 11.21 -10.36
CA GLY B 103 20.78 9.98 -11.02
C GLY B 103 19.63 8.99 -10.99
N ALA B 104 19.93 7.75 -10.61
CA ALA B 104 18.94 6.68 -10.48
C ALA B 104 18.27 6.27 -11.79
N VAL B 105 17.34 7.10 -12.26
CA VAL B 105 16.72 6.90 -13.56
C VAL B 105 17.29 7.94 -14.52
N TYR B 106 17.79 7.49 -15.66
CA TYR B 106 18.56 8.36 -16.55
C TYR B 106 17.77 8.94 -17.72
N HIS B 107 16.77 8.22 -18.17
CA HIS B 107 15.92 8.71 -19.24
C HIS B 107 14.52 9.02 -18.71
N GLY B 108 13.79 7.99 -18.31
CA GLY B 108 12.53 8.19 -17.63
C GLY B 108 11.28 8.33 -18.49
N ASP B 109 11.46 8.71 -19.74
CA ASP B 109 10.32 8.92 -20.65
C ASP B 109 9.56 7.62 -20.87
N GLU B 110 8.26 7.64 -20.59
CA GLU B 110 7.45 6.43 -20.55
C GLU B 110 7.34 5.69 -21.88
N HIS B 111 7.67 6.36 -22.98
CA HIS B 111 7.60 5.70 -24.29
C HIS B 111 8.92 5.00 -24.60
N HIS B 112 10.01 5.62 -24.19
CA HIS B 112 11.33 5.02 -24.30
C HIS B 112 11.44 3.81 -23.39
N ILE B 113 10.71 3.83 -22.29
CA ILE B 113 10.71 2.70 -21.35
C ILE B 113 9.82 1.58 -21.89
N ALA B 114 8.64 1.95 -22.37
CA ALA B 114 7.73 0.97 -22.96
C ALA B 114 8.37 0.29 -24.14
N PHE B 115 9.25 1.02 -24.82
CA PHE B 115 9.99 0.51 -25.97
C PHE B 115 11.02 -0.53 -25.55
N LEU B 116 11.86 -0.19 -24.58
CA LEU B 116 12.89 -1.11 -24.12
C LEU B 116 12.30 -2.36 -23.47
N ASN B 117 11.11 -2.24 -22.90
CA ASN B 117 10.44 -3.38 -22.31
C ASN B 117 9.99 -4.39 -23.35
N GLU B 118 9.65 -3.89 -24.53
CA GLU B 118 9.33 -4.75 -25.66
C GLU B 118 10.60 -5.47 -26.12
N VAL B 119 11.70 -4.73 -26.18
CA VAL B 119 12.99 -5.32 -26.50
C VAL B 119 13.34 -6.44 -25.52
N TYR B 120 13.18 -6.18 -24.23
CA TYR B 120 13.43 -7.23 -23.25
C TYR B 120 12.49 -8.42 -23.48
N ALA B 121 11.22 -8.13 -23.75
CA ALA B 121 10.24 -9.19 -23.90
C ALA B 121 10.56 -10.14 -25.05
N LEU B 122 11.07 -9.58 -26.15
CA LEU B 122 11.39 -10.37 -27.33
C LEU B 122 12.68 -11.16 -27.18
N GLN B 123 13.49 -10.80 -26.18
CA GLN B 123 14.77 -11.44 -25.96
C GLN B 123 14.87 -12.06 -24.57
N SER B 124 13.75 -12.18 -23.88
CA SER B 124 13.76 -12.55 -22.47
C SER B 124 14.56 -13.81 -22.19
N GLN B 125 14.48 -14.76 -23.13
CA GLN B 125 15.08 -16.07 -22.95
C GLN B 125 16.57 -16.11 -23.23
N SER B 126 17.07 -15.07 -23.89
CA SER B 126 18.47 -15.02 -24.30
C SER B 126 19.45 -15.22 -23.15
N ASN B 127 20.43 -16.10 -23.38
CA ASN B 127 21.55 -16.31 -22.49
C ASN B 127 22.78 -16.44 -23.37
N PRO B 128 23.64 -15.40 -23.38
CA PRO B 128 24.77 -15.35 -24.32
C PRO B 128 25.90 -16.31 -23.97
N LEU B 129 25.68 -17.19 -23.01
CA LEU B 129 26.62 -18.28 -22.75
C LEU B 129 26.52 -19.27 -23.91
N HIS B 130 25.38 -19.22 -24.60
CA HIS B 130 25.11 -20.09 -25.75
C HIS B 130 24.96 -19.30 -27.05
N PRO B 131 26.09 -18.92 -27.67
CA PRO B 131 26.00 -18.03 -28.84
C PRO B 131 25.39 -18.73 -30.05
N ASP B 132 25.26 -20.06 -29.97
CA ASP B 132 24.71 -20.83 -31.09
C ASP B 132 23.18 -20.93 -31.04
N LEU B 133 22.62 -20.74 -29.86
CA LEU B 133 21.16 -20.73 -29.69
C LEU B 133 20.57 -19.34 -29.90
N TRP B 134 21.30 -18.33 -29.43
CA TRP B 134 20.91 -16.94 -29.61
C TRP B 134 22.01 -16.13 -30.27
N PRO B 135 22.27 -16.38 -31.57
CA PRO B 135 23.28 -15.60 -32.27
C PRO B 135 22.86 -14.12 -32.38
N SER B 136 21.60 -13.85 -32.11
CA SER B 136 21.08 -12.48 -32.17
C SER B 136 21.70 -11.63 -31.07
N THR B 137 21.86 -12.22 -29.90
CA THR B 137 22.38 -11.49 -28.76
C THR B 137 23.88 -11.27 -28.90
N ALA B 138 24.57 -12.30 -29.36
CA ALA B 138 26.01 -12.19 -29.63
C ALA B 138 26.28 -11.09 -30.65
N LYS B 139 25.34 -10.87 -31.57
CA LYS B 139 25.41 -9.79 -32.54
C LYS B 139 25.27 -8.44 -31.84
N PHE B 140 24.21 -8.31 -31.05
CA PHE B 140 23.98 -7.09 -30.30
C PHE B 140 25.22 -6.70 -29.50
N GLU B 141 25.76 -7.65 -28.74
CA GLU B 141 26.92 -7.38 -27.92
C GLU B 141 28.10 -6.90 -28.75
N ALA B 142 28.34 -7.56 -29.88
CA ALA B 142 29.45 -7.19 -30.76
C ALA B 142 29.30 -5.75 -31.29
N GLU B 143 28.06 -5.36 -31.56
CA GLU B 143 27.78 -4.05 -32.13
C GLU B 143 27.71 -2.92 -31.10
N VAL B 144 27.24 -3.24 -29.89
CA VAL B 144 27.28 -2.25 -28.80
C VAL B 144 28.73 -1.91 -28.49
N VAL B 145 29.57 -2.95 -28.43
CA VAL B 145 31.00 -2.76 -28.21
C VAL B 145 31.68 -1.96 -29.31
N ALA B 146 31.25 -2.18 -30.55
CA ALA B 146 31.85 -1.51 -31.70
C ALA B 146 31.40 -0.05 -31.83
N MET B 147 30.10 0.18 -31.73
CA MET B 147 29.53 1.53 -31.77
C MET B 147 30.07 2.40 -30.64
N THR B 148 30.28 1.77 -29.49
CA THR B 148 30.82 2.48 -28.34
C THR B 148 32.30 2.78 -28.54
N ALA B 149 33.02 1.84 -29.13
CA ALA B 149 34.44 2.02 -29.40
C ALA B 149 34.64 3.22 -30.31
N HIS B 150 33.93 3.23 -31.43
CA HIS B 150 33.97 4.35 -32.37
C HIS B 150 33.72 5.66 -31.66
N MET B 151 32.64 5.71 -30.89
CA MET B 151 32.21 6.91 -30.19
C MET B 151 33.32 7.49 -29.31
N LEU B 152 34.16 6.62 -28.75
CA LEU B 152 35.21 7.07 -27.84
C LEU B 152 36.58 7.05 -28.52
N GLY B 153 36.59 7.47 -29.79
CA GLY B 153 37.83 7.63 -30.54
C GLY B 153 38.57 6.33 -30.83
N GLY B 154 37.83 5.30 -31.20
CA GLY B 154 38.42 3.99 -31.43
C GLY B 154 39.14 3.87 -32.75
N ASP B 155 38.82 4.77 -33.67
CA ASP B 155 39.44 4.76 -34.99
C ASP B 155 40.80 5.44 -34.92
N ALA B 156 40.87 6.52 -34.16
CA ALA B 156 42.12 7.26 -33.94
C ALA B 156 43.17 6.41 -33.22
N ALA B 157 42.92 5.12 -33.11
CA ALA B 157 43.84 4.23 -32.42
C ALA B 157 44.31 3.11 -33.34
N GLY B 158 43.84 3.13 -34.58
CA GLY B 158 44.27 2.16 -35.57
C GLY B 158 43.24 1.09 -35.86
N GLY B 159 42.16 1.10 -35.08
CA GLY B 159 41.10 0.12 -35.25
C GLY B 159 41.40 -1.20 -34.59
N THR B 160 42.31 -1.17 -33.62
CA THR B 160 42.59 -2.36 -32.82
C THR B 160 41.78 -2.34 -31.53
N VAL B 161 41.02 -1.27 -31.33
CA VAL B 161 40.20 -1.14 -30.13
C VAL B 161 39.09 -2.19 -30.09
N CYS B 162 39.02 -2.90 -28.98
CA CYS B 162 38.08 -4.00 -28.79
C CYS B 162 37.61 -4.03 -27.33
N GLY B 163 36.52 -4.74 -27.08
CA GLY B 163 36.01 -4.85 -25.73
C GLY B 163 35.01 -5.96 -25.56
N THR B 164 34.28 -5.92 -24.46
CA THR B 164 33.18 -6.83 -24.19
C THR B 164 32.06 -6.07 -23.49
N VAL B 165 30.85 -6.61 -23.52
CA VAL B 165 29.76 -6.04 -22.77
C VAL B 165 29.73 -6.63 -21.35
N THR B 166 29.70 -5.77 -20.34
CA THR B 166 29.66 -6.23 -18.96
C THR B 166 28.33 -5.88 -18.29
N SER B 167 28.23 -6.14 -16.98
CA SER B 167 26.97 -6.00 -16.26
C SER B 167 26.81 -4.63 -15.60
N GLY B 168 27.84 -3.81 -15.63
CA GLY B 168 27.77 -2.49 -15.04
C GLY B 168 29.13 -1.86 -14.90
N GLY B 169 29.15 -0.58 -14.53
CA GLY B 169 30.41 0.13 -14.34
C GLY B 169 31.39 -0.62 -13.44
N THR B 170 30.90 -1.10 -12.30
CA THR B 170 31.76 -1.80 -11.36
C THR B 170 32.45 -3.00 -11.99
N GLU B 171 31.71 -3.83 -12.74
CA GLU B 171 32.35 -4.99 -13.38
C GLU B 171 33.41 -4.55 -14.38
N SER B 172 33.08 -3.55 -15.19
CA SER B 172 34.06 -2.98 -16.12
C SER B 172 35.35 -2.66 -15.39
N LEU B 173 35.26 -1.81 -14.37
CA LEU B 173 36.43 -1.45 -13.57
C LEU B 173 37.15 -2.67 -12.99
N LEU B 174 36.40 -3.58 -12.36
CA LEU B 174 37.01 -4.78 -11.79
C LEU B 174 37.74 -5.58 -12.86
N LEU B 175 37.05 -5.88 -13.95
CA LEU B 175 37.66 -6.60 -15.05
C LEU B 175 38.98 -5.94 -15.47
N ALA B 176 38.94 -4.63 -15.68
CA ALA B 176 40.13 -3.90 -16.09
C ALA B 176 41.30 -4.10 -15.13
N MET B 177 41.07 -3.83 -13.85
CA MET B 177 42.09 -4.03 -12.84
C MET B 177 42.69 -5.43 -12.90
N LYS B 178 41.83 -6.44 -13.02
CA LYS B 178 42.28 -7.83 -13.10
C LYS B 178 43.14 -8.03 -14.36
N THR B 179 42.74 -7.41 -15.46
CA THR B 179 43.50 -7.52 -16.70
C THR B 179 44.91 -6.96 -16.53
N TYR B 180 45.01 -5.73 -16.05
CA TYR B 180 46.31 -5.10 -15.85
C TYR B 180 47.17 -5.88 -14.86
N ARG B 181 46.53 -6.44 -13.83
CA ARG B 181 47.25 -7.27 -12.88
C ARG B 181 47.85 -8.53 -13.52
N ASP B 182 47.06 -9.19 -14.37
CA ASP B 182 47.46 -10.44 -15.02
C ASP B 182 48.49 -10.22 -16.11
N TRP B 183 48.39 -9.07 -16.79
CA TRP B 183 49.32 -8.68 -17.83
C TRP B 183 50.66 -8.33 -17.20
N ALA B 184 50.64 -7.49 -16.18
CA ALA B 184 51.86 -7.06 -15.49
C ALA B 184 52.68 -8.24 -14.98
N ARG B 185 52.01 -9.27 -14.47
CA ARG B 185 52.70 -10.44 -13.96
C ARG B 185 53.34 -11.25 -15.07
N ALA B 186 52.61 -11.44 -16.16
CA ALA B 186 53.10 -12.25 -17.28
C ALA B 186 54.24 -11.58 -18.06
N THR B 187 54.09 -10.30 -18.38
CA THR B 187 55.09 -9.60 -19.18
C THR B 187 56.18 -8.95 -18.34
N LYS B 188 55.79 -8.12 -17.38
CA LYS B 188 56.76 -7.35 -16.59
C LYS B 188 57.15 -8.04 -15.28
N GLY B 189 56.65 -9.25 -15.05
CA GLY B 189 57.01 -10.04 -13.87
C GLY B 189 56.67 -9.43 -12.52
N ILE B 190 55.68 -8.54 -12.49
CA ILE B 190 55.29 -7.84 -11.27
C ILE B 190 54.33 -8.65 -10.39
N THR B 191 54.84 -9.16 -9.27
CA THR B 191 54.06 -10.10 -8.46
C THR B 191 53.44 -9.50 -7.21
N ALA B 192 53.66 -8.21 -6.98
CA ALA B 192 52.98 -7.48 -5.89
C ALA B 192 52.50 -6.14 -6.43
N PRO B 193 51.43 -6.17 -7.25
CA PRO B 193 51.03 -5.06 -8.11
C PRO B 193 50.50 -3.87 -7.33
N GLU B 194 50.69 -2.67 -7.89
CA GLU B 194 50.13 -1.47 -7.31
C GLU B 194 49.31 -0.76 -8.38
N ALA B 195 48.31 -0.02 -7.95
CA ALA B 195 47.55 0.84 -8.85
C ALA B 195 47.47 2.22 -8.23
N VAL B 196 47.50 3.25 -9.07
CA VAL B 196 47.51 4.62 -8.59
C VAL B 196 46.38 5.41 -9.21
N VAL B 197 45.43 5.82 -8.36
CA VAL B 197 44.28 6.59 -8.81
C VAL B 197 44.06 7.78 -7.89
N PRO B 198 43.30 8.77 -8.34
CA PRO B 198 42.94 9.90 -7.47
C PRO B 198 42.04 9.44 -6.34
N VAL B 199 41.93 10.26 -5.30
CA VAL B 199 41.08 9.94 -4.16
C VAL B 199 39.61 10.10 -4.56
N SER B 200 39.37 10.66 -5.73
CA SER B 200 38.01 10.82 -6.23
C SER B 200 37.57 9.64 -7.12
N ALA B 201 38.53 8.85 -7.59
CA ALA B 201 38.20 7.67 -8.38
C ALA B 201 37.16 6.84 -7.64
N HIS B 202 36.29 6.17 -8.40
CA HIS B 202 35.17 5.44 -7.80
C HIS B 202 35.56 4.36 -6.77
N ALA B 203 34.71 4.17 -5.77
CA ALA B 203 34.94 3.19 -4.72
C ALA B 203 35.07 1.77 -5.28
N ALA B 204 34.65 1.58 -6.52
CA ALA B 204 34.76 0.27 -7.14
C ALA B 204 36.23 -0.12 -7.26
N PHE B 205 37.11 0.87 -7.24
CA PHE B 205 38.54 0.62 -7.33
C PHE B 205 39.07 -0.05 -6.06
N ASP B 206 38.57 0.36 -4.90
CA ASP B 206 38.93 -0.29 -3.64
C ASP B 206 38.48 -1.75 -3.66
N LYS B 207 37.29 -1.96 -4.22
CA LYS B 207 36.72 -3.29 -4.36
C LYS B 207 37.68 -4.19 -5.15
N ALA B 208 38.20 -3.67 -6.26
CA ALA B 208 39.16 -4.42 -7.06
C ALA B 208 40.45 -4.67 -6.30
N ALA B 209 40.88 -3.68 -5.51
CA ALA B 209 42.06 -3.82 -4.68
C ALA B 209 41.93 -5.03 -3.75
N GLN B 210 40.81 -5.07 -3.02
CA GLN B 210 40.57 -6.16 -2.07
C GLN B 210 40.43 -7.54 -2.74
N TYR B 211 39.66 -7.59 -3.83
CA TYR B 211 39.38 -8.86 -4.52
C TYR B 211 40.64 -9.49 -5.11
N PHE B 212 41.38 -8.70 -5.87
CA PHE B 212 42.44 -9.23 -6.72
C PHE B 212 43.84 -9.13 -6.10
N GLY B 213 43.92 -8.49 -4.93
CA GLY B 213 45.17 -8.36 -4.21
C GLY B 213 46.09 -7.33 -4.84
N ILE B 214 45.54 -6.17 -5.14
CA ILE B 214 46.32 -5.07 -5.69
C ILE B 214 46.45 -4.01 -4.61
N LYS B 215 47.64 -3.47 -4.42
CA LYS B 215 47.82 -2.39 -3.46
C LYS B 215 47.38 -1.08 -4.11
N LEU B 216 46.31 -0.50 -3.61
CA LEU B 216 45.77 0.72 -4.20
C LEU B 216 46.32 1.95 -3.49
N VAL B 217 46.80 2.91 -4.27
CA VAL B 217 47.36 4.14 -3.73
C VAL B 217 46.56 5.34 -4.22
N ARG B 218 45.96 6.08 -3.31
CA ARG B 218 45.12 7.21 -3.67
C ARG B 218 45.82 8.55 -3.48
N THR B 219 45.97 9.29 -4.59
CA THR B 219 46.63 10.59 -4.58
C THR B 219 45.64 11.73 -4.29
N PRO B 220 46.14 12.87 -3.82
CA PRO B 220 45.28 14.01 -3.46
C PRO B 220 44.83 14.81 -4.68
N LEU B 221 43.90 15.74 -4.47
CA LEU B 221 43.39 16.58 -5.54
C LEU B 221 43.92 18.02 -5.40
N ASP B 222 43.59 18.86 -6.38
CA ASP B 222 43.99 20.27 -6.30
C ASP B 222 42.82 21.18 -5.90
N ALA B 223 42.91 22.47 -6.25
CA ALA B 223 41.89 23.44 -5.86
C ALA B 223 40.57 23.27 -6.62
N ASP B 224 40.64 22.75 -7.83
CA ASP B 224 39.46 22.53 -8.67
C ASP B 224 38.89 21.13 -8.46
N TYR B 225 39.44 20.42 -7.48
CA TYR B 225 39.04 19.05 -7.17
C TYR B 225 39.34 18.07 -8.32
N ARG B 226 40.21 18.50 -9.23
CA ARG B 226 40.73 17.60 -10.25
C ARG B 226 41.97 16.92 -9.70
N ALA B 227 42.41 15.86 -10.36
CA ALA B 227 43.54 15.07 -9.89
C ALA B 227 44.82 15.88 -9.85
N ASP B 228 45.70 15.56 -8.91
CA ASP B 228 47.01 16.18 -8.80
C ASP B 228 48.02 15.31 -9.54
N VAL B 229 48.30 15.69 -10.79
CA VAL B 229 49.13 14.87 -11.68
C VAL B 229 50.54 14.64 -11.14
N ALA B 230 51.05 15.58 -10.36
CA ALA B 230 52.38 15.46 -9.76
C ALA B 230 52.43 14.35 -8.71
N ALA B 231 51.50 14.38 -7.77
CA ALA B 231 51.46 13.40 -6.68
C ALA B 231 51.28 11.99 -7.22
N MET B 232 50.76 11.88 -8.44
CA MET B 232 50.63 10.58 -9.08
C MET B 232 51.99 10.08 -9.53
N ARG B 233 52.77 10.94 -10.16
CA ARG B 233 54.14 10.59 -10.54
C ARG B 233 54.93 10.15 -9.31
N GLU B 234 54.77 10.91 -8.23
CA GLU B 234 55.46 10.61 -6.97
C GLU B 234 55.19 9.20 -6.43
N ALA B 235 53.96 8.73 -6.58
CA ALA B 235 53.56 7.45 -5.99
C ALA B 235 53.81 6.25 -6.90
N ILE B 236 54.18 6.50 -8.15
CA ILE B 236 54.50 5.41 -9.08
C ILE B 236 55.79 4.71 -8.67
N THR B 237 55.73 3.39 -8.62
CA THR B 237 56.91 2.57 -8.34
C THR B 237 57.11 1.63 -9.52
N PRO B 238 58.15 0.78 -9.46
CA PRO B 238 58.32 -0.18 -10.56
C PRO B 238 57.26 -1.29 -10.53
N ASN B 239 56.55 -1.40 -9.40
CA ASN B 239 55.48 -2.39 -9.25
C ASN B 239 54.09 -1.85 -9.65
N THR B 240 54.03 -0.54 -9.93
CA THR B 240 52.79 0.08 -10.40
C THR B 240 52.42 -0.47 -11.79
N VAL B 241 51.20 -0.98 -11.90
CA VAL B 241 50.76 -1.63 -13.14
C VAL B 241 49.70 -0.82 -13.89
N VAL B 242 49.18 0.22 -13.27
CA VAL B 242 48.13 1.02 -13.90
C VAL B 242 47.87 2.31 -13.14
N VAL B 243 47.47 3.35 -13.87
CA VAL B 243 46.98 4.58 -13.26
C VAL B 243 45.62 4.87 -13.87
N ALA B 244 44.79 5.61 -13.15
CA ALA B 244 43.44 5.87 -13.65
C ALA B 244 43.04 7.31 -13.48
N GLY B 245 42.09 7.74 -14.31
CA GLY B 245 41.53 9.06 -14.19
C GLY B 245 40.06 8.96 -14.47
N SER B 246 39.28 9.80 -13.81
CA SER B 246 37.82 9.74 -13.93
C SER B 246 37.31 10.81 -14.87
N ALA B 247 36.34 10.45 -15.70
CA ALA B 247 35.85 11.37 -16.71
C ALA B 247 34.35 11.30 -16.88
N PRO B 248 33.59 11.87 -15.94
CA PRO B 248 34.07 12.54 -14.73
C PRO B 248 34.06 11.57 -13.57
N GLY B 249 34.69 11.97 -12.46
CA GLY B 249 34.56 11.23 -11.22
C GLY B 249 33.14 11.38 -10.72
N TYR B 250 32.68 10.41 -9.94
CA TYR B 250 31.32 10.44 -9.43
C TYR B 250 31.09 11.53 -8.38
N PRO B 251 32.06 11.72 -7.46
CA PRO B 251 31.85 12.68 -6.37
C PRO B 251 31.51 14.10 -6.82
N HIS B 252 32.33 14.71 -7.66
CA HIS B 252 32.19 16.13 -7.93
C HIS B 252 31.86 16.50 -9.37
N GLY B 253 31.85 15.50 -10.26
CA GLY B 253 31.43 15.72 -11.63
C GLY B 253 32.50 16.37 -12.47
N VAL B 254 33.73 16.41 -11.94
CA VAL B 254 34.85 17.04 -12.64
C VAL B 254 35.69 16.00 -13.35
N VAL B 255 36.30 16.41 -14.46
CA VAL B 255 37.11 15.52 -15.29
C VAL B 255 38.59 15.66 -14.97
N ASP B 256 39.19 14.60 -14.43
CA ASP B 256 40.62 14.60 -14.15
C ASP B 256 41.39 14.92 -15.44
N PRO B 257 42.64 15.39 -15.30
CA PRO B 257 43.47 15.76 -16.46
C PRO B 257 43.91 14.53 -17.22
N ILE B 258 43.04 13.97 -18.05
CA ILE B 258 43.33 12.71 -18.73
C ILE B 258 44.56 12.78 -19.65
N PRO B 259 44.64 13.81 -20.50
CA PRO B 259 45.79 13.90 -21.41
C PRO B 259 47.12 13.81 -20.64
N GLU B 260 47.19 14.52 -19.52
CA GLU B 260 48.38 14.53 -18.68
C GLU B 260 48.64 13.18 -18.02
N ILE B 261 47.59 12.58 -17.44
CA ILE B 261 47.71 11.26 -16.81
C ILE B 261 48.07 10.21 -17.85
N ALA B 262 47.39 10.24 -18.98
CA ALA B 262 47.66 9.31 -20.07
C ALA B 262 49.13 9.36 -20.50
N ALA B 263 49.65 10.57 -20.63
CA ALA B 263 51.05 10.77 -20.98
C ALA B 263 51.96 10.22 -19.89
N LEU B 264 51.68 10.56 -18.64
CA LEU B 264 52.42 10.04 -17.49
C LEU B 264 52.49 8.51 -17.55
N ALA B 265 51.43 7.89 -18.05
CA ALA B 265 51.36 6.44 -18.10
C ALA B 265 52.24 5.88 -19.21
N ALA B 266 52.06 6.38 -20.43
CA ALA B 266 52.87 5.93 -21.57
C ALA B 266 54.36 6.08 -21.25
N GLU B 267 54.69 7.11 -20.47
CA GLU B 267 56.07 7.37 -20.04
C GLU B 267 56.67 6.17 -19.31
N HIS B 268 55.99 5.66 -18.29
CA HIS B 268 56.48 4.53 -17.49
C HIS B 268 56.11 3.16 -18.03
N GLY B 269 55.57 3.12 -19.25
CA GLY B 269 55.24 1.87 -19.91
C GLY B 269 54.20 1.02 -19.20
N ILE B 270 53.27 1.70 -18.51
CA ILE B 270 52.16 1.03 -17.82
C ILE B 270 50.81 1.44 -18.41
N GLY B 271 49.73 0.92 -17.83
CA GLY B 271 48.40 1.18 -18.33
C GLY B 271 47.80 2.46 -17.78
N CYS B 272 46.88 3.04 -18.53
CA CYS B 272 46.07 4.14 -18.03
C CYS B 272 44.61 3.82 -18.29
N HIS B 273 43.81 3.69 -17.23
CA HIS B 273 42.40 3.43 -17.41
C HIS B 273 41.56 4.69 -17.19
N VAL B 274 40.63 4.94 -18.12
CA VAL B 274 39.74 6.07 -17.98
C VAL B 274 38.34 5.63 -17.55
N ASP B 275 37.98 5.97 -16.32
CA ASP B 275 36.67 5.65 -15.78
C ASP B 275 35.62 6.62 -16.33
N ALA B 276 35.16 6.34 -17.55
CA ALA B 276 34.16 7.17 -18.20
C ALA B 276 32.76 6.57 -18.04
N CYS B 277 32.56 5.84 -16.95
CA CYS B 277 31.27 5.20 -16.73
C CYS B 277 30.14 6.22 -16.71
N LEU B 278 30.43 7.40 -16.20
CA LEU B 278 29.41 8.44 -16.17
C LEU B 278 29.44 9.28 -17.45
N GLY B 279 30.66 9.55 -17.93
CA GLY B 279 30.84 10.49 -19.02
C GLY B 279 30.90 9.93 -20.43
N GLY B 280 31.07 8.63 -20.55
CA GLY B 280 31.19 8.01 -21.86
C GLY B 280 30.18 8.50 -22.87
N PHE B 281 28.91 8.57 -22.46
CA PHE B 281 27.84 8.93 -23.38
C PHE B 281 27.38 10.37 -23.21
N ILE B 282 28.19 11.17 -22.53
CA ILE B 282 27.91 12.59 -22.32
C ILE B 282 29.02 13.47 -22.89
N LEU B 283 30.26 13.14 -22.56
CA LEU B 283 31.41 13.93 -22.97
C LEU B 283 31.63 14.10 -24.50
N PRO B 284 31.50 13.01 -25.27
CA PRO B 284 31.75 13.14 -26.71
C PRO B 284 30.76 14.09 -27.37
N TRP B 285 29.55 14.18 -26.84
CA TRP B 285 28.51 15.04 -27.40
C TRP B 285 28.62 16.46 -26.88
N ALA B 286 29.12 16.60 -25.65
CA ALA B 286 29.37 17.92 -25.08
C ALA B 286 30.50 18.61 -25.85
N GLU B 287 31.43 17.81 -26.35
CA GLU B 287 32.57 18.32 -27.11
C GLU B 287 32.15 18.90 -28.46
N ARG B 288 31.19 18.22 -29.12
CA ARG B 288 30.65 18.68 -30.40
C ARG B 288 29.63 19.80 -30.23
N LEU B 289 29.14 19.98 -29.01
CA LEU B 289 28.21 21.05 -28.69
C LEU B 289 29.00 22.31 -28.34
N GLY B 290 30.32 22.20 -28.42
CA GLY B 290 31.20 23.33 -28.21
C GLY B 290 31.52 23.65 -26.75
N TYR B 291 31.68 22.62 -25.94
CA TYR B 291 32.01 22.81 -24.53
C TYR B 291 33.51 22.58 -24.30
N PRO B 292 34.01 23.03 -23.13
CA PRO B 292 35.43 22.87 -22.78
C PRO B 292 35.73 21.45 -22.29
N VAL B 293 35.85 20.50 -23.20
CA VAL B 293 36.25 19.14 -22.83
C VAL B 293 37.46 18.67 -23.64
N PRO B 294 38.61 18.51 -22.95
CA PRO B 294 39.81 17.96 -23.60
C PRO B 294 39.54 16.54 -24.08
N PRO B 295 40.43 16.00 -24.93
CA PRO B 295 40.28 14.58 -25.29
C PRO B 295 40.45 13.71 -24.04
N PHE B 296 39.49 12.82 -23.81
CA PHE B 296 39.47 12.01 -22.59
C PHE B 296 39.59 10.53 -22.92
N ASP B 297 39.48 10.20 -24.20
CA ASP B 297 39.33 8.81 -24.62
C ASP B 297 40.55 8.23 -25.30
N PHE B 298 40.32 7.58 -26.43
CA PHE B 298 41.38 6.86 -27.13
C PHE B 298 42.15 7.74 -28.11
N ARG B 299 41.70 8.97 -28.29
CA ARG B 299 42.48 9.92 -29.09
C ARG B 299 43.87 10.05 -28.49
N LEU B 300 43.93 10.14 -27.16
CA LEU B 300 45.20 10.15 -26.43
C LEU B 300 45.86 8.78 -26.53
N GLU B 301 47.17 8.77 -26.78
CA GLU B 301 47.86 7.50 -27.04
C GLU B 301 48.19 6.72 -25.77
N GLY B 302 48.33 7.41 -24.66
CA GLY B 302 48.66 6.77 -23.39
C GLY B 302 47.52 5.91 -22.84
N VAL B 303 46.29 6.27 -23.18
CA VAL B 303 45.09 5.60 -22.69
C VAL B 303 44.92 4.19 -23.26
N THR B 304 45.07 3.19 -22.40
CA THR B 304 45.04 1.79 -22.80
C THR B 304 43.67 1.12 -22.66
N SER B 305 42.83 1.65 -21.77
CA SER B 305 41.47 1.14 -21.58
C SER B 305 40.48 2.22 -21.13
N VAL B 306 39.21 2.01 -21.44
CA VAL B 306 38.15 2.94 -21.05
C VAL B 306 36.88 2.17 -20.71
N SER B 307 36.16 2.61 -19.68
CA SER B 307 34.88 1.99 -19.33
C SER B 307 33.74 2.99 -19.48
N ALA B 308 32.62 2.53 -20.01
CA ALA B 308 31.46 3.40 -20.20
C ALA B 308 30.17 2.65 -19.94
N ASP B 309 29.21 3.33 -19.31
CA ASP B 309 27.95 2.70 -18.91
C ASP B 309 26.82 2.95 -19.89
N THR B 310 26.42 1.91 -20.61
CA THR B 310 25.28 1.99 -21.50
C THR B 310 23.96 2.09 -20.72
N HIS B 311 24.00 1.79 -19.44
CA HIS B 311 22.78 1.80 -18.64
C HIS B 311 22.62 3.14 -17.91
N ALA B 312 23.68 3.94 -17.95
CA ALA B 312 23.63 5.29 -17.39
C ALA B 312 23.15 6.26 -18.46
N TYR B 313 24.08 7.03 -19.01
CA TYR B 313 23.72 8.04 -19.99
C TYR B 313 23.62 7.47 -21.40
N GLY B 314 23.73 6.15 -21.50
CA GLY B 314 23.51 5.46 -22.75
C GLY B 314 22.03 5.17 -22.92
N TYR B 315 21.29 5.33 -21.83
CA TYR B 315 19.84 5.19 -21.81
C TYR B 315 19.37 3.79 -22.14
N GLY B 316 20.25 2.82 -21.94
CA GLY B 316 19.85 1.43 -21.98
C GLY B 316 19.10 1.11 -20.69
N ALA B 317 18.69 -0.13 -20.52
CA ALA B 317 18.08 -0.54 -19.27
C ALA B 317 19.19 -0.98 -18.33
N LYS B 318 18.92 -0.98 -17.03
CA LYS B 318 19.94 -1.23 -16.02
C LYS B 318 20.55 -2.62 -16.17
N GLY B 319 21.88 -2.71 -16.08
CA GLY B 319 22.56 -3.98 -16.09
C GLY B 319 23.46 -4.23 -17.28
N THR B 320 23.89 -3.15 -17.94
CA THR B 320 24.83 -3.24 -19.06
C THR B 320 25.91 -2.18 -18.97
N SER B 321 27.06 -2.50 -19.55
CA SER B 321 28.18 -1.58 -19.56
C SER B 321 29.20 -2.10 -20.56
N VAL B 322 30.10 -1.23 -21.00
CA VAL B 322 31.15 -1.64 -21.91
C VAL B 322 32.54 -1.39 -21.32
N ILE B 323 33.41 -2.39 -21.46
CA ILE B 323 34.83 -2.19 -21.18
C ILE B 323 35.57 -2.30 -22.51
N LEU B 324 36.43 -1.32 -22.78
CA LEU B 324 37.15 -1.25 -24.04
C LEU B 324 38.66 -1.23 -23.79
N TYR B 325 39.39 -2.00 -24.58
CA TYR B 325 40.84 -2.01 -24.53
C TYR B 325 41.44 -1.52 -25.85
N ARG B 326 42.62 -0.93 -25.78
CA ARG B 326 43.26 -0.34 -26.96
C ARG B 326 43.73 -1.42 -27.95
N ARG B 327 44.33 -2.49 -27.43
CA ARG B 327 44.80 -3.57 -28.29
C ARG B 327 44.24 -4.90 -27.81
N PRO B 328 44.09 -5.87 -28.73
CA PRO B 328 43.55 -7.18 -28.35
C PRO B 328 44.47 -7.96 -27.40
N ASP B 329 45.78 -7.75 -27.48
CA ASP B 329 46.71 -8.48 -26.62
C ASP B 329 46.46 -8.15 -25.15
N LEU B 330 45.68 -7.09 -24.92
CA LEU B 330 45.32 -6.65 -23.58
C LEU B 330 44.03 -7.33 -23.15
N LEU B 331 42.98 -7.13 -23.94
CA LEU B 331 41.70 -7.80 -23.78
C LEU B 331 41.88 -9.27 -23.39
N HIS B 332 42.79 -9.95 -24.06
CA HIS B 332 42.93 -11.39 -23.89
C HIS B 332 43.22 -11.84 -22.45
N TYR B 333 43.76 -10.94 -21.63
CA TYR B 333 44.06 -11.31 -20.25
C TYR B 333 42.80 -11.31 -19.40
N GLN B 334 41.70 -10.86 -20.00
CA GLN B 334 40.41 -10.81 -19.33
C GLN B 334 39.66 -12.12 -19.46
N TYR B 335 39.67 -12.71 -20.66
CA TYR B 335 38.96 -13.97 -20.89
C TYR B 335 39.32 -15.03 -19.88
N PHE B 336 38.31 -15.77 -19.42
CA PHE B 336 38.57 -16.93 -18.60
C PHE B 336 38.35 -18.20 -19.42
N ILE B 337 39.31 -19.12 -19.35
CA ILE B 337 39.18 -20.37 -20.09
C ILE B 337 39.64 -21.58 -19.26
N ALA B 338 38.85 -22.64 -19.34
CA ALA B 338 39.22 -23.90 -18.73
C ALA B 338 39.10 -25.02 -19.77
N ALA B 339 40.19 -25.77 -19.95
CA ALA B 339 40.21 -26.88 -20.93
C ALA B 339 40.24 -28.25 -20.27
N ASP B 340 40.63 -28.29 -19.00
CA ASP B 340 40.88 -29.53 -18.27
C ASP B 340 39.66 -30.04 -17.49
N TRP B 341 38.53 -29.36 -17.64
CA TRP B 341 37.33 -29.64 -16.86
C TRP B 341 36.47 -30.73 -17.50
N PRO B 342 36.05 -31.72 -16.71
CA PRO B 342 35.17 -32.78 -17.21
C PRO B 342 33.85 -32.26 -17.79
N GLY B 343 33.54 -30.98 -17.57
CA GLY B 343 32.32 -30.40 -18.08
C GLY B 343 32.48 -29.93 -19.51
N GLY B 344 33.67 -30.14 -20.06
CA GLY B 344 33.94 -29.80 -21.44
C GLY B 344 34.70 -28.49 -21.59
N LEU B 345 34.65 -27.94 -22.79
CA LEU B 345 35.22 -26.63 -23.05
C LEU B 345 34.31 -25.60 -22.42
N TYR B 346 34.89 -24.68 -21.64
CA TYR B 346 34.14 -23.61 -21.02
C TYR B 346 34.96 -22.34 -21.03
N PHE B 347 34.34 -21.27 -21.51
CA PHE B 347 35.00 -19.97 -21.56
C PHE B 347 33.97 -18.89 -21.24
N SER B 348 34.44 -17.75 -20.75
CA SER B 348 33.57 -16.60 -20.60
C SER B 348 34.39 -15.33 -20.70
N PRO B 349 33.85 -14.33 -21.41
CA PRO B 349 34.53 -13.04 -21.61
C PRO B 349 34.60 -12.29 -20.30
N THR B 350 33.55 -12.38 -19.50
CA THR B 350 33.44 -11.59 -18.29
C THR B 350 33.41 -12.46 -17.03
N PHE B 351 32.93 -11.88 -15.93
CA PHE B 351 32.80 -12.55 -14.64
C PHE B 351 31.72 -13.62 -14.68
N ALA B 352 30.60 -13.29 -15.30
CA ALA B 352 29.43 -14.16 -15.28
C ALA B 352 29.54 -15.34 -16.24
N GLY B 353 28.81 -16.40 -15.93
CA GLY B 353 28.59 -17.49 -16.86
C GLY B 353 27.32 -17.17 -17.61
N SER B 354 26.19 -17.60 -17.06
CA SER B 354 24.89 -17.25 -17.61
C SER B 354 24.62 -15.76 -17.39
N ARG B 355 24.21 -15.08 -18.45
CA ARG B 355 23.94 -13.66 -18.41
C ARG B 355 22.52 -13.42 -18.90
N PRO B 356 21.95 -12.26 -18.57
CA PRO B 356 20.67 -11.83 -19.15
C PRO B 356 20.93 -11.26 -20.53
N GLY B 357 20.71 -12.07 -21.57
CA GLY B 357 20.97 -11.61 -22.92
C GLY B 357 20.15 -10.39 -23.28
N ALA B 358 18.93 -10.34 -22.74
CA ALA B 358 17.97 -9.31 -23.08
C ALA B 358 18.47 -7.91 -22.75
N LEU B 359 19.27 -7.79 -21.69
CA LEU B 359 19.76 -6.49 -21.28
C LEU B 359 20.80 -5.97 -22.28
N SER B 360 21.52 -6.89 -22.91
CA SER B 360 22.44 -6.53 -24.00
C SER B 360 21.64 -6.02 -25.19
N ALA B 361 20.45 -6.57 -25.38
CA ALA B 361 19.55 -6.11 -26.42
C ALA B 361 19.05 -4.70 -26.17
N THR B 362 18.66 -4.41 -24.93
CA THR B 362 18.13 -3.10 -24.60
C THR B 362 19.18 -2.02 -24.77
N ALA B 363 20.44 -2.36 -24.54
CA ALA B 363 21.54 -1.41 -24.74
C ALA B 363 21.71 -1.11 -26.22
N TRP B 364 21.72 -2.17 -27.01
CA TRP B 364 21.82 -2.10 -28.47
C TRP B 364 20.64 -1.31 -29.08
N ALA B 365 19.43 -1.67 -28.67
CA ALA B 365 18.23 -1.02 -29.18
C ALA B 365 18.13 0.46 -28.79
N ALA B 366 18.58 0.81 -27.59
CA ALA B 366 18.56 2.20 -27.16
C ALA B 366 19.55 3.05 -27.95
N MET B 367 20.70 2.48 -28.27
CA MET B 367 21.73 3.18 -29.05
C MET B 367 21.28 3.42 -30.49
N LEU B 368 20.61 2.45 -31.08
CA LEU B 368 20.08 2.61 -32.42
C LEU B 368 18.88 3.56 -32.48
N SER B 369 18.02 3.52 -31.47
CA SER B 369 16.81 4.36 -31.46
C SER B 369 17.16 5.83 -31.27
N LEU B 370 18.34 6.09 -30.74
CA LEU B 370 18.78 7.46 -30.48
C LEU B 370 19.72 7.98 -31.56
N GLY B 371 20.78 7.23 -31.85
CA GLY B 371 21.76 7.63 -32.83
C GLY B 371 22.42 8.92 -32.41
N GLU B 372 23.39 9.39 -33.19
CA GLU B 372 24.15 10.59 -32.81
C GLU B 372 23.25 11.81 -32.56
N GLU B 373 22.09 11.83 -33.20
CA GLU B 373 21.11 12.90 -32.99
C GLU B 373 20.50 12.89 -31.59
N GLY B 374 19.93 11.75 -31.22
CA GLY B 374 19.27 11.58 -29.92
C GLY B 374 20.18 11.86 -28.74
N TYR B 375 21.47 11.55 -28.90
CA TYR B 375 22.44 11.79 -27.85
C TYR B 375 22.83 13.25 -27.82
N LEU B 376 23.07 13.81 -28.99
CA LEU B 376 23.38 15.23 -29.11
C LEU B 376 22.25 16.04 -28.49
N ASP B 377 21.00 15.65 -28.77
CA ASP B 377 19.83 16.35 -28.25
C ASP B 377 19.74 16.20 -26.74
N ALA B 378 19.76 14.96 -26.27
CA ALA B 378 19.70 14.70 -24.85
C ALA B 378 20.80 15.44 -24.08
N THR B 379 22.03 15.30 -24.56
CA THR B 379 23.17 15.95 -23.92
C THR B 379 23.02 17.47 -23.80
N ARG B 380 22.41 18.09 -24.81
CA ARG B 380 22.21 19.54 -24.80
C ARG B 380 21.18 19.92 -23.73
N ARG B 381 20.06 19.20 -23.72
CA ARG B 381 18.99 19.46 -22.77
C ARG B 381 19.44 19.29 -21.31
N ILE B 382 20.38 18.37 -21.10
CA ILE B 382 20.97 18.14 -19.78
C ILE B 382 21.95 19.22 -19.38
N LEU B 383 22.93 19.50 -20.25
CA LEU B 383 23.95 20.50 -19.97
C LEU B 383 23.35 21.90 -19.85
N GLN B 384 22.23 22.11 -20.53
CA GLN B 384 21.48 23.37 -20.46
C GLN B 384 20.92 23.53 -19.06
N ALA B 385 20.22 22.50 -18.60
CA ALA B 385 19.66 22.47 -17.27
C ALA B 385 20.75 22.61 -16.22
N ALA B 386 21.91 22.04 -16.51
CA ALA B 386 23.04 22.10 -15.60
C ALA B 386 23.56 23.53 -15.42
N ASP B 387 24.03 24.14 -16.50
CA ASP B 387 24.54 25.50 -16.47
C ASP B 387 23.55 26.43 -15.79
N ARG B 388 22.27 26.10 -15.95
CA ARG B 388 21.20 26.93 -15.43
C ARG B 388 21.01 26.75 -13.93
N LEU B 389 21.26 25.54 -13.46
CA LEU B 389 21.17 25.21 -12.04
C LEU B 389 22.39 25.75 -11.30
N LYS B 390 23.55 25.69 -11.94
CA LYS B 390 24.78 26.16 -11.33
C LYS B 390 24.74 27.67 -11.10
N ALA B 391 24.17 28.40 -12.06
CA ALA B 391 24.00 29.84 -11.94
C ALA B 391 23.10 30.17 -10.75
N GLY B 392 22.03 29.39 -10.61
CA GLY B 392 21.10 29.57 -9.52
C GLY B 392 21.72 29.25 -8.17
N VAL B 393 22.73 28.40 -8.17
CA VAL B 393 23.40 28.01 -6.93
C VAL B 393 24.45 29.03 -6.50
N ARG B 394 25.29 29.48 -7.43
CA ARG B 394 26.29 30.49 -7.12
C ARG B 394 25.59 31.79 -6.69
N ALA B 395 24.43 32.04 -7.29
CA ALA B 395 23.59 33.20 -6.92
C ALA B 395 23.23 33.19 -5.44
N ILE B 396 23.01 32.01 -4.87
CA ILE B 396 22.71 31.90 -3.44
C ILE B 396 23.98 32.06 -2.60
N PRO B 397 23.93 32.98 -1.63
CA PRO B 397 25.07 33.51 -0.88
C PRO B 397 25.92 32.48 -0.14
N SER B 398 25.28 31.63 0.67
CA SER B 398 26.01 30.73 1.56
C SER B 398 26.63 29.51 0.87
N LEU B 399 26.09 29.14 -0.29
CA LEU B 399 26.52 27.93 -1.00
C LEU B 399 27.66 28.19 -1.99
N LYS B 400 28.50 27.16 -2.18
CA LYS B 400 29.49 27.17 -3.24
C LYS B 400 29.45 25.84 -3.98
N ILE B 401 29.91 25.82 -5.22
CA ILE B 401 30.00 24.60 -6.00
C ILE B 401 31.44 24.09 -5.98
N LEU B 402 31.60 22.77 -5.92
CA LEU B 402 32.94 22.17 -5.88
C LEU B 402 33.50 21.99 -7.28
N GLY B 403 34.67 22.59 -7.53
CA GLY B 403 35.32 22.50 -8.83
C GLY B 403 34.46 23.07 -9.95
N ASP B 404 34.71 22.63 -11.17
CA ASP B 404 33.89 23.07 -12.31
C ASP B 404 33.21 21.92 -13.05
N PRO B 405 32.07 21.46 -12.52
CA PRO B 405 31.31 20.34 -13.07
C PRO B 405 30.54 20.78 -14.30
N LEU B 406 30.28 19.84 -15.19
CA LEU B 406 29.47 20.13 -16.37
C LEU B 406 27.99 19.77 -16.14
N TRP B 407 27.73 18.64 -15.49
CA TRP B 407 26.36 18.21 -15.24
C TRP B 407 26.15 17.45 -13.92
N VAL B 408 27.23 17.05 -13.27
CA VAL B 408 27.12 16.46 -11.93
C VAL B 408 27.57 17.45 -10.86
N ILE B 409 26.61 18.09 -10.20
CA ILE B 409 26.89 19.24 -9.34
C ILE B 409 27.04 18.94 -7.84
N ALA B 410 28.25 19.10 -7.32
CA ALA B 410 28.50 18.93 -5.89
C ALA B 410 28.49 20.26 -5.17
N VAL B 411 27.44 20.51 -4.38
CA VAL B 411 27.26 21.78 -3.69
C VAL B 411 27.59 21.73 -2.19
N ALA B 412 28.46 22.63 -1.74
CA ALA B 412 28.91 22.66 -0.36
C ALA B 412 28.67 24.02 0.29
N SER B 413 28.97 24.11 1.58
CA SER B 413 28.86 25.38 2.29
C SER B 413 29.93 25.53 3.37
N ASP B 414 30.45 26.74 3.49
CA ASP B 414 31.49 27.05 4.46
C ASP B 414 30.89 27.57 5.76
N GLU B 415 29.73 28.20 5.66
CA GLU B 415 29.09 28.83 6.80
C GLU B 415 28.06 27.91 7.46
N LEU B 416 27.27 27.23 6.62
CA LEU B 416 26.16 26.42 7.11
C LEU B 416 26.48 24.92 7.16
N ASN B 417 25.61 24.18 7.84
CA ASN B 417 25.70 22.73 7.89
C ASN B 417 25.02 22.13 6.66
N ILE B 418 25.82 21.84 5.64
CA ILE B 418 25.28 21.42 4.35
C ILE B 418 24.34 20.22 4.45
N TYR B 419 24.51 19.39 5.48
CA TYR B 419 23.69 18.18 5.63
C TYR B 419 22.25 18.51 6.02
N GLN B 420 22.06 19.62 6.72
CA GLN B 420 20.71 20.06 7.09
C GLN B 420 20.06 20.77 5.90
N VAL B 421 20.86 21.49 5.14
CA VAL B 421 20.39 22.02 3.87
C VAL B 421 19.81 20.85 3.10
N MET B 422 20.63 19.81 2.94
CA MET B 422 20.23 18.60 2.23
C MET B 422 18.94 17.99 2.79
N GLU B 423 18.84 17.94 4.12
CA GLU B 423 17.66 17.39 4.78
C GLU B 423 16.43 18.26 4.52
N GLU B 424 16.64 19.57 4.38
CA GLU B 424 15.54 20.48 4.12
C GLU B 424 14.99 20.29 2.71
N MET B 425 15.87 19.87 1.79
CA MET B 425 15.48 19.54 0.43
C MET B 425 14.71 18.23 0.47
N ALA B 426 15.23 17.28 1.24
CA ALA B 426 14.59 15.98 1.38
C ALA B 426 13.16 16.13 1.88
N GLY B 427 12.93 17.16 2.68
CA GLY B 427 11.60 17.46 3.18
C GLY B 427 10.61 17.73 2.06
N ARG B 428 11.10 18.26 0.95
CA ARG B 428 10.23 18.60 -0.18
C ARG B 428 10.22 17.47 -1.20
N GLY B 429 10.91 16.38 -0.88
CA GLY B 429 10.88 15.19 -1.71
C GLY B 429 12.14 14.88 -2.51
N TRP B 430 13.19 15.68 -2.33
CA TRP B 430 14.41 15.52 -3.10
C TRP B 430 15.30 14.40 -2.54
N ARG B 431 15.51 13.37 -3.35
CA ARG B 431 16.40 12.28 -3.01
C ARG B 431 17.79 12.58 -3.55
N LEU B 432 18.64 13.15 -2.70
CA LEU B 432 19.98 13.57 -3.11
C LEU B 432 21.07 12.67 -2.52
N ASN B 433 22.28 12.85 -3.04
CA ASN B 433 23.43 12.06 -2.60
C ASN B 433 24.28 12.80 -1.58
N GLY B 434 24.51 12.15 -0.44
CA GLY B 434 25.32 12.75 0.61
C GLY B 434 26.78 12.42 0.47
N LEU B 435 27.60 13.45 0.30
CA LEU B 435 29.04 13.29 0.17
C LEU B 435 29.72 13.70 1.46
N HIS B 436 30.98 13.31 1.62
CA HIS B 436 31.83 13.87 2.67
C HIS B 436 33.28 13.88 2.23
N ARG B 437 34.17 14.36 3.08
CA ARG B 437 35.59 14.53 2.70
C ARG B 437 35.72 15.17 1.32
N PRO B 438 35.20 16.40 1.14
CA PRO B 438 34.56 17.29 2.13
C PRO B 438 33.06 17.09 2.19
N PRO B 439 32.41 17.63 3.24
CA PRO B 439 30.95 17.57 3.36
C PRO B 439 30.25 18.34 2.27
N ALA B 440 29.36 17.66 1.54
CA ALA B 440 28.53 18.27 0.52
C ALA B 440 27.43 17.30 0.11
N PHE B 441 26.50 17.76 -0.72
CA PHE B 441 25.54 16.87 -1.36
C PHE B 441 25.62 17.11 -2.86
N HIS B 442 25.42 16.08 -3.67
CA HIS B 442 25.44 16.30 -5.11
C HIS B 442 24.18 15.86 -5.83
N VAL B 443 23.88 16.52 -6.94
CA VAL B 443 22.77 16.12 -7.80
C VAL B 443 23.29 15.87 -9.21
N ALA B 444 23.14 14.65 -9.69
CA ALA B 444 23.54 14.31 -11.05
C ALA B 444 22.33 14.41 -11.97
N LEU B 445 22.42 15.32 -12.94
CA LEU B 445 21.26 15.67 -13.76
C LEU B 445 21.02 14.66 -14.86
N THR B 446 19.75 14.39 -15.12
CA THR B 446 19.34 13.46 -16.15
C THR B 446 18.20 14.06 -16.94
N LEU B 447 17.73 13.33 -17.95
CA LEU B 447 16.59 13.78 -18.74
C LEU B 447 15.39 14.09 -17.88
N ARG B 448 15.35 13.53 -16.68
CA ARG B 448 14.25 13.74 -15.75
C ARG B 448 14.25 15.15 -15.19
N HIS B 449 15.39 15.81 -15.24
CA HIS B 449 15.53 17.18 -14.73
C HIS B 449 15.43 18.20 -15.84
N THR B 450 15.23 17.74 -17.07
CA THR B 450 15.15 18.64 -18.21
C THR B 450 13.69 18.96 -18.51
N GLU B 451 12.79 18.22 -17.87
CA GLU B 451 11.37 18.48 -18.03
C GLU B 451 11.02 19.87 -17.51
N PRO B 452 9.85 20.40 -17.91
CA PRO B 452 9.46 21.77 -17.57
C PRO B 452 9.39 22.04 -16.07
N GLY B 453 10.08 23.09 -15.63
CA GLY B 453 9.95 23.60 -14.28
C GLY B 453 10.66 22.84 -13.19
N VAL B 454 11.48 21.85 -13.57
CA VAL B 454 12.15 21.04 -12.57
C VAL B 454 13.38 21.70 -11.96
N VAL B 455 14.24 22.28 -12.80
CA VAL B 455 15.38 23.01 -12.26
C VAL B 455 14.90 24.21 -11.43
N ASP B 456 13.75 24.74 -11.82
CA ASP B 456 13.13 25.86 -11.11
C ASP B 456 12.69 25.47 -9.71
N ARG B 457 11.88 24.41 -9.64
CA ARG B 457 11.42 23.90 -8.36
C ARG B 457 12.60 23.59 -7.45
N PHE B 458 13.69 23.12 -8.04
CA PHE B 458 14.90 22.79 -7.28
C PHE B 458 15.52 24.03 -6.66
N LEU B 459 15.71 25.07 -7.47
CA LEU B 459 16.29 26.32 -6.98
C LEU B 459 15.36 27.01 -5.99
N ALA B 460 14.06 26.93 -6.25
CA ALA B 460 13.05 27.48 -5.35
C ALA B 460 13.09 26.81 -3.98
N ASP B 461 13.09 25.48 -3.97
CA ASP B 461 13.18 24.71 -2.74
C ASP B 461 14.56 24.86 -2.07
N LEU B 462 15.55 25.23 -2.87
CA LEU B 462 16.92 25.37 -2.35
C LEU B 462 17.05 26.68 -1.57
N GLN B 463 16.44 27.73 -2.09
CA GLN B 463 16.45 29.02 -1.41
C GLN B 463 15.77 28.91 -0.05
N ASP B 464 14.55 28.38 -0.05
CA ASP B 464 13.77 28.23 1.17
C ASP B 464 14.52 27.37 2.17
N ALA B 465 15.32 26.44 1.67
CA ALA B 465 16.05 25.50 2.51
C ALA B 465 17.24 26.16 3.19
N VAL B 466 17.93 27.04 2.47
CA VAL B 466 19.06 27.78 3.03
C VAL B 466 18.57 28.79 4.06
N ALA B 467 17.49 29.49 3.72
CA ALA B 467 16.89 30.48 4.60
C ALA B 467 16.50 29.86 5.95
N GLN B 468 15.98 28.64 5.89
CA GLN B 468 15.57 27.92 7.09
C GLN B 468 16.75 27.50 7.95
N VAL B 469 17.86 27.13 7.31
CA VAL B 469 19.04 26.67 8.04
C VAL B 469 19.86 27.83 8.58
N ARG B 470 19.74 29.00 7.96
CA ARG B 470 20.44 30.19 8.44
C ARG B 470 19.71 30.75 9.67
N ALA B 471 18.41 30.47 9.75
CA ALA B 471 17.61 30.93 10.88
C ALA B 471 17.88 30.06 12.11
N HIS B 472 18.25 28.80 11.89
CA HIS B 472 18.47 27.86 12.98
C HIS B 472 19.70 27.00 12.71
N PRO B 473 20.89 27.59 12.79
CA PRO B 473 22.14 26.85 12.54
C PRO B 473 22.28 25.64 13.47
N GLU B 474 21.44 25.58 14.49
CA GLU B 474 21.48 24.50 15.47
C GLU B 474 20.71 23.28 14.97
N LYS B 475 19.85 23.50 13.97
CA LYS B 475 18.93 22.47 13.49
C LYS B 475 19.66 21.31 12.82
N ALA B 476 19.31 20.10 13.24
CA ALA B 476 19.83 18.88 12.61
C ALA B 476 18.79 17.78 12.75
N THR B 477 17.88 17.71 11.79
CA THR B 477 16.79 16.73 11.84
C THR B 477 16.98 15.61 10.82
N GLY B 478 16.22 14.54 11.00
CA GLY B 478 16.19 13.44 10.05
C GLY B 478 17.53 12.77 9.81
N MET B 479 18.00 12.82 8.57
CA MET B 479 19.22 12.15 8.15
C MET B 479 20.45 13.00 8.36
N ALA B 480 20.24 14.31 8.51
CA ALA B 480 21.35 15.24 8.67
C ALA B 480 22.37 14.77 9.72
N PRO B 481 21.89 14.39 10.92
CA PRO B 481 22.81 13.94 11.96
C PRO B 481 23.54 12.66 11.57
N VAL B 482 22.90 11.83 10.75
CA VAL B 482 23.51 10.57 10.31
C VAL B 482 24.69 10.81 9.37
N TYR B 483 24.43 11.56 8.30
CA TYR B 483 25.48 11.87 7.34
C TYR B 483 26.65 12.58 8.03
N GLY B 484 26.33 13.31 9.09
CA GLY B 484 27.32 14.09 9.82
C GLY B 484 28.20 13.27 10.74
N MET B 485 27.59 12.27 11.39
CA MET B 485 28.34 11.34 12.23
C MET B 485 29.22 10.47 11.35
N ALA B 486 28.66 10.05 10.22
CA ALA B 486 29.36 9.21 9.28
C ALA B 486 30.65 9.87 8.81
N ALA B 487 30.61 11.19 8.69
CA ALA B 487 31.80 11.94 8.28
C ALA B 487 32.92 11.80 9.31
N ALA B 488 32.57 11.92 10.59
CA ALA B 488 33.56 11.96 11.66
C ALA B 488 33.99 10.60 12.20
N ALA B 489 33.12 9.62 12.11
CA ALA B 489 33.37 8.28 12.66
C ALA B 489 34.60 7.59 12.05
N PRO B 490 35.18 6.63 12.79
CA PRO B 490 36.36 5.91 12.31
C PRO B 490 35.96 4.79 11.37
N PRO B 491 36.73 4.58 10.30
CA PRO B 491 36.43 3.52 9.34
C PRO B 491 35.84 2.26 9.97
N GLU B 492 36.52 1.66 10.92
CA GLU B 492 36.06 0.36 11.43
C GLU B 492 34.73 0.41 12.17
N LEU B 493 34.29 1.60 12.54
CA LEU B 493 33.00 1.75 13.21
C LEU B 493 31.89 1.81 12.15
N VAL B 494 32.13 2.59 11.10
CA VAL B 494 31.20 2.68 9.98
C VAL B 494 31.03 1.31 9.37
N ARG B 495 32.16 0.62 9.15
CA ARG B 495 32.16 -0.71 8.56
C ARG B 495 31.21 -1.63 9.31
N GLN B 496 31.06 -1.41 10.61
CA GLN B 496 30.21 -2.27 11.44
C GLN B 496 28.73 -1.85 11.45
N VAL B 497 28.47 -0.55 11.50
CA VAL B 497 27.10 -0.08 11.54
C VAL B 497 26.41 -0.34 10.20
N LEU B 498 27.16 -0.14 9.11
CA LEU B 498 26.63 -0.36 7.76
C LEU B 498 26.34 -1.84 7.53
N THR B 499 27.21 -2.69 8.08
CA THR B 499 26.99 -4.13 8.04
C THR B 499 25.65 -4.49 8.68
N GLY B 500 25.28 -3.77 9.74
CA GLY B 500 24.01 -4.00 10.40
C GLY B 500 22.86 -3.49 9.56
N PHE B 501 23.12 -2.42 8.81
CA PHE B 501 22.14 -1.82 7.92
C PHE B 501 21.80 -2.73 6.73
N ILE B 502 22.82 -3.39 6.18
CA ILE B 502 22.60 -4.29 5.06
C ILE B 502 21.85 -5.54 5.53
N ASP B 503 21.95 -5.84 6.82
CA ASP B 503 21.24 -6.97 7.42
C ASP B 503 19.78 -6.61 7.64
N LEU B 504 19.53 -5.35 7.97
CA LEU B 504 18.18 -4.83 8.12
C LEU B 504 17.42 -4.87 6.79
N LEU B 505 18.11 -4.61 5.69
CA LEU B 505 17.50 -4.66 4.36
C LEU B 505 16.98 -6.04 4.02
N TYR B 506 17.59 -7.07 4.60
CA TYR B 506 17.29 -8.45 4.22
C TYR B 506 16.35 -9.18 5.19
N GLU B 507 15.73 -8.45 6.11
CA GLU B 507 14.81 -9.03 7.08
C GLU B 507 13.38 -9.16 6.57
N VAL B 508 12.72 -10.24 7.00
CA VAL B 508 11.32 -10.49 6.65
C VAL B 508 10.45 -10.70 7.90
N ILE C 58 -14.96 -4.04 -5.79
CA ILE C 58 -13.87 -5.00 -5.58
C ILE C 58 -13.53 -5.13 -4.09
N LYS C 59 -13.50 -6.37 -3.60
CA LYS C 59 -13.25 -6.66 -2.18
C LYS C 59 -11.83 -7.16 -1.92
N PRO C 60 -10.93 -6.27 -1.46
CA PRO C 60 -9.49 -6.49 -1.32
C PRO C 60 -9.07 -7.57 -0.32
N TYR C 61 -9.80 -7.73 0.78
CA TYR C 61 -9.36 -8.64 1.83
C TYR C 61 -10.14 -9.94 1.89
N ARG C 62 -10.83 -10.29 0.83
CA ARG C 62 -11.64 -11.51 0.82
C ARG C 62 -10.77 -12.74 1.04
N ASP C 63 -9.54 -12.70 0.55
CA ASP C 63 -8.62 -13.83 0.68
C ASP C 63 -7.60 -13.71 1.81
N ARG C 64 -6.97 -12.55 1.95
CA ARG C 64 -5.94 -12.36 2.98
C ARG C 64 -6.44 -12.55 4.42
N PHE C 65 -7.72 -12.29 4.66
CA PHE C 65 -8.28 -12.42 6.01
C PHE C 65 -9.53 -13.30 6.06
N PRO C 66 -9.70 -14.03 7.17
CA PRO C 66 -10.86 -14.88 7.39
C PRO C 66 -12.14 -14.07 7.33
N SER C 67 -13.16 -14.61 6.67
CA SER C 67 -14.46 -13.95 6.62
C SER C 67 -15.40 -14.52 7.69
N HIS C 68 -16.15 -13.63 8.33
CA HIS C 68 -17.05 -14.02 9.41
C HIS C 68 -18.50 -13.78 9.07
N ALA C 69 -19.25 -14.84 8.80
CA ALA C 69 -20.69 -14.72 8.60
C ALA C 69 -21.40 -15.31 9.80
N ARG C 70 -20.61 -15.71 10.80
CA ARG C 70 -21.12 -16.28 12.05
C ARG C 70 -20.22 -15.90 13.22
N LEU C 71 -20.81 -15.65 14.38
CA LEU C 71 -20.03 -15.37 15.56
C LEU C 71 -19.09 -16.53 15.86
N PRO C 72 -17.79 -16.25 16.07
CA PRO C 72 -16.84 -17.29 16.45
C PRO C 72 -17.28 -18.00 17.73
N ARG C 73 -17.29 -19.33 17.73
CA ARG C 73 -17.76 -20.09 18.88
C ARG C 73 -17.11 -19.58 20.16
N ALA C 74 -15.80 -19.31 20.09
CA ALA C 74 -15.10 -18.70 21.20
C ALA C 74 -14.48 -17.39 20.76
N GLY C 75 -14.40 -16.43 21.67
CA GLY C 75 -13.91 -15.10 21.33
C GLY C 75 -12.46 -15.11 20.86
N LEU C 76 -12.18 -14.41 19.76
CA LEU C 76 -10.82 -14.28 19.27
C LEU C 76 -10.05 -13.29 20.15
N PRO C 77 -8.73 -13.45 20.26
CA PRO C 77 -7.92 -12.59 21.15
C PRO C 77 -7.88 -11.13 20.70
N ARG C 78 -7.86 -10.23 21.67
CA ARG C 78 -7.82 -8.81 21.40
C ARG C 78 -6.55 -8.43 20.64
N ALA C 79 -5.44 -9.02 21.03
CA ALA C 79 -4.16 -8.75 20.37
C ALA C 79 -4.24 -9.02 18.87
N GLU C 80 -4.93 -10.10 18.50
CA GLU C 80 -5.05 -10.50 17.10
C GLU C 80 -6.00 -9.60 16.32
N ILE C 81 -7.18 -9.37 16.87
CA ILE C 81 -8.16 -8.50 16.20
C ILE C 81 -7.55 -7.15 15.86
N LEU C 82 -6.82 -6.56 16.80
CA LEU C 82 -6.17 -5.28 16.58
C LEU C 82 -5.15 -5.37 15.44
N ALA C 83 -4.38 -6.46 15.41
CA ALA C 83 -3.36 -6.63 14.39
C ALA C 83 -3.97 -6.71 12.98
N GLU C 84 -5.10 -7.42 12.87
CA GLU C 84 -5.86 -7.52 11.61
C GLU C 84 -6.28 -6.13 11.14
N ILE C 85 -6.80 -5.32 12.06
CA ILE C 85 -7.27 -3.98 11.74
C ILE C 85 -6.12 -3.01 11.43
N ALA C 86 -5.02 -3.13 12.18
CA ALA C 86 -3.86 -2.26 11.99
C ALA C 86 -3.23 -2.48 10.63
N ALA C 87 -3.24 -3.73 10.17
CA ALA C 87 -2.72 -4.12 8.86
C ALA C 87 -3.51 -3.43 7.75
N MET C 88 -4.83 -3.48 7.86
CA MET C 88 -5.71 -2.78 6.93
C MET C 88 -5.45 -1.26 7.00
N GLY C 89 -5.01 -0.79 8.16
CA GLY C 89 -4.71 0.61 8.35
C GLY C 89 -3.51 1.03 7.52
N ALA C 90 -2.48 0.19 7.52
CA ALA C 90 -1.24 0.45 6.77
C ALA C 90 -1.43 0.30 5.26
N ALA C 91 -2.47 -0.43 4.86
CA ALA C 91 -2.79 -0.63 3.44
C ALA C 91 -3.57 0.54 2.85
N GLU C 92 -4.47 1.10 3.63
CA GLU C 92 -5.42 2.12 3.14
C GLU C 92 -5.01 3.56 3.42
N SER C 93 -4.18 3.77 4.44
CA SER C 93 -3.83 5.13 4.85
C SER C 93 -2.81 5.85 3.95
N PRO C 94 -2.00 5.12 3.17
CA PRO C 94 -1.13 5.88 2.27
C PRO C 94 -1.91 6.67 1.22
N ALA C 95 -3.03 6.13 0.74
CA ALA C 95 -3.84 6.78 -0.28
C ALA C 95 -4.27 8.21 0.11
N TRP C 96 -4.87 8.37 1.29
CA TRP C 96 -5.34 9.69 1.72
C TRP C 96 -4.25 10.56 2.33
N ARG C 97 -3.26 9.90 2.95
CA ARG C 97 -2.19 10.61 3.64
C ARG C 97 -1.22 11.33 2.69
N ASP C 98 -0.85 10.64 1.62
CA ASP C 98 0.09 11.20 0.65
C ASP C 98 -0.56 12.20 -0.31
N GLY C 99 -1.87 12.37 -0.18
CA GLY C 99 -2.59 13.44 -0.87
C GLY C 99 -3.32 13.06 -2.13
N TYR C 100 -3.57 11.77 -2.34
CA TYR C 100 -4.20 11.31 -3.58
C TYR C 100 -5.71 11.40 -3.57
N ALA C 101 -6.29 11.68 -2.40
CA ALA C 101 -7.75 11.68 -2.26
C ALA C 101 -8.37 13.08 -2.30
N SER C 102 -9.41 13.23 -3.10
CA SER C 102 -10.21 14.43 -3.09
C SER C 102 -11.17 14.38 -1.89
N GLY C 103 -11.10 15.38 -1.03
CA GLY C 103 -11.89 15.38 0.19
C GLY C 103 -11.51 14.21 1.07
N ALA C 104 -12.52 13.47 1.54
CA ALA C 104 -12.32 12.26 2.34
C ALA C 104 -11.69 12.53 3.73
N VAL C 105 -10.38 12.74 3.73
CA VAL C 105 -9.65 13.14 4.94
C VAL C 105 -9.34 14.64 4.82
N TYR C 106 -9.70 15.40 5.83
CA TYR C 106 -9.64 16.85 5.72
C TYR C 106 -8.43 17.50 6.37
N HIS C 107 -7.90 16.86 7.41
CA HIS C 107 -6.68 17.33 8.06
C HIS C 107 -5.51 16.40 7.77
N GLY C 108 -5.56 15.20 8.33
CA GLY C 108 -4.62 14.15 7.98
C GLY C 108 -3.34 14.11 8.79
N ASP C 109 -2.96 15.23 9.41
CA ASP C 109 -1.71 15.29 10.17
C ASP C 109 -1.74 14.32 11.35
N GLU C 110 -0.74 13.45 11.41
CA GLU C 110 -0.75 12.34 12.34
C GLU C 110 -0.74 12.73 13.81
N HIS C 111 -0.38 13.97 14.11
CA HIS C 111 -0.38 14.44 15.48
C HIS C 111 -1.74 14.99 15.88
N HIS C 112 -2.38 15.66 14.95
CA HIS C 112 -3.74 16.14 15.13
C HIS C 112 -4.70 14.96 15.24
N ILE C 113 -4.38 13.86 14.58
CA ILE C 113 -5.22 12.67 14.64
C ILE C 113 -4.99 11.93 15.97
N ALA C 114 -3.73 11.77 16.35
CA ALA C 114 -3.36 11.14 17.61
C ALA C 114 -3.97 11.90 18.78
N PHE C 115 -4.12 13.21 18.59
CA PHE C 115 -4.70 14.09 19.58
C PHE C 115 -6.20 13.84 19.74
N LEU C 116 -6.92 13.84 18.62
CA LEU C 116 -8.36 13.61 18.65
C LEU C 116 -8.72 12.21 19.12
N ASN C 117 -7.83 11.25 18.86
CA ASN C 117 -8.07 9.89 19.35
C ASN C 117 -8.00 9.80 20.87
N GLU C 118 -7.17 10.65 21.47
CA GLU C 118 -7.10 10.74 22.92
C GLU C 118 -8.40 11.34 23.44
N VAL C 119 -8.88 12.38 22.76
CA VAL C 119 -10.15 12.99 23.09
C VAL C 119 -11.27 11.94 23.04
N TYR C 120 -11.33 11.16 21.97
CA TYR C 120 -12.33 10.11 21.89
C TYR C 120 -12.17 9.14 23.06
N ALA C 121 -10.93 8.73 23.33
CA ALA C 121 -10.66 7.74 24.37
C ALA C 121 -11.15 8.17 25.75
N LEU C 122 -11.00 9.46 26.05
CA LEU C 122 -11.39 9.98 27.36
C LEU C 122 -12.90 10.16 27.48
N GLN C 123 -13.59 10.12 26.35
CA GLN C 123 -15.03 10.35 26.32
C GLN C 123 -15.78 9.17 25.69
N SER C 124 -15.09 8.07 25.48
CA SER C 124 -15.65 6.97 24.71
C SER C 124 -17.04 6.56 25.18
N GLN C 125 -17.28 6.65 26.49
CA GLN C 125 -18.51 6.13 27.08
C GLN C 125 -19.66 7.11 27.01
N SER C 126 -19.36 8.37 26.69
CA SER C 126 -20.36 9.43 26.65
C SER C 126 -21.53 9.13 25.72
N ASN C 127 -22.73 9.36 26.24
CA ASN C 127 -23.97 9.26 25.49
C ASN C 127 -24.83 10.45 25.94
N PRO C 128 -24.95 11.47 25.08
CA PRO C 128 -25.59 12.73 25.48
C PRO C 128 -27.11 12.62 25.58
N LEU C 129 -27.64 11.40 25.53
CA LEU C 129 -29.05 11.17 25.82
C LEU C 129 -29.22 11.35 27.32
N HIS C 130 -28.12 11.18 28.06
CA HIS C 130 -28.10 11.31 29.51
C HIS C 130 -27.24 12.49 29.96
N PRO C 131 -27.80 13.70 29.94
CA PRO C 131 -26.97 14.89 30.22
C PRO C 131 -26.56 14.96 31.69
N ASP C 132 -27.18 14.14 32.53
CA ASP C 132 -26.88 14.17 33.95
C ASP C 132 -25.72 13.24 34.33
N LEU C 133 -25.44 12.26 33.46
CA LEU C 133 -24.32 11.36 33.67
C LEU C 133 -23.04 11.92 33.05
N TRP C 134 -23.18 12.54 31.88
CA TRP C 134 -22.06 13.18 31.19
C TRP C 134 -22.37 14.64 30.89
N PRO C 135 -22.39 15.48 31.94
CA PRO C 135 -22.62 16.92 31.72
C PRO C 135 -21.47 17.53 30.92
N SER C 136 -20.34 16.83 30.85
CA SER C 136 -19.18 17.30 30.10
C SER C 136 -19.50 17.39 28.61
N THR C 137 -20.18 16.37 28.10
CA THR C 137 -20.52 16.31 26.69
C THR C 137 -21.56 17.34 26.32
N ALA C 138 -22.57 17.49 27.17
CA ALA C 138 -23.60 18.50 26.96
C ALA C 138 -22.97 19.90 26.92
N LYS C 139 -21.87 20.07 27.65
CA LYS C 139 -21.13 21.32 27.64
C LYS C 139 -20.46 21.52 26.29
N PHE C 140 -19.71 20.50 25.87
CA PHE C 140 -19.05 20.53 24.57
C PHE C 140 -20.03 20.91 23.47
N GLU C 141 -21.16 20.20 23.42
CA GLU C 141 -22.15 20.46 22.39
C GLU C 141 -22.67 21.90 22.43
N ALA C 142 -22.94 22.41 23.62
CA ALA C 142 -23.41 23.79 23.77
C ALA C 142 -22.39 24.81 23.24
N GLU C 143 -21.11 24.50 23.44
CA GLU C 143 -20.03 25.41 23.07
C GLU C 143 -19.61 25.30 21.60
N VAL C 144 -19.68 24.09 21.03
CA VAL C 144 -19.46 23.93 19.60
C VAL C 144 -20.51 24.72 18.83
N VAL C 145 -21.76 24.59 19.26
CA VAL C 145 -22.88 25.34 18.67
C VAL C 145 -22.73 26.85 18.81
N ALA C 146 -22.18 27.29 19.93
CA ALA C 146 -22.04 28.72 20.20
C ALA C 146 -20.86 29.34 19.45
N MET C 147 -19.71 28.67 19.51
CA MET C 147 -18.52 29.11 18.79
C MET C 147 -18.76 29.13 17.28
N THR C 148 -19.52 28.17 16.81
CA THR C 148 -19.86 28.08 15.39
C THR C 148 -20.84 29.18 15.01
N ALA C 149 -21.80 29.46 15.91
CA ALA C 149 -22.77 30.52 15.68
C ALA C 149 -22.07 31.86 15.51
N HIS C 150 -21.21 32.18 16.46
CA HIS C 150 -20.42 33.41 16.40
C HIS C 150 -19.66 33.52 15.09
N MET C 151 -18.96 32.45 14.74
CA MET C 151 -18.15 32.39 13.53
C MET C 151 -18.93 32.76 12.28
N LEU C 152 -20.20 32.38 12.22
CA LEU C 152 -21.03 32.62 11.04
C LEU C 152 -21.98 33.81 11.25
N GLY C 153 -21.47 34.85 11.91
CA GLY C 153 -22.19 36.10 12.08
C GLY C 153 -23.42 36.00 12.95
N GLY C 154 -23.31 35.28 14.06
CA GLY C 154 -24.45 35.06 14.95
C GLY C 154 -24.77 36.26 15.82
N ASP C 155 -23.79 37.15 15.98
CA ASP C 155 -23.97 38.33 16.81
C ASP C 155 -24.74 39.38 16.01
N ALA C 156 -24.38 39.52 14.73
CA ALA C 156 -25.04 40.45 13.83
C ALA C 156 -26.52 40.10 13.63
N ALA C 157 -27.04 39.21 14.45
CA ALA C 157 -28.43 38.80 14.33
C ALA C 157 -29.20 39.08 15.62
N GLY C 158 -28.51 39.63 16.60
CA GLY C 158 -29.13 40.00 17.85
C GLY C 158 -28.81 39.04 18.99
N GLY C 159 -28.14 37.94 18.66
CA GLY C 159 -27.76 36.96 19.66
C GLY C 159 -28.88 35.98 19.97
N THR C 160 -29.83 35.87 19.06
CA THR C 160 -30.90 34.87 19.19
C THR C 160 -30.54 33.61 18.42
N VAL C 161 -29.40 33.64 17.73
CA VAL C 161 -28.94 32.49 16.96
C VAL C 161 -28.61 31.29 17.86
N CYS C 162 -29.20 30.15 17.52
CA CYS C 162 -29.10 28.94 18.32
C CYS C 162 -29.07 27.73 17.39
N GLY C 163 -28.65 26.59 17.92
CA GLY C 163 -28.63 25.37 17.13
C GLY C 163 -28.47 24.12 17.96
N THR C 164 -28.11 23.02 17.29
CA THR C 164 -27.80 21.77 17.96
C THR C 164 -26.67 21.10 17.19
N VAL C 165 -25.98 20.16 17.83
CA VAL C 165 -24.95 19.40 17.15
C VAL C 165 -25.61 18.15 16.53
N THR C 166 -25.35 17.93 15.24
CA THR C 166 -25.90 16.77 14.55
C THR C 166 -24.80 15.79 14.13
N SER C 167 -25.19 14.75 13.41
CA SER C 167 -24.28 13.68 13.04
C SER C 167 -23.55 13.87 11.69
N GLY C 168 -23.90 14.93 10.96
CA GLY C 168 -23.29 15.19 9.69
C GLY C 168 -24.08 16.18 8.86
N GLY C 169 -23.51 16.60 7.74
CA GLY C 169 -24.18 17.54 6.87
C GLY C 169 -25.59 17.12 6.53
N THR C 170 -25.73 15.86 6.10
CA THR C 170 -27.02 15.36 5.68
C THR C 170 -28.08 15.50 6.78
N GLU C 171 -27.77 15.14 8.01
CA GLU C 171 -28.75 15.29 9.10
C GLU C 171 -29.12 16.76 9.29
N SER C 172 -28.12 17.64 9.29
CA SER C 172 -28.37 19.08 9.39
C SER C 172 -29.42 19.52 8.37
N LEU C 173 -29.14 19.25 7.10
CA LEU C 173 -30.08 19.55 6.01
C LEU C 173 -31.46 18.92 6.25
N LEU C 174 -31.49 17.62 6.51
CA LEU C 174 -32.76 16.94 6.77
C LEU C 174 -33.52 17.62 7.90
N LEU C 175 -32.86 17.82 9.03
CA LEU C 175 -33.49 18.46 10.18
C LEU C 175 -34.10 19.79 9.77
N ALA C 176 -33.30 20.62 9.10
CA ALA C 176 -33.77 21.92 8.63
C ALA C 176 -35.04 21.82 7.80
N MET C 177 -35.01 21.02 6.74
CA MET C 177 -36.19 20.80 5.91
C MET C 177 -37.42 20.42 6.75
N LYS C 178 -37.24 19.51 7.70
CA LYS C 178 -38.33 19.08 8.55
C LYS C 178 -38.85 20.24 9.39
N THR C 179 -37.92 21.06 9.89
CA THR C 179 -38.29 22.24 10.68
C THR C 179 -39.19 23.18 9.88
N TYR C 180 -38.70 23.61 8.72
CA TYR C 180 -39.46 24.52 7.87
C TYR C 180 -40.81 23.93 7.49
N ARG C 181 -40.84 22.62 7.27
CA ARG C 181 -42.10 21.95 6.93
C ARG C 181 -43.11 22.03 8.07
N ASP C 182 -42.63 21.81 9.29
CA ASP C 182 -43.46 21.76 10.49
C ASP C 182 -43.91 23.17 10.90
N TRP C 183 -43.04 24.13 10.66
CA TRP C 183 -43.33 25.53 10.96
C TRP C 183 -44.38 26.05 9.98
N ALA C 184 -44.15 25.83 8.69
CA ALA C 184 -45.08 26.29 7.66
C ALA C 184 -46.50 25.77 7.88
N ARG C 185 -46.63 24.53 8.34
CA ARG C 185 -47.95 23.96 8.56
C ARG C 185 -48.64 24.61 9.75
N ALA C 186 -47.88 24.83 10.82
CA ALA C 186 -48.45 25.37 12.04
C ALA C 186 -48.82 26.85 11.92
N THR C 187 -47.92 27.65 11.35
CA THR C 187 -48.15 29.10 11.26
C THR C 187 -48.89 29.52 9.98
N LYS C 188 -48.36 29.12 8.83
CA LYS C 188 -48.92 29.53 7.55
C LYS C 188 -49.94 28.54 6.97
N GLY C 189 -50.25 27.48 7.71
CA GLY C 189 -51.23 26.49 7.29
C GLY C 189 -50.95 25.73 5.99
N ILE C 190 -49.68 25.66 5.60
CA ILE C 190 -49.29 25.03 4.34
C ILE C 190 -49.16 23.50 4.44
N THR C 191 -50.12 22.78 3.86
CA THR C 191 -50.19 21.34 4.06
C THR C 191 -49.68 20.50 2.88
N ALA C 192 -49.20 21.16 1.84
CA ALA C 192 -48.51 20.47 0.74
C ALA C 192 -47.28 21.26 0.36
N PRO C 193 -46.24 21.19 1.21
CA PRO C 193 -45.10 22.12 1.19
C PRO C 193 -44.22 21.95 -0.03
N GLU C 194 -43.60 23.05 -0.46
CA GLU C 194 -42.63 23.01 -1.54
C GLU C 194 -41.33 23.63 -1.05
N ALA C 195 -40.22 23.19 -1.64
CA ALA C 195 -38.93 23.82 -1.37
C ALA C 195 -38.27 24.10 -2.71
N VAL C 196 -37.55 25.22 -2.78
CA VAL C 196 -36.92 25.64 -4.01
C VAL C 196 -35.43 25.83 -3.83
N VAL C 197 -34.65 24.99 -4.51
CA VAL C 197 -33.20 25.05 -4.42
C VAL C 197 -32.60 24.95 -5.82
N PRO C 198 -31.34 25.37 -5.98
CA PRO C 198 -30.64 25.21 -7.25
C PRO C 198 -30.43 23.73 -7.57
N VAL C 199 -30.14 23.44 -8.83
CA VAL C 199 -29.93 22.06 -9.25
C VAL C 199 -28.56 21.58 -8.75
N SER C 200 -27.78 22.52 -8.22
CA SER C 200 -26.47 22.18 -7.65
C SER C 200 -26.53 21.90 -6.15
N ALA C 201 -27.62 22.32 -5.49
CA ALA C 201 -27.82 22.01 -4.07
C ALA C 201 -27.63 20.53 -3.83
N HIS C 202 -27.13 20.18 -2.65
CA HIS C 202 -26.74 18.78 -2.36
C HIS C 202 -27.88 17.75 -2.49
N ALA C 203 -27.52 16.55 -2.92
CA ALA C 203 -28.49 15.47 -3.08
C ALA C 203 -29.22 15.14 -1.79
N ALA C 204 -28.69 15.61 -0.67
CA ALA C 204 -29.34 15.41 0.62
C ALA C 204 -30.70 16.07 0.65
N PHE C 205 -30.88 17.08 -0.21
CA PHE C 205 -32.16 17.78 -0.32
C PHE C 205 -33.24 16.88 -0.90
N ASP C 206 -32.89 16.09 -1.92
CA ASP C 206 -33.84 15.14 -2.49
C ASP C 206 -34.27 14.15 -1.41
N LYS C 207 -33.31 13.72 -0.60
CA LYS C 207 -33.53 12.79 0.49
C LYS C 207 -34.59 13.35 1.43
N ALA C 208 -34.47 14.62 1.79
CA ALA C 208 -35.45 15.27 2.64
C ALA C 208 -36.81 15.34 1.95
N ALA C 209 -36.80 15.62 0.66
CA ALA C 209 -38.04 15.65 -0.10
C ALA C 209 -38.79 14.33 0.04
N GLN C 210 -38.09 13.22 -0.18
CA GLN C 210 -38.71 11.89 -0.14
C GLN C 210 -39.18 11.52 1.27
N TYR C 211 -38.34 11.78 2.26
CA TYR C 211 -38.64 11.40 3.64
C TYR C 211 -39.86 12.13 4.20
N PHE C 212 -39.84 13.45 4.09
CA PHE C 212 -40.77 14.30 4.81
C PHE C 212 -41.98 14.72 3.99
N GLY C 213 -41.99 14.34 2.71
CA GLY C 213 -43.12 14.65 1.84
C GLY C 213 -43.16 16.11 1.41
N ILE C 214 -42.01 16.63 1.02
CA ILE C 214 -41.90 17.98 0.49
C ILE C 214 -41.68 17.89 -1.01
N LYS C 215 -42.40 18.70 -1.78
CA LYS C 215 -42.18 18.78 -3.22
C LYS C 215 -40.97 19.67 -3.51
N LEU C 216 -39.90 19.05 -3.99
CA LEU C 216 -38.67 19.78 -4.25
C LEU C 216 -38.62 20.26 -5.69
N VAL C 217 -38.31 21.55 -5.86
CA VAL C 217 -38.22 22.15 -7.18
C VAL C 217 -36.81 22.67 -7.45
N ARG C 218 -36.15 22.13 -8.46
CA ARG C 218 -34.77 22.53 -8.72
C ARG C 218 -34.65 23.51 -9.88
N THR C 219 -34.09 24.68 -9.60
CA THR C 219 -33.93 25.73 -10.62
C THR C 219 -32.60 25.60 -11.35
N PRO C 220 -32.50 26.18 -12.56
CA PRO C 220 -31.27 26.07 -13.36
C PRO C 220 -30.18 27.05 -12.91
N LEU C 221 -28.98 26.88 -13.45
CA LEU C 221 -27.85 27.74 -13.12
C LEU C 221 -27.53 28.71 -14.26
N ASP C 222 -26.59 29.61 -14.04
CA ASP C 222 -26.15 30.53 -15.11
C ASP C 222 -24.82 30.10 -15.73
N ALA C 223 -24.12 31.04 -16.35
CA ALA C 223 -22.87 30.75 -17.03
C ALA C 223 -21.72 30.42 -16.09
N ASP C 224 -21.77 30.97 -14.87
CA ASP C 224 -20.74 30.76 -13.86
C ASP C 224 -21.06 29.56 -12.99
N TYR C 225 -22.14 28.87 -13.35
CA TYR C 225 -22.62 27.72 -12.58
C TYR C 225 -23.12 28.10 -11.19
N ARG C 226 -23.37 29.40 -10.99
CA ARG C 226 -24.03 29.88 -9.79
C ARG C 226 -25.53 29.85 -10.02
N ALA C 227 -26.30 29.96 -8.93
CA ALA C 227 -27.75 29.84 -9.02
C ALA C 227 -28.35 30.95 -9.87
N ASP C 228 -29.46 30.64 -10.52
CA ASP C 228 -30.20 31.62 -11.30
C ASP C 228 -31.31 32.21 -10.42
N VAL C 229 -31.04 33.36 -9.82
CA VAL C 229 -31.94 33.95 -8.82
C VAL C 229 -33.34 34.26 -9.37
N ALA C 230 -33.41 34.52 -10.67
CA ALA C 230 -34.68 34.80 -11.33
C ALA C 230 -35.59 33.57 -11.36
N ALA C 231 -35.04 32.46 -11.87
CA ALA C 231 -35.81 31.23 -12.00
C ALA C 231 -36.30 30.74 -10.64
N MET C 232 -35.64 31.17 -9.58
CA MET C 232 -36.07 30.83 -8.24
C MET C 232 -37.35 31.59 -7.89
N ARG C 233 -37.36 32.89 -8.16
CA ARG C 233 -38.56 33.71 -7.97
C ARG C 233 -39.72 33.11 -8.74
N GLU C 234 -39.44 32.70 -9.98
CA GLU C 234 -40.46 32.12 -10.84
C GLU C 234 -41.15 30.90 -10.27
N ALA C 235 -40.38 30.06 -9.58
CA ALA C 235 -40.90 28.77 -9.08
C ALA C 235 -41.53 28.87 -7.69
N ILE C 236 -41.39 30.01 -7.03
CA ILE C 236 -42.00 30.20 -5.72
C ILE C 236 -43.52 30.29 -5.84
N THR C 237 -44.19 29.51 -5.00
CA THR C 237 -45.65 29.54 -4.93
C THR C 237 -46.05 29.92 -3.51
N PRO C 238 -47.36 29.99 -3.22
CA PRO C 238 -47.76 30.29 -1.84
C PRO C 238 -47.50 29.10 -0.90
N ASN C 239 -47.26 27.93 -1.50
CA ASN C 239 -46.96 26.72 -0.73
C ASN C 239 -45.47 26.50 -0.49
N THR C 240 -44.64 27.33 -1.12
CA THR C 240 -43.20 27.29 -0.89
C THR C 240 -42.85 27.70 0.53
N VAL C 241 -42.12 26.83 1.23
CA VAL C 241 -41.82 27.03 2.64
C VAL C 241 -40.35 27.38 2.90
N VAL C 242 -39.52 27.25 1.88
CA VAL C 242 -38.09 27.51 2.04
C VAL C 242 -37.35 27.54 0.71
N VAL C 243 -36.29 28.35 0.66
CA VAL C 243 -35.39 28.34 -0.47
C VAL C 243 -33.98 28.14 0.08
N ALA C 244 -33.08 27.61 -0.74
CA ALA C 244 -31.75 27.32 -0.25
C ALA C 244 -30.67 27.75 -1.23
N GLY C 245 -29.48 28.01 -0.69
CA GLY C 245 -28.33 28.36 -1.49
C GLY C 245 -27.13 27.65 -0.91
N SER C 246 -26.22 27.22 -1.77
CA SER C 246 -25.06 26.46 -1.34
C SER C 246 -23.81 27.35 -1.26
N ALA C 247 -23.02 27.18 -0.20
CA ALA C 247 -21.90 28.08 0.05
C ALA C 247 -20.68 27.33 0.55
N PRO C 248 -19.99 26.61 -0.35
CA PRO C 248 -20.31 26.44 -1.76
C PRO C 248 -21.12 25.17 -1.97
N GLY C 249 -21.67 24.99 -3.17
CA GLY C 249 -22.27 23.73 -3.55
C GLY C 249 -21.17 22.70 -3.70
N TYR C 250 -21.51 21.44 -3.52
CA TYR C 250 -20.51 20.37 -3.62
C TYR C 250 -20.00 20.15 -5.03
N PRO C 251 -20.89 20.19 -6.04
CA PRO C 251 -20.47 19.89 -7.41
C PRO C 251 -19.31 20.73 -7.94
N HIS C 252 -19.44 22.05 -7.89
CA HIS C 252 -18.50 22.91 -8.60
C HIS C 252 -17.69 23.83 -7.71
N GLY C 253 -18.01 23.86 -6.42
CA GLY C 253 -17.24 24.65 -5.47
C GLY C 253 -17.56 26.14 -5.53
N VAL C 254 -18.64 26.48 -6.22
CA VAL C 254 -19.03 27.88 -6.37
C VAL C 254 -20.10 28.25 -5.37
N VAL C 255 -20.09 29.52 -4.96
CA VAL C 255 -21.02 30.02 -3.96
C VAL C 255 -22.20 30.70 -4.62
N ASP C 256 -23.39 30.13 -4.47
CA ASP C 256 -24.62 30.73 -4.97
C ASP C 256 -24.75 32.16 -4.43
N PRO C 257 -25.55 33.01 -5.10
CA PRO C 257 -25.74 34.41 -4.69
C PRO C 257 -26.60 34.49 -3.44
N ILE C 258 -25.99 34.25 -2.27
CA ILE C 258 -26.73 34.18 -1.02
C ILE C 258 -27.46 35.48 -0.67
N PRO C 259 -26.76 36.63 -0.75
CA PRO C 259 -27.42 37.89 -0.41
C PRO C 259 -28.73 38.05 -1.18
N GLU C 260 -28.68 37.76 -2.47
CA GLU C 260 -29.84 37.89 -3.35
C GLU C 260 -30.94 36.88 -3.00
N ILE C 261 -30.55 35.62 -2.80
CA ILE C 261 -31.51 34.57 -2.43
C ILE C 261 -32.13 34.86 -1.08
N ALA C 262 -31.28 35.25 -0.12
CA ALA C 262 -31.73 35.61 1.21
C ALA C 262 -32.77 36.72 1.16
N ALA C 263 -32.51 37.75 0.36
CA ALA C 263 -33.45 38.84 0.17
C ALA C 263 -34.76 38.35 -0.47
N LEU C 264 -34.65 37.56 -1.53
CA LEU C 264 -35.80 36.96 -2.19
C LEU C 264 -36.67 36.23 -1.16
N ALA C 265 -36.02 35.62 -0.17
CA ALA C 265 -36.74 34.86 0.84
C ALA C 265 -37.49 35.76 1.81
N ALA C 266 -36.78 36.71 2.42
CA ALA C 266 -37.39 37.66 3.34
C ALA C 266 -38.59 38.35 2.69
N GLU C 267 -38.50 38.56 1.38
CA GLU C 267 -39.56 39.17 0.59
C GLU C 267 -40.89 38.40 0.72
N HIS C 268 -40.85 37.10 0.45
CA HIS C 268 -42.06 36.27 0.50
C HIS C 268 -42.38 35.70 1.88
N GLY C 269 -41.66 36.16 2.90
CA GLY C 269 -41.91 35.73 4.27
C GLY C 269 -41.69 34.24 4.54
N ILE C 270 -40.75 33.65 3.81
CA ILE C 270 -40.38 32.25 4.00
C ILE C 270 -38.93 32.11 4.46
N GLY C 271 -38.49 30.86 4.63
CA GLY C 271 -37.15 30.59 5.10
C GLY C 271 -36.11 30.57 3.99
N CYS C 272 -34.87 30.84 4.36
CA CYS C 272 -33.74 30.68 3.46
C CYS C 272 -32.67 29.88 4.18
N HIS C 273 -32.35 28.70 3.67
CA HIS C 273 -31.31 27.90 4.31
C HIS C 273 -30.00 27.97 3.52
N VAL C 274 -28.91 28.20 4.23
CA VAL C 274 -27.60 28.21 3.59
C VAL C 274 -26.80 26.94 3.87
N ASP C 275 -26.67 26.10 2.84
CA ASP C 275 -25.89 24.86 2.94
C ASP C 275 -24.38 25.18 2.94
N ALA C 276 -23.88 25.57 4.10
CA ALA C 276 -22.45 25.87 4.25
C ALA C 276 -21.71 24.68 4.84
N CYS C 277 -22.19 23.47 4.56
CA CYS C 277 -21.56 22.28 5.11
C CYS C 277 -20.10 22.18 4.68
N LEU C 278 -19.81 22.65 3.47
CA LEU C 278 -18.43 22.62 2.99
C LEU C 278 -17.70 23.91 3.36
N GLY C 279 -18.41 25.04 3.28
CA GLY C 279 -17.78 26.34 3.40
C GLY C 279 -17.80 26.99 4.78
N GLY C 280 -18.63 26.47 5.68
CA GLY C 280 -18.74 27.05 7.01
C GLY C 280 -17.41 27.40 7.65
N PHE C 281 -16.45 26.48 7.58
CA PHE C 281 -15.16 26.65 8.25
C PHE C 281 -14.06 27.06 7.29
N ILE C 282 -14.45 27.51 6.10
CA ILE C 282 -13.50 27.98 5.09
C ILE C 282 -13.79 29.42 4.69
N LEU C 283 -15.06 29.71 4.41
CA LEU C 283 -15.44 31.03 3.90
C LEU C 283 -15.16 32.21 4.84
N PRO C 284 -15.45 32.06 6.15
CA PRO C 284 -15.23 33.20 7.05
C PRO C 284 -13.76 33.60 7.14
N TRP C 285 -12.86 32.63 6.94
CA TRP C 285 -11.42 32.89 7.02
C TRP C 285 -10.88 33.37 5.68
N ALA C 286 -11.50 32.92 4.60
CA ALA C 286 -11.12 33.38 3.27
C ALA C 286 -11.47 34.86 3.12
N GLU C 287 -12.54 35.27 3.81
CA GLU C 287 -13.00 36.66 3.78
C GLU C 287 -12.00 37.59 4.44
N ARG C 288 -11.44 37.15 5.57
CA ARG C 288 -10.46 37.91 6.33
C ARG C 288 -9.07 37.85 5.71
N LEU C 289 -8.87 36.88 4.83
CA LEU C 289 -7.61 36.76 4.08
C LEU C 289 -7.68 37.63 2.83
N GLY C 290 -8.78 38.37 2.70
CA GLY C 290 -8.95 39.31 1.60
C GLY C 290 -9.35 38.70 0.27
N TYR C 291 -10.23 37.71 0.32
CA TYR C 291 -10.74 37.07 -0.90
C TYR C 291 -12.13 37.62 -1.26
N PRO C 292 -12.58 37.37 -2.50
CA PRO C 292 -13.90 37.82 -2.97
C PRO C 292 -15.03 36.93 -2.47
N VAL C 293 -15.42 37.09 -1.20
CA VAL C 293 -16.56 36.36 -0.68
C VAL C 293 -17.59 37.30 -0.05
N PRO C 294 -18.78 37.39 -0.69
CA PRO C 294 -19.89 38.17 -0.15
C PRO C 294 -20.32 37.59 1.19
N PRO C 295 -21.12 38.33 1.96
CA PRO C 295 -21.69 37.74 3.19
C PRO C 295 -22.59 36.56 2.83
N PHE C 296 -22.35 35.41 3.44
CA PHE C 296 -23.07 34.19 3.09
C PHE C 296 -23.88 33.67 4.27
N ASP C 297 -23.66 34.26 5.43
CA ASP C 297 -24.18 33.72 6.68
C ASP C 297 -25.33 34.52 7.28
N PHE C 298 -25.22 34.79 8.58
CA PHE C 298 -26.29 35.43 9.32
C PHE C 298 -26.21 36.96 9.29
N ARG C 299 -25.15 37.47 8.69
CA ARG C 299 -25.06 38.91 8.49
C ARG C 299 -26.26 39.36 7.67
N LEU C 300 -26.58 38.59 6.64
CA LEU C 300 -27.77 38.80 5.81
C LEU C 300 -29.02 38.51 6.63
N GLU C 301 -30.03 39.38 6.52
CA GLU C 301 -31.20 39.27 7.39
C GLU C 301 -32.19 38.21 6.92
N GLY C 302 -32.20 37.94 5.62
CA GLY C 302 -33.12 36.96 5.06
C GLY C 302 -32.80 35.53 5.48
N VAL C 303 -31.53 35.27 5.77
CA VAL C 303 -31.04 33.94 6.10
C VAL C 303 -31.54 33.48 7.47
N THR C 304 -32.40 32.46 7.46
CA THR C 304 -33.04 31.96 8.68
C THR C 304 -32.33 30.75 9.31
N SER C 305 -31.57 30.01 8.51
CA SER C 305 -30.79 28.87 9.01
C SER C 305 -29.53 28.62 8.20
N VAL C 306 -28.54 28.01 8.85
CA VAL C 306 -27.29 27.65 8.19
C VAL C 306 -26.78 26.31 8.72
N SER C 307 -26.19 25.49 7.85
CA SER C 307 -25.57 24.25 8.30
C SER C 307 -24.07 24.25 8.00
N ALA C 308 -23.28 23.74 8.95
CA ALA C 308 -21.83 23.69 8.77
C ALA C 308 -21.27 22.40 9.35
N ASP C 309 -20.28 21.83 8.66
CA ASP C 309 -19.69 20.55 9.05
C ASP C 309 -18.39 20.68 9.84
N THR C 310 -18.47 20.39 11.14
CA THR C 310 -17.29 20.38 11.98
C THR C 310 -16.37 19.21 11.65
N HIS C 311 -16.89 18.23 10.92
CA HIS C 311 -16.08 17.06 10.58
C HIS C 311 -15.41 17.20 9.21
N ALA C 312 -15.81 18.24 8.48
CA ALA C 312 -15.16 18.56 7.21
C ALA C 312 -14.00 19.51 7.46
N TYR C 313 -14.19 20.78 7.14
CA TYR C 313 -13.13 21.76 7.29
C TYR C 313 -13.03 22.33 8.70
N GLY C 314 -13.80 21.75 9.63
CA GLY C 314 -13.69 22.08 11.04
C GLY C 314 -12.61 21.23 11.67
N TYR C 315 -12.21 20.20 10.94
CA TYR C 315 -11.12 19.30 11.34
C TYR C 315 -11.42 18.49 12.60
N GLY C 316 -12.71 18.36 12.92
CA GLY C 316 -13.13 17.40 13.92
C GLY C 316 -12.97 16.01 13.35
N ALA C 317 -13.38 15.00 14.12
CA ALA C 317 -13.41 13.64 13.59
C ALA C 317 -14.77 13.40 12.97
N LYS C 318 -14.87 12.42 12.08
CA LYS C 318 -16.08 12.19 11.30
C LYS C 318 -17.28 11.87 12.18
N GLY C 319 -18.42 12.50 11.87
CA GLY C 319 -19.66 12.21 12.57
C GLY C 319 -20.22 13.35 13.40
N THR C 320 -19.82 14.57 13.08
CA THR C 320 -20.38 15.76 13.73
C THR C 320 -20.70 16.87 12.74
N SER C 321 -21.64 17.71 13.12
CA SER C 321 -22.04 18.83 12.28
C SER C 321 -22.92 19.75 13.10
N VAL C 322 -23.05 20.99 12.65
CA VAL C 322 -23.90 21.94 13.35
C VAL C 322 -25.03 22.45 12.46
N ILE C 323 -26.23 22.50 13.02
CA ILE C 323 -27.34 23.20 12.37
C ILE C 323 -27.66 24.40 13.24
N LEU C 324 -27.75 25.57 12.61
CA LEU C 324 -28.00 26.82 13.30
C LEU C 324 -29.27 27.49 12.80
N TYR C 325 -30.09 28.00 13.72
CA TYR C 325 -31.28 28.76 13.34
C TYR C 325 -31.17 30.20 13.83
N ARG C 326 -31.82 31.11 13.13
CA ARG C 326 -31.74 32.53 13.48
C ARG C 326 -32.47 32.87 14.79
N ARG C 327 -33.65 32.31 14.98
CA ARG C 327 -34.42 32.54 16.20
C ARG C 327 -34.80 31.21 16.85
N PRO C 328 -34.99 31.21 18.18
CA PRO C 328 -35.35 29.97 18.89
C PRO C 328 -36.74 29.45 18.50
N ASP C 329 -37.66 30.33 18.13
CA ASP C 329 -39.01 29.89 17.78
C ASP C 329 -38.99 28.95 16.56
N LEU C 330 -37.85 28.95 15.87
CA LEU C 330 -37.63 28.14 14.69
C LEU C 330 -37.05 26.78 15.09
N LEU C 331 -35.91 26.83 15.77
CA LEU C 331 -35.28 25.66 16.39
C LEU C 331 -36.32 24.73 17.04
N HIS C 332 -37.26 25.30 17.78
CA HIS C 332 -38.21 24.50 18.56
C HIS C 332 -39.04 23.51 17.74
N TYR C 333 -39.20 23.74 16.44
CA TYR C 333 -39.95 22.81 15.61
C TYR C 333 -39.13 21.57 15.27
N GLN C 334 -37.86 21.60 15.65
CA GLN C 334 -36.94 20.50 15.41
C GLN C 334 -37.02 19.46 16.53
N TYR C 335 -37.06 19.94 17.78
CA TYR C 335 -37.13 19.04 18.94
C TYR C 335 -38.24 18.01 18.81
N PHE C 336 -37.94 16.77 19.18
CA PHE C 336 -38.97 15.75 19.29
C PHE C 336 -39.28 15.50 20.76
N ILE C 337 -40.55 15.50 21.10
CA ILE C 337 -40.95 15.24 22.48
C ILE C 337 -42.18 14.31 22.57
N ALA C 338 -42.12 13.37 23.50
CA ALA C 338 -43.24 12.49 23.80
C ALA C 338 -43.49 12.51 25.29
N ALA C 339 -44.72 12.82 25.69
CA ALA C 339 -45.09 12.89 27.11
C ALA C 339 -46.02 11.75 27.53
N ASP C 340 -46.65 11.12 26.54
CA ASP C 340 -47.71 10.13 26.79
C ASP C 340 -47.20 8.69 26.82
N TRP C 341 -45.88 8.54 26.75
CA TRP C 341 -45.25 7.23 26.63
C TRP C 341 -44.99 6.60 28.00
N PRO C 342 -45.37 5.32 28.15
CA PRO C 342 -45.12 4.58 29.40
C PRO C 342 -43.63 4.52 29.77
N GLY C 343 -42.75 4.87 28.85
CA GLY C 343 -41.32 4.86 29.11
C GLY C 343 -40.86 6.12 29.81
N GLY C 344 -41.81 7.01 30.09
CA GLY C 344 -41.52 8.23 30.79
C GLY C 344 -41.37 9.43 29.86
N LEU C 345 -40.73 10.46 30.38
CA LEU C 345 -40.43 11.63 29.58
C LEU C 345 -39.29 11.29 28.66
N TYR C 346 -39.45 11.61 27.38
CA TYR C 346 -38.43 11.35 26.38
C TYR C 346 -38.38 12.48 25.36
N PHE C 347 -37.20 13.03 25.16
CA PHE C 347 -37.01 14.11 24.21
C PHE C 347 -35.68 13.92 23.51
N SER C 348 -35.56 14.46 22.30
CA SER C 348 -34.27 14.49 21.64
C SER C 348 -34.23 15.68 20.71
N PRO C 349 -33.09 16.39 20.71
CA PRO C 349 -32.88 17.55 19.84
C PRO C 349 -32.86 17.14 18.37
N THR C 350 -32.23 16.00 18.08
CA THR C 350 -32.00 15.58 16.71
C THR C 350 -32.76 14.29 16.37
N PHE C 351 -32.32 13.62 15.30
CA PHE C 351 -32.88 12.35 14.86
C PHE C 351 -32.59 11.23 15.83
N ALA C 352 -31.35 11.19 16.30
CA ALA C 352 -30.89 10.07 17.10
C ALA C 352 -31.40 10.12 18.54
N GLY C 353 -31.46 8.95 19.17
CA GLY C 353 -31.63 8.85 20.60
C GLY C 353 -30.26 8.80 21.23
N SER C 354 -29.71 7.60 21.36
CA SER C 354 -28.34 7.44 21.81
C SER C 354 -27.37 7.97 20.75
N ARG C 355 -26.44 8.80 21.16
CA ARG C 355 -25.44 9.37 20.27
C ARG C 355 -24.05 9.03 20.79
N PRO C 356 -23.04 9.12 19.90
CA PRO C 356 -21.64 9.01 20.33
C PRO C 356 -21.20 10.35 20.90
N GLY C 357 -21.24 10.47 22.23
CA GLY C 357 -20.86 11.73 22.85
C GLY C 357 -19.44 12.14 22.50
N ALA C 358 -18.57 11.16 22.34
CA ALA C 358 -17.16 11.39 22.13
C ALA C 358 -16.88 12.20 20.87
N LEU C 359 -17.73 12.00 19.85
CA LEU C 359 -17.53 12.72 18.59
C LEU C 359 -17.84 14.20 18.74
N SER C 360 -18.76 14.53 19.65
CA SER C 360 -19.03 15.92 20.01
C SER C 360 -17.83 16.53 20.72
N ALA C 361 -17.10 15.70 21.45
CA ALA C 361 -15.88 16.11 22.12
C ALA C 361 -14.79 16.42 21.10
N THR C 362 -14.63 15.56 20.10
CA THR C 362 -13.55 15.75 19.13
C THR C 362 -13.77 17.02 18.31
N ALA C 363 -15.02 17.40 18.12
CA ALA C 363 -15.34 18.61 17.38
C ALA C 363 -14.96 19.81 18.22
N TRP C 364 -15.36 19.78 19.49
CA TRP C 364 -15.05 20.82 20.46
C TRP C 364 -13.53 20.97 20.63
N ALA C 365 -12.86 19.85 20.85
CA ALA C 365 -11.41 19.85 21.07
C ALA C 365 -10.62 20.36 19.87
N ALA C 366 -11.07 20.00 18.67
CA ALA C 366 -10.40 20.44 17.44
C ALA C 366 -10.55 21.96 17.23
N MET C 367 -11.72 22.50 17.57
CA MET C 367 -11.99 23.94 17.44
C MET C 367 -11.13 24.74 18.42
N LEU C 368 -10.97 24.23 19.63
CA LEU C 368 -10.15 24.90 20.63
C LEU C 368 -8.65 24.79 20.32
N SER C 369 -8.23 23.64 19.80
CA SER C 369 -6.80 23.43 19.53
C SER C 369 -6.32 24.27 18.35
N LEU C 370 -7.27 24.70 17.53
CA LEU C 370 -6.96 25.51 16.35
C LEU C 370 -7.17 27.00 16.61
N GLY C 371 -8.38 27.36 17.07
CA GLY C 371 -8.71 28.76 17.28
C GLY C 371 -8.64 29.54 15.98
N GLU C 372 -8.96 30.82 16.02
CA GLU C 372 -9.02 31.63 14.81
C GLU C 372 -7.71 31.62 14.03
N GLU C 373 -6.59 31.38 14.74
CA GLU C 373 -5.28 31.30 14.09
C GLU C 373 -5.14 30.04 13.23
N GLY C 374 -5.36 28.89 13.83
CA GLY C 374 -5.24 27.62 13.15
C GLY C 374 -6.11 27.49 11.93
N TYR C 375 -7.27 28.15 11.95
CA TYR C 375 -8.19 28.13 10.81
C TYR C 375 -7.71 29.09 9.74
N LEU C 376 -7.33 30.27 10.18
CA LEU C 376 -6.79 31.26 9.27
C LEU C 376 -5.57 30.70 8.54
N ASP C 377 -4.72 29.98 9.28
CA ASP C 377 -3.52 29.38 8.71
C ASP C 377 -3.90 28.27 7.72
N ALA C 378 -4.69 27.32 8.19
CA ALA C 378 -5.13 26.22 7.36
C ALA C 378 -5.80 26.72 6.09
N THR C 379 -6.76 27.64 6.23
CA THR C 379 -7.48 28.20 5.10
C THR C 379 -6.56 28.84 4.05
N ARG C 380 -5.50 29.47 4.50
CA ARG C 380 -4.55 30.11 3.60
C ARG C 380 -3.78 29.07 2.81
N ARG C 381 -3.27 28.06 3.51
CA ARG C 381 -2.48 27.00 2.89
C ARG C 381 -3.30 26.22 1.85
N ILE C 382 -4.61 26.12 2.07
CA ILE C 382 -5.52 25.45 1.15
C ILE C 382 -5.83 26.32 -0.07
N LEU C 383 -6.27 27.55 0.17
CA LEU C 383 -6.61 28.48 -0.92
C LEU C 383 -5.39 28.82 -1.79
N GLN C 384 -4.21 28.77 -1.19
CA GLN C 384 -2.95 28.99 -1.91
C GLN C 384 -2.71 27.85 -2.89
N ALA C 385 -2.82 26.63 -2.38
CA ALA C 385 -2.71 25.43 -3.20
C ALA C 385 -3.78 25.42 -4.29
N ALA C 386 -4.94 25.96 -3.96
CA ALA C 386 -6.06 26.01 -4.92
C ALA C 386 -5.74 26.92 -6.10
N ASP C 387 -5.54 28.21 -5.82
CA ASP C 387 -5.21 29.19 -6.85
C ASP C 387 -4.07 28.70 -7.73
N ARG C 388 -3.17 27.94 -7.12
CA ARG C 388 -1.98 27.45 -7.78
C ARG C 388 -2.28 26.27 -8.70
N LEU C 389 -3.26 25.46 -8.31
CA LEU C 389 -3.70 24.33 -9.11
C LEU C 389 -4.57 24.81 -10.27
N LYS C 390 -5.38 25.83 -10.03
CA LYS C 390 -6.28 26.37 -11.04
C LYS C 390 -5.48 26.99 -12.18
N ALA C 391 -4.41 27.69 -11.83
CA ALA C 391 -3.52 28.29 -12.82
C ALA C 391 -2.91 27.19 -13.69
N GLY C 392 -2.50 26.10 -13.06
CA GLY C 392 -1.90 24.97 -13.76
C GLY C 392 -2.89 24.26 -14.66
N VAL C 393 -4.18 24.36 -14.35
CA VAL C 393 -5.22 23.73 -15.15
C VAL C 393 -5.63 24.58 -16.36
N ARG C 394 -5.83 25.87 -16.15
CA ARG C 394 -6.15 26.77 -17.25
C ARG C 394 -5.01 26.79 -18.25
N ALA C 395 -3.78 26.65 -17.74
CA ALA C 395 -2.59 26.58 -18.57
C ALA C 395 -2.63 25.42 -19.57
N ILE C 396 -3.24 24.31 -19.17
CA ILE C 396 -3.41 23.17 -20.06
C ILE C 396 -4.55 23.41 -21.05
N PRO C 397 -4.25 23.25 -22.35
CA PRO C 397 -5.07 23.67 -23.51
C PRO C 397 -6.49 23.10 -23.54
N SER C 398 -6.63 21.78 -23.43
CA SER C 398 -7.92 21.12 -23.65
C SER C 398 -8.92 21.27 -22.49
N LEU C 399 -8.41 21.52 -21.28
CA LEU C 399 -9.23 21.58 -20.08
C LEU C 399 -9.77 22.97 -19.78
N LYS C 400 -10.94 23.01 -19.16
CA LYS C 400 -11.50 24.25 -18.61
C LYS C 400 -12.01 23.99 -17.19
N ILE C 401 -12.08 25.03 -16.39
CA ILE C 401 -12.62 24.95 -15.04
C ILE C 401 -14.05 25.45 -15.04
N LEU C 402 -14.92 24.80 -14.25
CA LEU C 402 -16.32 25.19 -14.19
C LEU C 402 -16.55 26.31 -13.18
N GLY C 403 -17.11 27.42 -13.64
CA GLY C 403 -17.37 28.56 -12.79
C GLY C 403 -16.10 29.12 -12.18
N ASP C 404 -16.24 29.82 -11.06
CA ASP C 404 -15.08 30.35 -10.35
C ASP C 404 -14.96 29.84 -8.90
N PRO C 405 -14.41 28.62 -8.74
CA PRO C 405 -14.27 27.96 -7.44
C PRO C 405 -13.13 28.56 -6.66
N LEU C 406 -13.21 28.50 -5.34
CA LEU C 406 -12.12 28.97 -4.50
C LEU C 406 -11.18 27.84 -4.11
N TRP C 407 -11.73 26.68 -3.77
CA TRP C 407 -10.91 25.53 -3.38
C TRP C 407 -11.46 24.16 -3.79
N VAL C 408 -12.72 24.11 -4.24
CA VAL C 408 -13.28 22.87 -4.79
C VAL C 408 -13.36 22.96 -6.32
N ILE C 409 -12.41 22.33 -7.00
CA ILE C 409 -12.21 22.54 -8.43
C ILE C 409 -12.87 21.50 -9.34
N ALA C 410 -13.87 21.92 -10.10
CA ALA C 410 -14.51 21.05 -11.08
C ALA C 410 -13.94 21.27 -12.49
N VAL C 411 -13.16 20.32 -12.98
CA VAL C 411 -12.50 20.45 -14.28
C VAL C 411 -13.15 19.63 -15.39
N ALA C 412 -13.48 20.30 -16.50
CA ALA C 412 -14.15 19.67 -17.63
C ALA C 412 -13.38 19.83 -18.95
N SER C 413 -13.87 19.20 -20.00
CA SER C 413 -13.27 19.35 -21.32
C SER C 413 -14.31 19.33 -22.43
N ASP C 414 -14.12 20.20 -23.42
CA ASP C 414 -15.02 20.31 -24.56
C ASP C 414 -14.58 19.40 -25.70
N GLU C 415 -13.27 19.16 -25.78
CA GLU C 415 -12.68 18.41 -26.88
C GLU C 415 -12.48 16.95 -26.52
N LEU C 416 -12.03 16.69 -25.30
CA LEU C 416 -11.70 15.33 -24.88
C LEU C 416 -12.78 14.68 -24.01
N ASN C 417 -12.66 13.38 -23.83
CA ASN C 417 -13.52 12.62 -22.92
C ASN C 417 -13.01 12.73 -21.49
N ILE C 418 -13.54 13.68 -20.74
CA ILE C 418 -13.04 13.98 -19.41
C ILE C 418 -12.96 12.77 -18.49
N TYR C 419 -13.77 11.75 -18.75
CA TYR C 419 -13.79 10.57 -17.89
C TYR C 419 -12.56 9.69 -18.06
N GLN C 420 -11.96 9.73 -19.25
CA GLN C 420 -10.74 8.98 -19.51
C GLN C 420 -9.55 9.76 -18.97
N VAL C 421 -9.61 11.08 -19.05
CA VAL C 421 -8.63 11.91 -18.38
C VAL C 421 -8.62 11.48 -16.93
N MET C 422 -9.80 11.50 -16.31
CA MET C 422 -9.96 11.09 -14.93
C MET C 422 -9.40 9.69 -14.65
N GLU C 423 -9.66 8.76 -15.55
CA GLU C 423 -9.16 7.39 -15.40
C GLU C 423 -7.65 7.33 -15.51
N GLU C 424 -7.08 8.23 -16.30
CA GLU C 424 -5.62 8.29 -16.47
C GLU C 424 -4.95 8.80 -15.20
N MET C 425 -5.66 9.66 -14.48
CA MET C 425 -5.20 10.14 -13.18
C MET C 425 -5.30 9.01 -12.18
N ALA C 426 -6.41 8.29 -12.24
CA ALA C 426 -6.64 7.16 -11.35
C ALA C 426 -5.53 6.13 -11.48
N GLY C 427 -4.96 6.04 -12.69
CA GLY C 427 -3.86 5.14 -12.95
C GLY C 427 -2.65 5.45 -12.10
N ARG C 428 -2.48 6.72 -11.76
CA ARG C 428 -1.34 7.16 -10.96
C ARG C 428 -1.68 7.21 -9.48
N GLY C 429 -2.91 6.81 -9.15
CA GLY C 429 -3.32 6.69 -7.76
C GLY C 429 -4.31 7.73 -7.27
N TRP C 430 -4.76 8.61 -8.16
CA TRP C 430 -5.67 9.69 -7.76
C TRP C 430 -7.12 9.25 -7.64
N ARG C 431 -7.65 9.34 -6.42
CA ARG C 431 -9.04 9.01 -6.15
C ARG C 431 -9.86 10.28 -6.27
N LEU C 432 -10.45 10.50 -7.44
CA LEU C 432 -11.20 11.72 -7.72
C LEU C 432 -12.70 11.48 -7.79
N ASN C 433 -13.47 12.56 -7.78
CA ASN C 433 -14.92 12.48 -7.85
C ASN C 433 -15.45 12.68 -9.27
N GLY C 434 -16.25 11.73 -9.74
CA GLY C 434 -16.83 11.82 -11.06
C GLY C 434 -18.18 12.53 -11.08
N LEU C 435 -18.22 13.67 -11.78
CA LEU C 435 -19.45 14.44 -11.90
C LEU C 435 -20.09 14.19 -13.25
N HIS C 436 -21.35 14.59 -13.39
CA HIS C 436 -21.99 14.65 -14.72
C HIS C 436 -23.04 15.75 -14.72
N ARG C 437 -23.72 15.94 -15.85
CA ARG C 437 -24.66 17.05 -16.01
C ARG C 437 -24.09 18.37 -15.46
N PRO C 438 -22.96 18.83 -16.02
CA PRO C 438 -22.20 18.34 -17.18
C PRO C 438 -21.11 17.36 -16.76
N PRO C 439 -20.55 16.61 -17.74
CA PRO C 439 -19.45 15.68 -17.45
C PRO C 439 -18.18 16.41 -17.01
N ALA C 440 -17.66 16.02 -15.85
CA ALA C 440 -16.43 16.57 -15.31
C ALA C 440 -15.96 15.71 -14.13
N PHE C 441 -14.77 16.00 -13.61
CA PHE C 441 -14.32 15.40 -12.36
C PHE C 441 -13.90 16.54 -11.45
N HIS C 442 -14.08 16.40 -10.16
CA HIS C 442 -13.64 17.45 -9.27
C HIS C 442 -12.67 16.98 -8.19
N VAL C 443 -11.82 17.90 -7.74
CA VAL C 443 -10.94 17.65 -6.62
C VAL C 443 -11.17 18.73 -5.55
N ALA C 444 -11.59 18.30 -4.36
CA ALA C 444 -11.78 19.20 -3.23
C ALA C 444 -10.52 19.18 -2.37
N LEU C 445 -9.87 20.34 -2.29
CA LEU C 445 -8.56 20.42 -1.66
C LEU C 445 -8.61 20.48 -0.13
N THR C 446 -7.67 19.79 0.49
CA THR C 446 -7.61 19.73 1.93
C THR C 446 -6.17 19.94 2.37
N LEU C 447 -5.95 19.97 3.68
CA LEU C 447 -4.59 20.09 4.21
C LEU C 447 -3.66 19.02 3.65
N ARG C 448 -4.24 17.93 3.15
CA ARG C 448 -3.47 16.83 2.58
C ARG C 448 -2.82 17.21 1.26
N HIS C 449 -3.37 18.23 0.60
CA HIS C 449 -2.86 18.70 -0.68
C HIS C 449 -1.98 19.93 -0.52
N THR C 450 -1.77 20.37 0.72
CA THR C 450 -0.93 21.53 0.98
C THR C 450 0.49 21.10 1.33
N GLU C 451 0.67 19.79 1.54
CA GLU C 451 1.99 19.24 1.79
C GLU C 451 2.90 19.46 0.58
N PRO C 452 4.22 19.36 0.79
CA PRO C 452 5.20 19.66 -0.27
C PRO C 452 5.03 18.79 -1.52
N GLY C 453 4.96 19.45 -2.68
CA GLY C 453 5.01 18.78 -3.96
C GLY C 453 3.75 18.06 -4.41
N VAL C 454 2.65 18.20 -3.68
CA VAL C 454 1.42 17.48 -4.02
C VAL C 454 0.63 18.12 -5.17
N VAL C 455 0.46 19.44 -5.13
CA VAL C 455 -0.19 20.12 -6.24
C VAL C 455 0.64 19.95 -7.51
N ASP C 456 1.96 19.86 -7.33
CA ASP C 456 2.88 19.66 -8.44
C ASP C 456 2.70 18.30 -9.08
N ARG C 457 2.78 17.25 -8.27
CA ARG C 457 2.55 15.89 -8.76
C ARG C 457 1.21 15.79 -9.48
N PHE C 458 0.20 16.50 -8.97
CA PHE C 458 -1.12 16.50 -9.59
C PHE C 458 -1.10 17.10 -10.99
N LEU C 459 -0.50 18.29 -11.12
CA LEU C 459 -0.40 18.95 -12.42
C LEU C 459 0.48 18.16 -13.38
N ALA C 460 1.54 17.56 -12.85
CA ALA C 460 2.45 16.73 -13.64
C ALA C 460 1.74 15.51 -14.21
N ASP C 461 1.00 14.81 -13.35
CA ASP C 461 0.20 13.65 -13.75
C ASP C 461 -0.98 14.06 -14.63
N LEU C 462 -1.42 15.31 -14.50
CA LEU C 462 -2.54 15.81 -15.29
C LEU C 462 -2.13 16.06 -16.74
N GLN C 463 -0.93 16.62 -16.91
CA GLN C 463 -0.40 16.88 -18.25
C GLN C 463 -0.24 15.57 -19.01
N ASP C 464 0.43 14.61 -18.38
CA ASP C 464 0.70 13.32 -19.00
C ASP C 464 -0.61 12.61 -19.34
N ALA C 465 -1.63 12.89 -18.54
CA ALA C 465 -2.94 12.25 -18.72
C ALA C 465 -3.71 12.81 -19.90
N VAL C 466 -3.62 14.13 -20.12
CA VAL C 466 -4.27 14.77 -21.25
C VAL C 466 -3.56 14.39 -22.54
N ALA C 467 -2.24 14.39 -22.51
CA ALA C 467 -1.43 14.02 -23.65
C ALA C 467 -1.76 12.61 -24.14
N GLN C 468 -2.02 11.72 -23.18
CA GLN C 468 -2.35 10.33 -23.48
C GLN C 468 -3.74 10.19 -24.10
N VAL C 469 -4.67 11.02 -23.64
CA VAL C 469 -6.05 10.95 -24.14
C VAL C 469 -6.21 11.67 -25.48
N ARG C 470 -5.33 12.63 -25.76
CA ARG C 470 -5.37 13.32 -27.04
C ARG C 470 -4.77 12.45 -28.13
N ALA C 471 -3.90 11.53 -27.73
CA ALA C 471 -3.29 10.59 -28.67
C ALA C 471 -4.25 9.47 -29.05
N HIS C 472 -5.17 9.15 -28.14
CA HIS C 472 -6.14 8.07 -28.36
C HIS C 472 -7.53 8.48 -27.88
N PRO C 473 -8.20 9.40 -28.60
CA PRO C 473 -9.54 9.84 -28.19
C PRO C 473 -10.53 8.69 -28.11
N GLU C 474 -10.13 7.53 -28.62
CA GLU C 474 -10.98 6.34 -28.65
C GLU C 474 -10.90 5.61 -27.31
N LYS C 475 -9.85 5.88 -26.55
CA LYS C 475 -9.55 5.15 -25.32
C LYS C 475 -10.60 5.36 -24.25
N ALA C 476 -11.07 4.26 -23.68
CA ALA C 476 -11.99 4.31 -22.55
C ALA C 476 -11.77 3.06 -21.70
N THR C 477 -10.85 3.15 -20.75
CA THR C 477 -10.52 2.01 -19.91
C THR C 477 -11.04 2.17 -18.48
N GLY C 478 -11.04 1.06 -17.74
CA GLY C 478 -11.38 1.07 -16.33
C GLY C 478 -12.77 1.60 -16.00
N MET C 479 -12.81 2.69 -15.25
CA MET C 479 -14.06 3.28 -14.77
C MET C 479 -14.64 4.29 -15.76
N ALA C 480 -13.80 4.77 -16.68
CA ALA C 480 -14.24 5.75 -17.65
C ALA C 480 -15.56 5.39 -18.34
N PRO C 481 -15.67 4.16 -18.87
CA PRO C 481 -16.92 3.75 -19.52
C PRO C 481 -18.10 3.73 -18.55
N VAL C 482 -17.85 3.45 -17.28
CA VAL C 482 -18.91 3.41 -16.26
C VAL C 482 -19.49 4.79 -15.99
N TYR C 483 -18.62 5.75 -15.66
CA TYR C 483 -19.06 7.11 -15.40
C TYR C 483 -19.81 7.66 -16.61
N GLY C 484 -19.43 7.17 -17.79
CA GLY C 484 -19.98 7.67 -19.04
C GLY C 484 -21.36 7.12 -19.37
N MET C 485 -21.54 5.84 -19.06
CA MET C 485 -22.85 5.21 -19.23
C MET C 485 -23.80 5.82 -18.22
N ALA C 486 -23.30 6.02 -17.00
CA ALA C 486 -24.10 6.56 -15.92
C ALA C 486 -24.66 7.93 -16.30
N ALA C 487 -23.89 8.70 -17.07
CA ALA C 487 -24.35 9.99 -17.52
C ALA C 487 -25.58 9.88 -18.43
N ALA C 488 -25.53 8.93 -19.35
CA ALA C 488 -26.57 8.81 -20.38
C ALA C 488 -27.80 7.98 -19.97
N ALA C 489 -27.60 7.02 -19.07
CA ALA C 489 -28.65 6.10 -18.64
C ALA C 489 -29.87 6.79 -18.02
N PRO C 490 -31.03 6.13 -18.08
CA PRO C 490 -32.26 6.71 -17.53
C PRO C 490 -32.31 6.50 -16.02
N PRO C 491 -32.79 7.50 -15.27
CA PRO C 491 -32.90 7.39 -13.82
C PRO C 491 -33.24 6.00 -13.32
N GLU C 492 -34.35 5.42 -13.77
CA GLU C 492 -34.82 4.16 -13.21
C GLU C 492 -33.89 2.97 -13.47
N LEU C 493 -32.98 3.12 -14.42
CA LEU C 493 -32.01 2.06 -14.71
C LEU C 493 -30.83 2.17 -13.75
N VAL C 494 -30.36 3.40 -13.55
CA VAL C 494 -29.30 3.66 -12.59
C VAL C 494 -29.75 3.24 -11.20
N ARG C 495 -30.97 3.63 -10.85
CA ARG C 495 -31.56 3.31 -9.55
C ARG C 495 -31.45 1.80 -9.27
N GLN C 496 -31.54 1.00 -10.33
CA GLN C 496 -31.52 -0.46 -10.19
C GLN C 496 -30.12 -1.04 -10.14
N VAL C 497 -29.22 -0.52 -10.95
CA VAL C 497 -27.86 -1.05 -10.98
C VAL C 497 -27.11 -0.69 -9.68
N LEU C 498 -27.34 0.52 -9.20
CA LEU C 498 -26.72 0.97 -7.95
C LEU C 498 -27.24 0.17 -6.76
N THR C 499 -28.53 -0.14 -6.78
CA THR C 499 -29.11 -1.01 -5.77
C THR C 499 -28.38 -2.36 -5.72
N GLY C 500 -27.94 -2.86 -6.87
CA GLY C 500 -27.20 -4.10 -6.92
C GLY C 500 -25.79 -3.92 -6.41
N PHE C 501 -25.27 -2.72 -6.61
CA PHE C 501 -23.93 -2.37 -6.15
C PHE C 501 -23.87 -2.26 -4.62
N ILE C 502 -24.90 -1.69 -4.02
CA ILE C 502 -24.95 -1.58 -2.56
C ILE C 502 -25.13 -2.94 -1.91
N ASP C 503 -25.69 -3.89 -2.67
CA ASP C 503 -25.86 -5.26 -2.20
C ASP C 503 -24.54 -6.02 -2.27
N LEU C 504 -23.74 -5.69 -3.27
CA LEU C 504 -22.41 -6.27 -3.44
C LEU C 504 -21.48 -5.84 -2.30
N LEU C 505 -21.65 -4.62 -1.80
CA LEU C 505 -20.87 -4.12 -0.67
C LEU C 505 -21.10 -4.92 0.60
N TYR C 506 -22.29 -5.52 0.70
CA TYR C 506 -22.70 -6.16 1.94
C TYR C 506 -22.59 -7.69 1.94
N GLU C 507 -21.91 -8.23 0.93
CA GLU C 507 -21.71 -9.68 0.79
C GLU C 507 -20.51 -10.22 1.58
N VAL C 508 -20.66 -11.42 2.13
CA VAL C 508 -19.59 -12.10 2.85
C VAL C 508 -19.32 -13.49 2.25
N HIS C 509 -18.08 -13.73 1.83
CA HIS C 509 -17.76 -14.90 1.01
C HIS C 509 -17.32 -16.14 1.80
N ILE D 58 -28.99 21.16 35.78
CA ILE D 58 -27.88 21.72 36.55
C ILE D 58 -26.56 21.54 35.81
N LYS D 59 -25.81 22.65 35.67
CA LYS D 59 -24.54 22.68 34.93
C LYS D 59 -23.32 22.70 35.86
N PRO D 60 -22.70 21.53 36.06
CA PRO D 60 -21.63 21.28 37.04
C PRO D 60 -20.32 22.05 36.81
N TYR D 61 -19.93 22.28 35.57
CA TYR D 61 -18.62 22.88 35.28
C TYR D 61 -18.68 24.34 34.85
N ARG D 62 -19.79 25.02 35.14
CA ARG D 62 -19.94 26.42 34.73
C ARG D 62 -18.87 27.29 35.37
N ASP D 63 -18.48 26.94 36.59
CA ASP D 63 -17.49 27.73 37.33
C ASP D 63 -16.07 27.16 37.27
N ARG D 64 -15.92 25.85 37.47
CA ARG D 64 -14.59 25.25 37.51
C ARG D 64 -13.79 25.38 36.19
N PHE D 65 -14.50 25.48 35.07
CA PHE D 65 -13.83 25.61 33.77
C PHE D 65 -14.30 26.82 32.95
N PRO D 66 -13.38 27.41 32.18
CA PRO D 66 -13.69 28.54 31.29
C PRO D 66 -14.78 28.16 30.28
N SER D 67 -15.74 29.06 30.08
CA SER D 67 -16.79 28.84 29.09
C SER D 67 -16.45 29.51 27.76
N HIS D 68 -16.69 28.81 26.67
CA HIS D 68 -16.35 29.30 25.33
C HIS D 68 -17.58 29.55 24.47
N ALA D 69 -17.94 30.81 24.27
CA ALA D 69 -19.01 31.15 23.34
C ALA D 69 -18.41 31.74 22.08
N ARG D 70 -17.07 31.77 22.03
CA ARG D 70 -16.33 32.31 20.89
C ARG D 70 -15.03 31.54 20.72
N LEU D 71 -14.64 31.32 19.47
CA LEU D 71 -13.35 30.68 19.19
C LEU D 71 -12.21 31.46 19.82
N PRO D 72 -11.33 30.78 20.57
CA PRO D 72 -10.15 31.44 21.15
C PRO D 72 -9.32 32.08 20.05
N ARG D 73 -8.91 33.33 20.24
CA ARG D 73 -8.16 34.06 19.22
C ARG D 73 -6.97 33.22 18.74
N ALA D 74 -6.27 32.60 19.69
CA ALA D 74 -5.21 31.65 19.36
C ALA D 74 -5.54 30.29 19.96
N GLY D 75 -5.11 29.23 19.27
CA GLY D 75 -5.44 27.88 19.68
C GLY D 75 -4.87 27.51 21.04
N LEU D 76 -5.70 26.91 21.89
CA LEU D 76 -5.23 26.45 23.20
C LEU D 76 -4.40 25.18 23.02
N PRO D 77 -3.44 24.93 23.92
CA PRO D 77 -2.56 23.78 23.80
C PRO D 77 -3.30 22.43 23.92
N ARG D 78 -2.85 21.44 23.16
CA ARG D 78 -3.44 20.11 23.19
C ARG D 78 -3.30 19.46 24.56
N ALA D 79 -2.14 19.66 25.20
CA ALA D 79 -1.90 19.11 26.53
C ALA D 79 -2.96 19.58 27.53
N GLU D 80 -3.34 20.85 27.41
CA GLU D 80 -4.31 21.45 28.32
C GLU D 80 -5.74 20.97 28.06
N ILE D 81 -6.15 21.02 26.79
CA ILE D 81 -7.49 20.58 26.41
C ILE D 81 -7.76 19.15 26.89
N LEU D 82 -6.79 18.26 26.68
CA LEU D 82 -6.92 16.89 27.16
C LEU D 82 -7.09 16.81 28.68
N ALA D 83 -6.32 17.61 29.41
CA ALA D 83 -6.38 17.61 30.88
C ALA D 83 -7.74 18.07 31.39
N GLU D 84 -8.31 19.09 30.73
CA GLU D 84 -9.65 19.56 31.04
C GLU D 84 -10.67 18.41 30.89
N ILE D 85 -10.56 17.69 29.77
CA ILE D 85 -11.48 16.59 29.47
C ILE D 85 -11.26 15.39 30.38
N ALA D 86 -10.01 15.07 30.67
CA ALA D 86 -9.68 13.93 31.52
C ALA D 86 -10.22 14.14 32.94
N ALA D 87 -10.18 15.38 33.39
CA ALA D 87 -10.69 15.76 34.71
C ALA D 87 -12.18 15.46 34.80
N MET D 88 -12.92 15.88 33.77
CA MET D 88 -14.35 15.60 33.68
C MET D 88 -14.59 14.09 33.61
N GLY D 89 -13.61 13.37 33.07
CA GLY D 89 -13.68 11.93 32.99
C GLY D 89 -13.67 11.29 34.37
N ALA D 90 -12.78 11.78 35.22
CA ALA D 90 -12.63 11.27 36.59
C ALA D 90 -13.81 11.64 37.49
N ALA D 91 -14.53 12.69 37.11
CA ALA D 91 -15.68 13.16 37.88
C ALA D 91 -16.94 12.35 37.56
N GLU D 92 -17.10 11.99 36.28
CA GLU D 92 -18.34 11.37 35.81
C GLU D 92 -18.29 9.85 35.69
N SER D 93 -17.10 9.28 35.60
CA SER D 93 -16.99 7.85 35.39
C SER D 93 -17.21 6.95 36.62
N PRO D 94 -17.07 7.50 37.84
CA PRO D 94 -17.41 6.64 38.98
C PRO D 94 -18.89 6.25 39.02
N ALA D 95 -19.77 7.17 38.61
CA ALA D 95 -21.20 6.92 38.63
C ALA D 95 -21.61 5.64 37.87
N TRP D 96 -21.17 5.52 36.61
CA TRP D 96 -21.55 4.36 35.80
C TRP D 96 -20.69 3.14 36.08
N ARG D 97 -19.43 3.39 36.45
CA ARG D 97 -18.45 2.31 36.65
C ARG D 97 -18.75 1.47 37.88
N ASP D 98 -19.09 2.14 38.98
CA ASP D 98 -19.37 1.45 40.24
C ASP D 98 -20.75 0.82 40.27
N GLY D 99 -21.54 1.05 39.21
CA GLY D 99 -22.79 0.34 39.02
C GLY D 99 -24.06 1.05 39.41
N TYR D 100 -23.99 2.38 39.55
CA TYR D 100 -25.15 3.16 39.99
C TYR D 100 -26.11 3.52 38.86
N ALA D 101 -25.71 3.27 37.61
CA ALA D 101 -26.52 3.70 36.47
C ALA D 101 -27.33 2.58 35.86
N SER D 102 -28.61 2.86 35.62
CA SER D 102 -29.47 1.94 34.87
C SER D 102 -29.18 2.11 33.39
N GLY D 103 -28.80 1.02 32.72
CA GLY D 103 -28.40 1.11 31.33
C GLY D 103 -27.18 1.99 31.16
N ALA D 104 -27.26 2.94 30.22
CA ALA D 104 -26.20 3.92 29.96
C ALA D 104 -24.90 3.30 29.46
N VAL D 105 -24.13 2.71 30.38
CA VAL D 105 -22.93 1.95 30.04
C VAL D 105 -23.24 0.46 30.15
N TYR D 106 -22.96 -0.29 29.08
CA TYR D 106 -23.43 -1.67 29.01
C TYR D 106 -22.39 -2.71 29.36
N HIS D 107 -21.11 -2.39 29.15
CA HIS D 107 -20.02 -3.29 29.51
C HIS D 107 -19.23 -2.71 30.67
N GLY D 108 -18.51 -1.62 30.42
CA GLY D 108 -17.87 -0.88 31.49
C GLY D 108 -16.46 -1.31 31.86
N ASP D 109 -16.11 -2.56 31.57
CA ASP D 109 -14.80 -3.07 31.94
C ASP D 109 -13.69 -2.30 31.26
N GLU D 110 -12.76 -1.78 32.05
CA GLU D 110 -11.76 -0.84 31.56
C GLU D 110 -10.81 -1.41 30.51
N HIS D 111 -10.73 -2.74 30.41
CA HIS D 111 -9.86 -3.35 29.41
C HIS D 111 -10.59 -3.50 28.09
N HIS D 112 -11.88 -3.82 28.18
CA HIS D 112 -12.73 -3.90 27.00
C HIS D 112 -12.91 -2.53 26.39
N ILE D 113 -12.83 -1.50 27.22
CA ILE D 113 -12.96 -0.12 26.74
C ILE D 113 -11.66 0.35 26.12
N ALA D 114 -10.55 0.07 26.79
CA ALA D 114 -9.22 0.40 26.28
C ALA D 114 -8.98 -0.30 24.94
N PHE D 115 -9.58 -1.47 24.79
CA PHE D 115 -9.49 -2.25 23.56
C PHE D 115 -10.24 -1.59 22.42
N LEU D 116 -11.50 -1.24 22.64
CA LEU D 116 -12.30 -0.62 21.59
C LEU D 116 -11.78 0.77 21.21
N ASN D 117 -11.11 1.43 22.15
CA ASN D 117 -10.52 2.74 21.86
C ASN D 117 -9.35 2.62 20.90
N GLU D 118 -8.63 1.50 20.97
CA GLU D 118 -7.57 1.22 20.03
C GLU D 118 -8.18 0.96 18.64
N VAL D 119 -9.27 0.20 18.63
CA VAL D 119 -10.02 -0.04 17.40
C VAL D 119 -10.45 1.28 16.76
N TYR D 120 -11.04 2.18 17.56
CA TYR D 120 -11.40 3.48 17.04
C TYR D 120 -10.17 4.19 16.49
N ALA D 121 -9.09 4.17 17.26
CA ALA D 121 -7.87 4.90 16.89
C ALA D 121 -7.30 4.47 15.54
N LEU D 122 -7.37 3.17 15.26
CA LEU D 122 -6.82 2.64 14.02
C LEU D 122 -7.74 2.90 12.82
N GLN D 123 -8.98 3.28 13.10
CA GLN D 123 -9.96 3.50 12.04
C GLN D 123 -10.55 4.89 12.07
N SER D 124 -9.95 5.77 12.88
CA SER D 124 -10.52 7.09 13.13
C SER D 124 -10.94 7.81 11.86
N GLN D 125 -10.14 7.66 10.81
CA GLN D 125 -10.34 8.41 9.57
C GLN D 125 -11.40 7.83 8.65
N SER D 126 -11.82 6.61 8.94
CA SER D 126 -12.78 5.91 8.11
C SER D 126 -14.10 6.65 7.93
N ASN D 127 -14.53 6.74 6.67
CA ASN D 127 -15.82 7.28 6.30
C ASN D 127 -16.37 6.36 5.21
N PRO D 128 -17.37 5.53 5.55
CA PRO D 128 -17.86 4.47 4.65
C PRO D 128 -18.68 5.02 3.49
N LEU D 129 -18.71 6.33 3.32
CA LEU D 129 -19.30 6.92 2.13
C LEU D 129 -18.37 6.62 0.95
N HIS D 130 -17.10 6.35 1.27
CA HIS D 130 -16.06 6.05 0.28
C HIS D 130 -15.54 4.62 0.45
N PRO D 131 -16.27 3.64 -0.09
CA PRO D 131 -15.89 2.24 0.17
C PRO D 131 -14.60 1.86 -0.55
N ASP D 132 -14.13 2.71 -1.46
CA ASP D 132 -12.91 2.41 -2.22
C ASP D 132 -11.66 2.89 -1.50
N LEU D 133 -11.83 3.84 -0.58
CA LEU D 133 -10.72 4.35 0.23
C LEU D 133 -10.53 3.54 1.49
N TRP D 134 -11.65 3.12 2.08
CA TRP D 134 -11.64 2.28 3.27
C TRP D 134 -12.47 1.02 3.05
N PRO D 135 -11.98 0.10 2.22
CA PRO D 135 -12.70 -1.16 2.01
C PRO D 135 -12.73 -1.99 3.29
N SER D 136 -11.90 -1.63 4.26
CA SER D 136 -11.84 -2.33 5.55
C SER D 136 -13.13 -2.13 6.31
N THR D 137 -13.63 -0.91 6.30
CA THR D 137 -14.84 -0.58 7.02
C THR D 137 -16.06 -1.22 6.37
N ALA D 138 -16.13 -1.15 5.04
CA ALA D 138 -17.22 -1.77 4.31
C ALA D 138 -17.27 -3.27 4.60
N LYS D 139 -16.10 -3.85 4.89
CA LYS D 139 -16.01 -5.26 5.25
C LYS D 139 -16.62 -5.47 6.62
N PHE D 140 -16.16 -4.69 7.59
CA PHE D 140 -16.70 -4.75 8.95
C PHE D 140 -18.22 -4.68 8.93
N GLU D 141 -18.76 -3.66 8.27
CA GLU D 141 -20.19 -3.48 8.18
C GLU D 141 -20.90 -4.69 7.59
N ALA D 142 -20.35 -5.24 6.51
CA ALA D 142 -20.94 -6.42 5.89
C ALA D 142 -20.99 -7.62 6.83
N GLU D 143 -19.96 -7.74 7.67
CA GLU D 143 -19.83 -8.87 8.59
C GLU D 143 -20.59 -8.69 9.90
N VAL D 144 -20.69 -7.47 10.40
CA VAL D 144 -21.55 -7.21 11.55
C VAL D 144 -23.00 -7.53 11.20
N VAL D 145 -23.44 -7.09 10.03
CA VAL D 145 -24.78 -7.38 9.54
C VAL D 145 -25.02 -8.88 9.36
N ALA D 146 -23.99 -9.60 8.92
CA ALA D 146 -24.13 -11.03 8.62
C ALA D 146 -24.09 -11.90 9.88
N MET D 147 -23.17 -11.60 10.78
CA MET D 147 -23.07 -12.30 12.06
C MET D 147 -24.31 -12.06 12.92
N THR D 148 -24.86 -10.85 12.83
CA THR D 148 -26.06 -10.50 13.55
C THR D 148 -27.28 -11.20 12.94
N ALA D 149 -27.32 -11.27 11.61
CA ALA D 149 -28.40 -11.96 10.92
C ALA D 149 -28.47 -13.43 11.35
N HIS D 150 -27.34 -14.12 11.29
CA HIS D 150 -27.25 -15.51 11.72
C HIS D 150 -27.74 -15.68 13.15
N MET D 151 -27.25 -14.81 14.03
CA MET D 151 -27.62 -14.84 15.45
C MET D 151 -29.13 -14.79 15.68
N LEU D 152 -29.84 -14.03 14.85
CA LEU D 152 -31.27 -13.88 15.02
C LEU D 152 -32.06 -14.75 14.03
N GLY D 153 -31.58 -15.96 13.83
CA GLY D 153 -32.25 -16.97 13.02
C GLY D 153 -32.35 -16.63 11.53
N GLY D 154 -31.26 -16.12 10.97
CA GLY D 154 -31.27 -15.69 9.58
C GLY D 154 -31.19 -16.83 8.60
N ASP D 155 -30.74 -17.98 9.07
CA ASP D 155 -30.60 -19.16 8.23
C ASP D 155 -31.96 -19.84 8.06
N ALA D 156 -32.69 -19.89 9.17
CA ALA D 156 -34.04 -20.47 9.18
C ALA D 156 -35.01 -19.69 8.28
N ALA D 157 -34.47 -18.77 7.49
CA ALA D 157 -35.32 -17.96 6.62
C ALA D 157 -34.95 -18.16 5.15
N GLY D 158 -33.96 -19.02 4.90
CA GLY D 158 -33.54 -19.32 3.55
C GLY D 158 -32.25 -18.66 3.14
N GLY D 159 -31.75 -17.77 4.00
CA GLY D 159 -30.50 -17.08 3.74
C GLY D 159 -30.68 -15.87 2.85
N THR D 160 -31.91 -15.37 2.79
CA THR D 160 -32.18 -14.14 2.07
C THR D 160 -32.14 -12.94 3.01
N VAL D 161 -31.94 -13.22 4.30
CA VAL D 161 -31.87 -12.16 5.31
C VAL D 161 -30.67 -11.24 5.10
N CYS D 162 -30.95 -9.95 5.04
CA CYS D 162 -29.95 -8.94 4.75
C CYS D 162 -30.26 -7.68 5.54
N GLY D 163 -29.28 -6.79 5.68
CA GLY D 163 -29.49 -5.54 6.38
C GLY D 163 -28.42 -4.51 6.12
N THR D 164 -28.37 -3.50 6.98
CA THR D 164 -27.33 -2.49 6.93
C THR D 164 -26.98 -2.08 8.36
N VAL D 165 -25.81 -1.48 8.54
CA VAL D 165 -25.44 -0.96 9.84
C VAL D 165 -25.93 0.47 9.96
N THR D 166 -26.62 0.79 11.06
CA THR D 166 -27.15 2.13 11.29
C THR D 166 -26.49 2.77 12.50
N SER D 167 -26.96 3.96 12.87
CA SER D 167 -26.33 4.75 13.91
C SER D 167 -26.89 4.51 15.30
N GLY D 168 -27.95 3.72 15.39
CA GLY D 168 -28.58 3.46 16.67
C GLY D 168 -29.95 2.83 16.51
N GLY D 169 -30.53 2.42 17.63
CA GLY D 169 -31.85 1.84 17.62
C GLY D 169 -32.87 2.71 16.91
N THR D 170 -32.90 3.99 17.26
CA THR D 170 -33.85 4.91 16.66
C THR D 170 -33.79 4.94 15.14
N GLU D 171 -32.58 5.05 14.57
CA GLU D 171 -32.45 5.05 13.11
C GLU D 171 -32.95 3.74 12.50
N SER D 172 -32.61 2.62 13.11
CA SER D 172 -33.11 1.33 12.67
C SER D 172 -34.62 1.36 12.55
N LEU D 173 -35.29 1.70 13.65
CA LEU D 173 -36.75 1.82 13.66
C LEU D 173 -37.27 2.79 12.60
N LEU D 174 -36.73 4.01 12.58
CA LEU D 174 -37.12 4.98 11.57
C LEU D 174 -36.97 4.41 10.15
N LEU D 175 -35.77 3.90 9.83
CA LEU D 175 -35.52 3.32 8.53
C LEU D 175 -36.58 2.28 8.18
N ALA D 176 -36.83 1.36 9.11
CA ALA D 176 -37.84 0.32 8.91
C ALA D 176 -39.21 0.89 8.55
N MET D 177 -39.72 1.81 9.38
CA MET D 177 -41.00 2.46 9.13
C MET D 177 -41.07 3.09 7.74
N LYS D 178 -40.02 3.80 7.35
CA LYS D 178 -39.94 4.39 6.03
C LYS D 178 -39.97 3.31 4.93
N THR D 179 -39.27 2.20 5.17
CA THR D 179 -39.27 1.10 4.21
C THR D 179 -40.68 0.56 3.96
N TYR D 180 -41.35 0.16 5.04
CA TYR D 180 -42.71 -0.37 4.93
C TYR D 180 -43.66 0.64 4.32
N ARG D 181 -43.47 1.93 4.62
CA ARG D 181 -44.30 2.97 4.02
C ARG D 181 -44.11 3.05 2.51
N ASP D 182 -42.85 2.96 2.07
CA ASP D 182 -42.50 3.10 0.66
C ASP D 182 -42.89 1.86 -0.14
N TRP D 183 -42.79 0.71 0.51
CA TRP D 183 -43.17 -0.56 -0.08
C TRP D 183 -44.69 -0.62 -0.26
N ALA D 184 -45.41 -0.30 0.81
CA ALA D 184 -46.88 -0.33 0.78
C ALA D 184 -47.45 0.55 -0.32
N ARG D 185 -46.84 1.70 -0.56
CA ARG D 185 -47.32 2.60 -1.59
C ARG D 185 -47.08 2.04 -2.99
N ALA D 186 -45.90 1.46 -3.18
CA ALA D 186 -45.53 0.97 -4.50
C ALA D 186 -46.28 -0.30 -4.89
N THR D 187 -46.38 -1.25 -3.95
CA THR D 187 -47.01 -2.54 -4.26
C THR D 187 -48.51 -2.55 -3.99
N LYS D 188 -48.90 -2.19 -2.76
CA LYS D 188 -50.30 -2.26 -2.36
C LYS D 188 -51.06 -0.94 -2.56
N GLY D 189 -50.41 0.06 -3.15
CA GLY D 189 -51.04 1.33 -3.44
C GLY D 189 -51.60 2.12 -2.26
N ILE D 190 -51.07 1.87 -1.07
CA ILE D 190 -51.54 2.51 0.16
C ILE D 190 -50.95 3.90 0.38
N THR D 191 -51.75 4.94 0.16
CA THR D 191 -51.23 6.31 0.18
C THR D 191 -51.51 7.09 1.47
N ALA D 192 -52.18 6.46 2.43
CA ALA D 192 -52.35 7.05 3.76
C ALA D 192 -52.08 5.98 4.81
N PRO D 193 -50.80 5.64 4.99
CA PRO D 193 -50.37 4.44 5.71
C PRO D 193 -50.67 4.49 7.20
N GLU D 194 -50.91 3.32 7.79
CA GLU D 194 -51.07 3.19 9.22
C GLU D 194 -50.09 2.15 9.75
N ALA D 195 -49.67 2.32 11.00
CA ALA D 195 -48.87 1.32 11.67
C ALA D 195 -49.50 1.02 13.01
N VAL D 196 -49.41 -0.24 13.43
CA VAL D 196 -50.06 -0.67 14.67
C VAL D 196 -49.05 -1.31 15.60
N VAL D 197 -48.80 -0.67 16.74
CA VAL D 197 -47.85 -1.16 17.72
C VAL D 197 -48.46 -1.07 19.10
N PRO D 198 -47.89 -1.81 20.06
CA PRO D 198 -48.35 -1.70 21.46
C PRO D 198 -48.04 -0.33 22.03
N VAL D 199 -48.69 0.03 23.13
CA VAL D 199 -48.46 1.32 23.76
C VAL D 199 -47.10 1.30 24.47
N SER D 200 -46.49 0.11 24.54
CA SER D 200 -45.18 -0.03 25.15
C SER D 200 -44.04 0.08 24.13
N ALA D 201 -44.37 -0.08 22.85
CA ALA D 201 -43.40 0.10 21.78
C ALA D 201 -42.66 1.41 21.98
N HIS D 202 -41.37 1.45 21.60
CA HIS D 202 -40.52 2.60 21.88
C HIS D 202 -41.00 3.93 21.27
N ALA D 203 -40.72 5.03 21.96
CA ALA D 203 -41.15 6.36 21.52
C ALA D 203 -40.58 6.72 20.15
N ALA D 204 -39.55 5.98 19.72
CA ALA D 204 -38.96 6.20 18.41
C ALA D 204 -40.00 5.97 17.31
N PHE D 205 -41.03 5.18 17.62
CA PHE D 205 -42.12 4.90 16.68
C PHE D 205 -42.96 6.15 16.43
N ASP D 206 -43.22 6.93 17.47
CA ASP D 206 -43.96 8.17 17.31
C ASP D 206 -43.17 9.12 16.41
N LYS D 207 -41.86 9.13 16.63
CA LYS D 207 -40.94 9.94 15.83
C LYS D 207 -41.06 9.60 14.33
N ALA D 208 -41.11 8.31 14.02
CA ALA D 208 -41.29 7.88 12.64
C ALA D 208 -42.65 8.30 12.10
N ALA D 209 -43.67 8.23 12.95
CA ALA D 209 -45.02 8.65 12.58
C ALA D 209 -45.02 10.11 12.12
N GLN D 210 -44.43 10.97 12.94
CA GLN D 210 -44.37 12.40 12.63
C GLN D 210 -43.53 12.71 11.38
N TYR D 211 -42.36 12.09 11.28
CA TYR D 211 -41.44 12.35 10.18
C TYR D 211 -42.01 11.94 8.82
N PHE D 212 -42.45 10.70 8.73
CA PHE D 212 -42.77 10.11 7.45
C PHE D 212 -44.24 10.18 7.06
N GLY D 213 -45.06 10.71 7.96
CA GLY D 213 -46.49 10.84 7.70
C GLY D 213 -47.24 9.52 7.77
N ILE D 214 -46.97 8.76 8.83
CA ILE D 214 -47.67 7.51 9.06
C ILE D 214 -48.59 7.69 10.24
N LYS D 215 -49.83 7.22 10.13
CA LYS D 215 -50.76 7.28 11.25
C LYS D 215 -50.47 6.13 12.21
N LEU D 216 -49.98 6.45 13.40
CA LEU D 216 -49.61 5.43 14.37
C LEU D 216 -50.78 5.13 15.32
N VAL D 217 -51.09 3.85 15.48
CA VAL D 217 -52.17 3.43 16.35
C VAL D 217 -51.61 2.55 17.47
N ARG D 218 -51.77 2.98 18.71
CA ARG D 218 -51.23 2.24 19.84
C ARG D 218 -52.27 1.43 20.58
N THR D 219 -52.07 0.12 20.63
CA THR D 219 -53.00 -0.79 21.29
C THR D 219 -52.68 -0.97 22.78
N PRO D 220 -53.66 -1.41 23.58
CA PRO D 220 -53.45 -1.58 25.02
C PRO D 220 -52.73 -2.87 25.37
N LEU D 221 -52.32 -3.01 26.63
CA LEU D 221 -51.61 -4.20 27.11
C LEU D 221 -52.54 -5.07 27.96
N ASP D 222 -52.03 -6.23 28.40
CA ASP D 222 -52.81 -7.07 29.31
C ASP D 222 -52.30 -6.99 30.75
N ALA D 223 -52.62 -8.01 31.55
CA ALA D 223 -52.24 -8.03 32.97
C ALA D 223 -50.73 -8.17 33.20
N ASP D 224 -50.04 -8.84 32.26
CA ASP D 224 -48.60 -9.07 32.35
C ASP D 224 -47.82 -7.95 31.66
N TYR D 225 -48.55 -6.92 31.23
CA TYR D 225 -47.97 -5.79 30.52
C TYR D 225 -47.39 -6.18 29.17
N ARG D 226 -47.77 -7.35 28.68
CA ARG D 226 -47.43 -7.76 27.33
C ARG D 226 -48.52 -7.24 26.40
N ALA D 227 -48.25 -7.26 25.10
CA ALA D 227 -49.19 -6.71 24.12
C ALA D 227 -50.50 -7.49 24.10
N ASP D 228 -51.59 -6.78 23.79
CA ASP D 228 -52.90 -7.40 23.64
C ASP D 228 -53.12 -7.73 22.17
N VAL D 229 -52.85 -8.98 21.81
CA VAL D 229 -52.86 -9.41 20.41
C VAL D 229 -54.22 -9.21 19.73
N ALA D 230 -55.29 -9.26 20.52
CA ALA D 230 -56.64 -9.08 19.99
C ALA D 230 -56.88 -7.64 19.54
N ALA D 231 -56.58 -6.70 20.41
CA ALA D 231 -56.79 -5.28 20.12
C ALA D 231 -55.98 -4.84 18.91
N MET D 232 -54.92 -5.58 18.62
CA MET D 232 -54.11 -5.30 17.44
C MET D 232 -54.89 -5.69 16.18
N ARG D 233 -55.46 -6.89 16.17
CA ARG D 233 -56.31 -7.32 15.06
C ARG D 233 -57.43 -6.30 14.82
N GLU D 234 -58.03 -5.85 15.92
CA GLU D 234 -59.13 -4.89 15.84
C GLU D 234 -58.76 -3.60 15.11
N ALA D 235 -57.53 -3.12 15.32
CA ALA D 235 -57.13 -1.82 14.80
C ALA D 235 -56.55 -1.89 13.39
N ILE D 236 -56.32 -3.11 12.89
CA ILE D 236 -55.82 -3.28 11.54
C ILE D 236 -56.87 -2.87 10.50
N THR D 237 -56.47 -2.06 9.55
CA THR D 237 -57.33 -1.66 8.44
C THR D 237 -56.65 -2.09 7.14
N PRO D 238 -57.28 -1.80 6.00
CA PRO D 238 -56.61 -2.14 4.73
C PRO D 238 -55.43 -1.19 4.45
N ASN D 239 -55.36 -0.08 5.17
CA ASN D 239 -54.27 0.87 5.04
C ASN D 239 -53.10 0.60 5.98
N THR D 240 -53.27 -0.35 6.89
CA THR D 240 -52.21 -0.77 7.79
C THR D 240 -51.07 -1.44 7.02
N VAL D 241 -49.85 -0.93 7.20
CA VAL D 241 -48.70 -1.39 6.43
C VAL D 241 -47.70 -2.18 7.27
N VAL D 242 -47.87 -2.17 8.59
CA VAL D 242 -46.94 -2.86 9.47
C VAL D 242 -47.45 -2.94 10.90
N VAL D 243 -47.07 -4.01 11.60
CA VAL D 243 -47.32 -4.12 13.02
C VAL D 243 -45.99 -4.43 13.70
N ALA D 244 -45.85 -4.07 14.95
CA ALA D 244 -44.58 -4.29 15.62
C ALA D 244 -44.75 -4.89 17.01
N GLY D 245 -43.69 -5.54 17.47
CA GLY D 245 -43.67 -6.08 18.81
C GLY D 245 -42.30 -5.85 19.37
N SER D 246 -42.22 -5.63 20.68
CA SER D 246 -40.96 -5.32 21.31
C SER D 246 -40.39 -6.54 22.02
N ALA D 247 -39.08 -6.73 21.92
CA ALA D 247 -38.46 -7.93 22.46
C ALA D 247 -37.12 -7.63 23.08
N PRO D 248 -37.12 -7.03 24.29
CA PRO D 248 -38.30 -6.63 25.04
C PRO D 248 -38.59 -5.17 24.77
N GLY D 249 -39.75 -4.68 25.20
CA GLY D 249 -40.02 -3.26 25.20
C GLY D 249 -39.14 -2.59 26.24
N TYR D 250 -38.86 -1.32 26.06
CA TYR D 250 -37.99 -0.59 26.98
C TYR D 250 -38.63 -0.34 28.35
N PRO D 251 -39.94 0.00 28.38
CA PRO D 251 -40.58 0.34 29.65
C PRO D 251 -40.48 -0.73 30.73
N HIS D 252 -40.93 -1.94 30.43
CA HIS D 252 -41.10 -2.95 31.47
C HIS D 252 -40.22 -4.19 31.34
N GLY D 253 -39.48 -4.29 30.23
CA GLY D 253 -38.55 -5.38 30.05
C GLY D 253 -39.23 -6.68 29.65
N VAL D 254 -40.50 -6.60 29.28
CA VAL D 254 -41.26 -7.78 28.89
C VAL D 254 -41.32 -7.95 27.39
N VAL D 255 -41.40 -9.20 26.95
CA VAL D 255 -41.40 -9.53 25.54
C VAL D 255 -42.81 -9.74 25.03
N ASP D 256 -43.27 -8.85 24.16
CA ASP D 256 -44.58 -9.01 23.54
C ASP D 256 -44.67 -10.38 22.87
N PRO D 257 -45.91 -10.86 22.63
CA PRO D 257 -46.14 -12.18 22.02
C PRO D 257 -45.78 -12.17 20.55
N ILE D 258 -44.49 -12.27 20.24
CA ILE D 258 -44.03 -12.14 18.86
C ILE D 258 -44.61 -13.21 17.91
N PRO D 259 -44.56 -14.49 18.32
CA PRO D 259 -45.10 -15.53 17.44
C PRO D 259 -46.52 -15.20 16.99
N GLU D 260 -47.34 -14.77 17.95
CA GLU D 260 -48.74 -14.43 17.69
C GLU D 260 -48.89 -13.20 16.79
N ILE D 261 -48.13 -12.15 17.10
CA ILE D 261 -48.16 -10.94 16.31
C ILE D 261 -47.65 -11.21 14.91
N ALA D 262 -46.55 -11.96 14.83
CA ALA D 262 -45.96 -12.32 13.55
C ALA D 262 -46.97 -13.04 12.66
N ALA D 263 -47.67 -14.00 13.26
CA ALA D 263 -48.73 -14.73 12.55
C ALA D 263 -49.86 -13.79 12.10
N LEU D 264 -50.32 -12.95 13.02
CA LEU D 264 -51.34 -11.93 12.71
C LEU D 264 -50.93 -11.12 11.49
N ALA D 265 -49.63 -10.86 11.36
CA ALA D 265 -49.12 -10.06 10.27
C ALA D 265 -49.15 -10.83 8.94
N ALA D 266 -48.55 -12.01 8.92
CA ALA D 266 -48.54 -12.85 7.71
C ALA D 266 -49.96 -13.06 7.20
N GLU D 267 -50.91 -13.15 8.12
CA GLU D 267 -52.33 -13.29 7.80
C GLU D 267 -52.83 -12.18 6.87
N HIS D 268 -52.61 -10.92 7.24
CA HIS D 268 -53.10 -9.77 6.46
C HIS D 268 -52.13 -9.31 5.38
N GLY D 269 -51.08 -10.10 5.12
CA GLY D 269 -50.12 -9.79 4.08
C GLY D 269 -49.35 -8.48 4.27
N ILE D 270 -49.12 -8.11 5.52
CA ILE D 270 -48.34 -6.91 5.84
C ILE D 270 -47.07 -7.26 6.60
N GLY D 271 -46.30 -6.24 6.97
CA GLY D 271 -45.04 -6.46 7.66
C GLY D 271 -45.20 -6.60 9.16
N CYS D 272 -44.24 -7.28 9.79
CA CYS D 272 -44.15 -7.32 11.23
C CYS D 272 -42.72 -6.97 11.64
N HIS D 273 -42.54 -5.88 12.37
CA HIS D 273 -41.21 -5.51 12.81
C HIS D 273 -40.98 -5.88 14.26
N VAL D 274 -39.84 -6.49 14.55
CA VAL D 274 -39.51 -6.82 15.93
C VAL D 274 -38.44 -5.88 16.47
N ASP D 275 -38.84 -5.01 17.40
CA ASP D 275 -37.92 -4.09 18.05
C ASP D 275 -37.08 -4.81 19.11
N ALA D 276 -36.04 -5.50 18.63
CA ALA D 276 -35.13 -6.22 19.52
C ALA D 276 -33.88 -5.39 19.82
N CYS D 277 -34.03 -4.06 19.80
CA CYS D 277 -32.89 -3.20 20.05
C CYS D 277 -32.25 -3.49 21.40
N LEU D 278 -33.08 -3.86 22.37
CA LEU D 278 -32.57 -4.17 23.70
C LEU D 278 -32.23 -5.65 23.78
N GLY D 279 -33.07 -6.49 23.20
CA GLY D 279 -32.97 -7.93 23.39
C GLY D 279 -32.17 -8.71 22.37
N GLY D 280 -31.88 -8.11 21.22
CA GLY D 280 -31.14 -8.79 20.18
C GLY D 280 -29.94 -9.60 20.66
N PHE D 281 -29.12 -9.00 21.51
CA PHE D 281 -27.89 -9.64 21.97
C PHE D 281 -28.01 -10.22 23.38
N ILE D 282 -29.26 -10.37 23.84
CA ILE D 282 -29.54 -10.96 25.14
C ILE D 282 -30.44 -12.18 25.03
N LEU D 283 -31.51 -12.06 24.25
CA LEU D 283 -32.50 -13.14 24.12
C LEU D 283 -31.98 -14.46 23.51
N PRO D 284 -31.18 -14.39 22.44
CA PRO D 284 -30.71 -15.66 21.83
C PRO D 284 -29.85 -16.48 22.78
N TRP D 285 -29.13 -15.81 23.68
CA TRP D 285 -28.26 -16.49 24.64
C TRP D 285 -29.03 -16.94 25.90
N ALA D 286 -30.08 -16.20 26.23
CA ALA D 286 -30.94 -16.58 27.35
C ALA D 286 -31.70 -17.84 26.99
N GLU D 287 -31.99 -18.00 25.70
CA GLU D 287 -32.72 -19.16 25.21
C GLU D 287 -31.89 -20.44 25.35
N ARG D 288 -30.59 -20.32 25.03
CA ARG D 288 -29.65 -21.44 25.12
C ARG D 288 -29.20 -21.71 26.56
N LEU D 289 -29.42 -20.73 27.43
CA LEU D 289 -29.14 -20.87 28.85
C LEU D 289 -30.34 -21.53 29.56
N GLY D 290 -31.35 -21.88 28.76
CA GLY D 290 -32.52 -22.59 29.27
C GLY D 290 -33.57 -21.73 29.95
N TYR D 291 -33.80 -20.53 29.41
CA TYR D 291 -34.82 -19.63 29.95
C TYR D 291 -36.11 -19.70 29.11
N PRO D 292 -37.22 -19.16 29.66
CA PRO D 292 -38.50 -19.15 28.96
C PRO D 292 -38.58 -18.02 27.93
N VAL D 293 -37.96 -18.21 26.77
CA VAL D 293 -38.07 -17.24 25.69
C VAL D 293 -38.54 -17.92 24.39
N PRO D 294 -39.76 -17.58 23.96
CA PRO D 294 -40.28 -18.06 22.68
C PRO D 294 -39.42 -17.55 21.53
N PRO D 295 -39.58 -18.11 20.33
CA PRO D 295 -38.88 -17.54 19.17
C PRO D 295 -39.35 -16.11 18.91
N PHE D 296 -38.42 -15.16 18.84
CA PHE D 296 -38.76 -13.75 18.71
C PHE D 296 -38.27 -13.17 17.40
N ASP D 297 -37.45 -13.93 16.69
CA ASP D 297 -36.72 -13.43 15.54
C ASP D 297 -37.23 -13.94 14.22
N PHE D 298 -36.30 -14.38 13.37
CA PHE D 298 -36.62 -14.76 12.01
C PHE D 298 -37.03 -16.23 11.88
N ARG D 299 -36.95 -16.98 12.97
CA ARG D 299 -37.47 -18.34 12.96
C ARG D 299 -38.94 -18.29 12.59
N LEU D 300 -39.67 -17.34 13.17
CA LEU D 300 -41.07 -17.09 12.84
C LEU D 300 -41.18 -16.55 11.43
N GLU D 301 -42.12 -17.07 10.66
CA GLU D 301 -42.20 -16.71 9.25
C GLU D 301 -42.84 -15.36 8.99
N GLY D 302 -43.70 -14.92 9.90
CA GLY D 302 -44.40 -13.65 9.74
C GLY D 302 -43.50 -12.43 9.90
N VAL D 303 -42.43 -12.60 10.69
CA VAL D 303 -41.48 -11.54 10.96
C VAL D 303 -40.68 -11.12 9.73
N THR D 304 -40.93 -9.90 9.25
CA THR D 304 -40.29 -9.41 8.04
C THR D 304 -39.03 -8.57 8.29
N SER D 305 -38.93 -7.97 9.48
CA SER D 305 -37.74 -7.19 9.84
C SER D 305 -37.45 -7.22 11.34
N VAL D 306 -36.20 -7.00 11.70
CA VAL D 306 -35.79 -6.97 13.10
C VAL D 306 -34.69 -5.93 13.28
N SER D 307 -34.73 -5.20 14.40
CA SER D 307 -33.67 -4.27 14.72
C SER D 307 -32.95 -4.67 16.00
N ALA D 308 -31.63 -4.52 16.04
CA ALA D 308 -30.85 -4.88 17.20
C ALA D 308 -29.69 -3.90 17.40
N ASP D 309 -29.39 -3.58 18.65
CA ASP D 309 -28.37 -2.60 18.99
C ASP D 309 -27.02 -3.23 19.35
N THR D 310 -26.05 -3.06 18.49
CA THR D 310 -24.69 -3.52 18.76
C THR D 310 -24.01 -2.65 19.81
N HIS D 311 -24.57 -1.47 20.07
CA HIS D 311 -23.98 -0.56 21.04
C HIS D 311 -24.59 -0.72 22.43
N ALA D 312 -25.67 -1.48 22.48
CA ALA D 312 -26.29 -1.83 23.75
C ALA D 312 -25.66 -3.10 24.30
N TYR D 313 -26.38 -4.21 24.20
CA TYR D 313 -25.90 -5.48 24.74
C TYR D 313 -24.98 -6.23 23.77
N GLY D 314 -24.62 -5.56 22.67
CA GLY D 314 -23.62 -6.07 21.76
C GLY D 314 -22.25 -5.65 22.25
N TYR D 315 -22.23 -4.70 23.16
CA TYR D 315 -20.99 -4.23 23.82
C TYR D 315 -20.04 -3.54 22.86
N GLY D 316 -20.57 -3.07 21.73
CA GLY D 316 -19.83 -2.18 20.86
C GLY D 316 -19.74 -0.83 21.55
N ALA D 317 -19.15 0.15 20.87
CA ALA D 317 -19.13 1.50 21.38
C ALA D 317 -20.36 2.21 20.85
N LYS D 318 -20.77 3.28 21.52
CA LYS D 318 -22.03 3.95 21.20
C LYS D 318 -22.05 4.52 19.79
N GLY D 319 -23.16 4.31 19.09
CA GLY D 319 -23.34 4.86 17.76
C GLY D 319 -23.43 3.84 16.64
N THR D 320 -23.78 2.59 16.98
CA THR D 320 -23.99 1.54 15.98
C THR D 320 -25.24 0.70 16.26
N SER D 321 -25.78 0.12 15.21
CA SER D 321 -26.98 -0.69 15.34
C SER D 321 -27.21 -1.39 14.01
N VAL D 322 -27.97 -2.48 14.04
CA VAL D 322 -28.27 -3.22 12.83
C VAL D 322 -29.76 -3.24 12.54
N ILE D 323 -30.14 -2.99 11.30
CA ILE D 323 -31.50 -3.25 10.84
C ILE D 323 -31.44 -4.42 9.86
N LEU D 324 -32.29 -5.42 10.07
CA LEU D 324 -32.30 -6.62 9.23
C LEU D 324 -33.65 -6.81 8.57
N TYR D 325 -33.64 -7.16 7.29
CA TYR D 325 -34.87 -7.49 6.58
C TYR D 325 -34.86 -8.94 6.12
N ARG D 326 -36.05 -9.54 5.99
CA ARG D 326 -36.15 -10.94 5.64
C ARG D 326 -35.76 -11.21 4.19
N ARG D 327 -36.19 -10.34 3.28
CA ARG D 327 -35.85 -10.48 1.87
C ARG D 327 -35.23 -9.20 1.33
N PRO D 328 -34.37 -9.32 0.30
CA PRO D 328 -33.74 -8.13 -0.28
C PRO D 328 -34.74 -7.18 -0.94
N ASP D 329 -35.84 -7.69 -1.50
CA ASP D 329 -36.81 -6.83 -2.18
C ASP D 329 -37.41 -5.81 -1.21
N LEU D 330 -37.20 -6.05 0.08
CA LEU D 330 -37.69 -5.19 1.14
C LEU D 330 -36.63 -4.13 1.45
N LEU D 331 -35.43 -4.61 1.82
CA LEU D 331 -34.26 -3.76 2.03
C LEU D 331 -34.16 -2.66 0.99
N HIS D 332 -34.37 -3.01 -0.28
CA HIS D 332 -34.18 -2.07 -1.37
C HIS D 332 -35.00 -0.77 -1.28
N TYR D 333 -36.10 -0.79 -0.54
CA TYR D 333 -36.91 0.42 -0.41
C TYR D 333 -36.29 1.39 0.58
N GLN D 334 -35.21 0.95 1.23
CA GLN D 334 -34.51 1.77 2.21
C GLN D 334 -33.43 2.62 1.53
N TYR D 335 -32.71 2.04 0.59
CA TYR D 335 -31.62 2.73 -0.11
C TYR D 335 -32.09 4.06 -0.70
N PHE D 336 -31.29 5.10 -0.53
CA PHE D 336 -31.55 6.36 -1.23
C PHE D 336 -30.61 6.51 -2.42
N ILE D 337 -31.16 6.85 -3.57
CA ILE D 337 -30.33 7.03 -4.76
C ILE D 337 -30.75 8.26 -5.58
N ALA D 338 -29.76 9.01 -6.03
CA ALA D 338 -30.00 10.13 -6.93
C ALA D 338 -29.08 10.00 -8.14
N ALA D 339 -29.64 10.01 -9.35
CA ALA D 339 -28.87 9.88 -10.58
C ALA D 339 -28.83 11.18 -11.39
N ASP D 340 -29.74 12.09 -11.10
CA ASP D 340 -29.93 13.31 -11.87
C ASP D 340 -29.18 14.52 -11.32
N TRP D 341 -28.36 14.27 -10.30
CA TRP D 341 -27.67 15.34 -9.58
C TRP D 341 -26.34 15.71 -10.23
N PRO D 342 -26.09 17.02 -10.44
CA PRO D 342 -24.82 17.48 -11.00
C PRO D 342 -23.60 17.05 -10.18
N GLY D 343 -23.83 16.58 -8.95
CA GLY D 343 -22.75 16.13 -8.09
C GLY D 343 -22.30 14.70 -8.41
N GLY D 344 -22.95 14.10 -9.40
CA GLY D 344 -22.62 12.76 -9.83
C GLY D 344 -23.54 11.71 -9.27
N LEU D 345 -23.09 10.46 -9.33
CA LEU D 345 -23.80 9.36 -8.72
C LEU D 345 -23.66 9.47 -7.21
N TYR D 346 -24.80 9.40 -6.51
CA TYR D 346 -24.78 9.46 -5.05
C TYR D 346 -25.82 8.51 -4.49
N PHE D 347 -25.39 7.67 -3.57
CA PHE D 347 -26.28 6.71 -2.94
C PHE D 347 -25.90 6.59 -1.46
N SER D 348 -26.86 6.21 -0.63
CA SER D 348 -26.56 5.88 0.75
C SER D 348 -27.56 4.85 1.26
N PRO D 349 -27.06 3.85 2.01
CA PRO D 349 -27.89 2.78 2.57
C PRO D 349 -28.82 3.34 3.63
N THR D 350 -28.31 4.27 4.42
CA THR D 350 -29.05 4.78 5.57
C THR D 350 -29.38 6.26 5.43
N PHE D 351 -29.69 6.89 6.56
CA PHE D 351 -29.99 8.33 6.62
C PHE D 351 -28.78 9.18 6.32
N ALA D 352 -27.65 8.80 6.89
CA ALA D 352 -26.45 9.63 6.83
C ALA D 352 -25.73 9.53 5.50
N GLY D 353 -24.97 10.58 5.19
CA GLY D 353 -24.02 10.55 4.10
C GLY D 353 -22.69 10.10 4.67
N SER D 354 -21.90 11.06 5.13
CA SER D 354 -20.67 10.75 5.85
C SER D 354 -20.99 10.13 7.22
N ARG D 355 -20.35 9.00 7.50
CA ARG D 355 -20.53 8.28 8.74
C ARG D 355 -19.20 8.13 9.45
N PRO D 356 -19.22 7.87 10.76
CA PRO D 356 -18.02 7.49 11.49
C PRO D 356 -17.71 6.02 11.24
N GLY D 357 -16.80 5.74 10.33
CA GLY D 357 -16.49 4.37 9.98
C GLY D 357 -15.97 3.58 11.18
N ALA D 358 -15.27 4.28 12.06
CA ALA D 358 -14.62 3.67 13.21
C ALA D 358 -15.60 2.98 14.15
N LEU D 359 -16.80 3.54 14.27
CA LEU D 359 -17.80 2.98 15.15
C LEU D 359 -18.31 1.65 14.62
N SER D 360 -18.33 1.50 13.29
CA SER D 360 -18.65 0.22 12.68
C SER D 360 -17.57 -0.80 12.99
N ALA D 361 -16.33 -0.32 13.12
CA ALA D 361 -15.20 -1.18 13.48
C ALA D 361 -15.33 -1.67 14.93
N THR D 362 -15.69 -0.77 15.84
CA THR D 362 -15.82 -1.15 17.25
C THR D 362 -16.92 -2.19 17.46
N ALA D 363 -17.97 -2.13 16.66
CA ALA D 363 -19.05 -3.11 16.75
C ALA D 363 -18.54 -4.45 16.29
N TRP D 364 -17.87 -4.47 15.15
CA TRP D 364 -17.27 -5.66 14.57
C TRP D 364 -16.24 -6.28 15.52
N ALA D 365 -15.32 -5.45 16.02
CA ALA D 365 -14.27 -5.91 16.91
C ALA D 365 -14.81 -6.48 18.23
N ALA D 366 -15.86 -5.86 18.77
CA ALA D 366 -16.46 -6.33 20.02
C ALA D 366 -17.14 -7.68 19.85
N MET D 367 -17.80 -7.87 18.71
CA MET D 367 -18.46 -9.14 18.42
C MET D 367 -17.45 -10.28 18.27
N LEU D 368 -16.33 -10.00 17.62
CA LEU D 368 -15.29 -11.01 17.46
C LEU D 368 -14.54 -11.29 18.76
N SER D 369 -14.33 -10.27 19.59
CA SER D 369 -13.57 -10.46 20.81
C SER D 369 -14.37 -11.28 21.83
N LEU D 370 -15.68 -11.29 21.66
CA LEU D 370 -16.57 -12.00 22.58
C LEU D 370 -16.96 -13.37 22.04
N GLY D 371 -17.48 -13.41 20.82
CA GLY D 371 -17.94 -14.65 20.23
C GLY D 371 -19.07 -15.24 21.04
N GLU D 372 -19.63 -16.36 20.60
CA GLU D 372 -20.76 -16.96 21.29
C GLU D 372 -20.49 -17.24 22.77
N GLU D 373 -19.22 -17.44 23.12
CA GLU D 373 -18.86 -17.68 24.52
C GLU D 373 -19.02 -16.43 25.38
N GLY D 374 -18.39 -15.33 24.96
CA GLY D 374 -18.42 -14.07 25.69
C GLY D 374 -19.82 -13.55 25.92
N TYR D 375 -20.73 -13.81 24.96
CA TYR D 375 -22.12 -13.38 25.07
C TYR D 375 -22.88 -14.31 26.01
N LEU D 376 -22.68 -15.60 25.83
CA LEU D 376 -23.28 -16.60 26.71
C LEU D 376 -22.88 -16.31 28.15
N ASP D 377 -21.60 -15.99 28.36
CA ASP D 377 -21.10 -15.69 29.70
C ASP D 377 -21.72 -14.41 30.26
N ALA D 378 -21.58 -13.32 29.51
CA ALA D 378 -22.15 -12.04 29.91
C ALA D 378 -23.65 -12.17 30.21
N THR D 379 -24.40 -12.77 29.29
CA THR D 379 -25.84 -12.95 29.45
C THR D 379 -26.21 -13.71 30.73
N ARG D 380 -25.39 -14.69 31.09
CA ARG D 380 -25.64 -15.46 32.30
C ARG D 380 -25.43 -14.59 33.55
N ARG D 381 -24.30 -13.88 33.58
CA ARG D 381 -23.97 -13.03 34.72
C ARG D 381 -25.01 -11.91 34.94
N ILE D 382 -25.63 -11.47 33.85
CA ILE D 382 -26.67 -10.44 33.91
C ILE D 382 -27.99 -11.02 34.39
N LEU D 383 -28.45 -12.10 33.74
CA LEU D 383 -29.71 -12.74 34.11
C LEU D 383 -29.69 -13.33 35.53
N GLN D 384 -28.50 -13.70 35.99
CA GLN D 384 -28.35 -14.17 37.36
C GLN D 384 -28.55 -13.01 38.33
N ALA D 385 -27.88 -11.90 38.09
CA ALA D 385 -28.07 -10.70 38.89
C ALA D 385 -29.53 -10.25 38.86
N ALA D 386 -30.17 -10.44 37.72
CA ALA D 386 -31.57 -10.05 37.56
C ALA D 386 -32.49 -10.85 38.46
N ASP D 387 -32.54 -12.16 38.24
CA ASP D 387 -33.38 -13.06 39.04
C ASP D 387 -33.17 -12.82 40.52
N ARG D 388 -31.94 -12.44 40.87
CA ARG D 388 -31.54 -12.25 42.24
C ARG D 388 -32.06 -10.93 42.81
N LEU D 389 -32.13 -9.92 41.94
CA LEU D 389 -32.65 -8.62 42.32
C LEU D 389 -34.18 -8.67 42.41
N LYS D 390 -34.81 -9.41 41.52
CA LYS D 390 -36.26 -9.53 41.49
C LYS D 390 -36.78 -10.22 42.74
N ALA D 391 -36.05 -11.24 43.19
CA ALA D 391 -36.40 -11.93 44.43
C ALA D 391 -36.32 -10.97 45.62
N GLY D 392 -35.29 -10.14 45.62
CA GLY D 392 -35.08 -9.17 46.68
C GLY D 392 -36.16 -8.11 46.68
N VAL D 393 -36.76 -7.87 45.52
CA VAL D 393 -37.80 -6.85 45.38
C VAL D 393 -39.19 -7.37 45.79
N ARG D 394 -39.54 -8.56 45.33
CA ARG D 394 -40.81 -9.16 45.72
C ARG D 394 -40.82 -9.40 47.24
N ALA D 395 -39.64 -9.70 47.78
CA ALA D 395 -39.47 -9.88 49.23
C ALA D 395 -39.90 -8.64 50.01
N ILE D 396 -39.66 -7.46 49.45
CA ILE D 396 -40.07 -6.21 50.10
C ILE D 396 -41.58 -5.98 49.91
N PRO D 397 -42.28 -5.77 51.04
CA PRO D 397 -43.74 -5.78 51.16
C PRO D 397 -44.50 -4.81 50.24
N SER D 398 -44.11 -3.53 50.24
CA SER D 398 -44.88 -2.49 49.55
C SER D 398 -44.70 -2.49 48.02
N LEU D 399 -43.58 -3.03 47.55
CA LEU D 399 -43.24 -2.98 46.12
C LEU D 399 -43.77 -4.19 45.35
N LYS D 400 -44.07 -3.95 44.07
CA LYS D 400 -44.39 -5.03 43.13
C LYS D 400 -43.59 -4.82 41.84
N ILE D 401 -43.37 -5.90 41.10
CA ILE D 401 -42.70 -5.82 39.81
C ILE D 401 -43.74 -5.89 38.70
N LEU D 402 -43.51 -5.12 37.63
CA LEU D 402 -44.45 -5.07 36.51
C LEU D 402 -44.20 -6.17 35.49
N GLY D 403 -45.21 -6.99 35.24
CA GLY D 403 -45.08 -8.11 34.32
C GLY D 403 -44.01 -9.09 34.76
N ASP D 404 -43.49 -9.86 33.80
CA ASP D 404 -42.40 -10.79 34.10
C ASP D 404 -41.14 -10.51 33.28
N PRO D 405 -40.32 -9.56 33.74
CA PRO D 405 -39.09 -9.14 33.06
C PRO D 405 -38.00 -10.15 33.29
N LEU D 406 -37.07 -10.25 32.34
CA LEU D 406 -35.91 -11.12 32.50
C LEU D 406 -34.70 -10.36 33.07
N TRP D 407 -34.47 -9.13 32.60
CA TRP D 407 -33.33 -8.35 33.08
C TRP D 407 -33.59 -6.84 33.15
N VAL D 408 -34.68 -6.38 32.54
CA VAL D 408 -35.07 -4.97 32.68
C VAL D 408 -36.26 -4.82 33.63
N ILE D 409 -35.98 -4.42 34.87
CA ILE D 409 -36.95 -4.50 35.96
C ILE D 409 -37.71 -3.20 36.24
N ALA D 410 -39.02 -3.21 35.97
CA ALA D 410 -39.87 -2.07 36.29
C ALA D 410 -40.60 -2.28 37.62
N VAL D 411 -40.18 -1.56 38.65
CA VAL D 411 -40.75 -1.71 39.99
C VAL D 411 -41.73 -0.59 40.38
N ALA D 412 -42.93 -1.00 40.80
CA ALA D 412 -43.99 -0.05 41.16
C ALA D 412 -44.49 -0.27 42.59
N SER D 413 -45.39 0.61 43.03
CA SER D 413 -46.02 0.46 44.34
C SER D 413 -47.47 0.92 44.35
N ASP D 414 -48.31 0.17 45.05
CA ASP D 414 -49.73 0.48 45.15
C ASP D 414 -50.03 1.36 46.38
N GLU D 415 -49.20 1.21 47.40
CA GLU D 415 -49.41 1.88 48.66
C GLU D 415 -48.60 3.18 48.75
N LEU D 416 -47.35 3.13 48.31
CA LEU D 416 -46.44 4.25 48.44
C LEU D 416 -46.31 5.08 47.15
N ASN D 417 -45.71 6.26 47.30
CA ASN D 417 -45.38 7.12 46.17
C ASN D 417 -44.05 6.67 45.55
N ILE D 418 -44.12 5.85 44.52
CA ILE D 418 -42.93 5.23 43.96
C ILE D 418 -41.85 6.25 43.57
N TYR D 419 -42.25 7.47 43.25
CA TYR D 419 -41.29 8.50 42.83
C TYR D 419 -40.39 8.98 43.96
N GLN D 420 -40.88 8.92 45.19
CA GLN D 420 -40.09 9.30 46.36
C GLN D 420 -39.19 8.14 46.75
N VAL D 421 -39.69 6.92 46.57
CA VAL D 421 -38.84 5.75 46.72
C VAL D 421 -37.64 5.98 45.80
N MET D 422 -37.94 6.24 44.53
CA MET D 422 -36.92 6.50 43.53
C MET D 422 -35.96 7.62 43.94
N GLU D 423 -36.50 8.70 44.49
CA GLU D 423 -35.68 9.83 44.93
C GLU D 423 -34.78 9.44 46.11
N GLU D 424 -35.27 8.53 46.94
CA GLU D 424 -34.51 8.06 48.11
C GLU D 424 -33.33 7.22 47.68
N MET D 425 -33.48 6.52 46.55
CA MET D 425 -32.39 5.77 45.94
C MET D 425 -31.40 6.75 45.35
N ALA D 426 -31.92 7.77 44.66
CA ALA D 426 -31.09 8.79 44.04
C ALA D 426 -30.21 9.46 45.07
N GLY D 427 -30.70 9.53 46.31
CA GLY D 427 -29.93 10.09 47.41
C GLY D 427 -28.65 9.33 47.67
N ARG D 428 -28.67 8.03 47.39
CA ARG D 428 -27.51 7.17 47.63
C ARG D 428 -26.67 7.03 46.36
N GLY D 429 -27.08 7.73 45.30
CA GLY D 429 -26.29 7.79 44.08
C GLY D 429 -26.84 7.04 42.88
N TRP D 430 -28.02 6.43 43.04
CA TRP D 430 -28.62 5.63 41.97
C TRP D 430 -29.30 6.49 40.90
N ARG D 431 -28.77 6.41 39.68
CA ARG D 431 -29.36 7.09 38.55
C ARG D 431 -30.34 6.15 37.86
N LEU D 432 -31.62 6.26 38.20
CA LEU D 432 -32.63 5.37 37.66
C LEU D 432 -33.57 6.07 36.68
N ASN D 433 -34.35 5.26 35.97
CA ASN D 433 -35.28 5.78 34.96
C ASN D 433 -36.71 5.92 35.51
N GLY D 434 -37.26 7.11 35.38
CA GLY D 434 -38.61 7.36 35.85
C GLY D 434 -39.66 7.07 34.79
N LEU D 435 -40.54 6.12 35.09
CA LEU D 435 -41.62 5.77 34.18
C LEU D 435 -42.93 6.36 34.67
N HIS D 436 -43.93 6.37 33.80
CA HIS D 436 -45.31 6.66 34.22
C HIS D 436 -46.28 5.95 33.30
N ARG D 437 -47.58 6.11 33.55
CA ARG D 437 -48.60 5.36 32.81
C ARG D 437 -48.24 3.87 32.69
N PRO D 438 -48.09 3.17 33.81
CA PRO D 438 -48.29 3.56 35.21
C PRO D 438 -47.03 4.11 35.85
N PRO D 439 -47.16 4.78 37.01
CA PRO D 439 -45.99 5.29 37.74
C PRO D 439 -45.09 4.16 38.26
N ALA D 440 -43.82 4.24 37.92
CA ALA D 440 -42.83 3.27 38.39
C ALA D 440 -41.43 3.79 38.03
N PHE D 441 -40.40 3.13 38.53
CA PHE D 441 -39.03 3.39 38.07
C PHE D 441 -38.45 2.07 37.59
N HIS D 442 -37.59 2.10 36.59
CA HIS D 442 -36.97 0.85 36.17
C HIS D 442 -35.44 0.88 36.20
N VAL D 443 -34.85 -0.30 36.39
CA VAL D 443 -33.41 -0.45 36.30
C VAL D 443 -33.09 -1.54 35.28
N ALA D 444 -32.38 -1.17 34.23
CA ALA D 444 -31.93 -2.11 33.20
C ALA D 444 -30.51 -2.58 33.54
N LEU D 445 -30.39 -3.87 33.79
CA LEU D 445 -29.14 -4.43 34.31
C LEU D 445 -28.09 -4.64 33.23
N THR D 446 -26.85 -4.35 33.57
CA THR D 446 -25.73 -4.51 32.63
C THR D 446 -24.57 -5.17 33.35
N LEU D 447 -23.49 -5.41 32.64
CA LEU D 447 -22.30 -6.01 33.24
C LEU D 447 -21.82 -5.21 34.43
N ARG D 448 -22.24 -3.94 34.49
CA ARG D 448 -21.84 -3.05 35.59
C ARG D 448 -22.50 -3.45 36.91
N HIS D 449 -23.63 -4.16 36.81
CA HIS D 449 -24.38 -4.60 37.98
C HIS D 449 -24.07 -6.04 38.35
N THR D 450 -23.16 -6.67 37.60
CA THR D 450 -22.80 -8.04 37.87
C THR D 450 -21.53 -8.09 38.72
N GLU D 451 -20.89 -6.93 38.88
CA GLU D 451 -19.72 -6.83 39.74
C GLU D 451 -20.08 -7.16 41.19
N PRO D 452 -19.08 -7.50 42.02
CA PRO D 452 -19.33 -7.93 43.39
C PRO D 452 -20.09 -6.91 44.24
N GLY D 453 -21.17 -7.36 44.87
CA GLY D 453 -21.88 -6.59 45.87
C GLY D 453 -22.77 -5.47 45.38
N VAL D 454 -22.96 -5.39 44.06
CA VAL D 454 -23.76 -4.30 43.50
C VAL D 454 -25.27 -4.53 43.64
N VAL D 455 -25.73 -5.74 43.31
CA VAL D 455 -27.15 -6.04 43.50
C VAL D 455 -27.49 -5.98 44.98
N ASP D 456 -26.51 -6.30 45.81
CA ASP D 456 -26.68 -6.24 47.26
C ASP D 456 -26.88 -4.81 47.77
N ARG D 457 -25.94 -3.94 47.42
CA ARG D 457 -26.05 -2.52 47.76
C ARG D 457 -27.37 -1.93 47.27
N PHE D 458 -27.83 -2.39 46.11
CA PHE D 458 -29.11 -1.93 45.58
C PHE D 458 -30.29 -2.34 46.46
N LEU D 459 -30.35 -3.62 46.80
CA LEU D 459 -31.41 -4.11 47.66
C LEU D 459 -31.31 -3.50 49.07
N ALA D 460 -30.10 -3.31 49.57
CA ALA D 460 -29.87 -2.69 50.86
C ALA D 460 -30.38 -1.26 50.89
N ASP D 461 -30.02 -0.48 49.87
CA ASP D 461 -30.47 0.91 49.75
C ASP D 461 -31.96 0.98 49.42
N LEU D 462 -32.50 -0.09 48.85
CA LEU D 462 -33.92 -0.12 48.50
C LEU D 462 -34.79 -0.33 49.73
N GLN D 463 -34.34 -1.18 50.64
CA GLN D 463 -35.04 -1.40 51.91
C GLN D 463 -35.11 -0.10 52.73
N ASP D 464 -33.96 0.52 52.95
CA ASP D 464 -33.87 1.75 53.72
C ASP D 464 -34.71 2.84 53.09
N ALA D 465 -34.85 2.79 51.76
CA ALA D 465 -35.61 3.80 51.02
C ALA D 465 -37.12 3.63 51.19
N VAL D 466 -37.59 2.38 51.22
CA VAL D 466 -39.00 2.11 51.43
C VAL D 466 -39.40 2.44 52.86
N ALA D 467 -38.54 2.04 53.80
CA ALA D 467 -38.76 2.31 55.22
C ALA D 467 -38.91 3.81 55.49
N GLN D 468 -38.12 4.61 54.79
CA GLN D 468 -38.14 6.06 54.95
C GLN D 468 -39.41 6.67 54.37
N VAL D 469 -39.91 6.10 53.28
CA VAL D 469 -41.10 6.62 52.61
C VAL D 469 -42.39 6.16 53.30
N ARG D 470 -42.32 5.03 54.00
CA ARG D 470 -43.48 4.55 54.76
C ARG D 470 -43.65 5.35 56.05
N ALA D 471 -42.54 5.90 56.55
CA ALA D 471 -42.56 6.73 57.75
C ALA D 471 -43.12 8.13 57.44
N HIS D 472 -42.93 8.59 56.21
CA HIS D 472 -43.39 9.92 55.82
C HIS D 472 -44.02 9.89 54.42
N PRO D 473 -45.23 9.30 54.30
CA PRO D 473 -45.91 9.22 53.01
C PRO D 473 -46.13 10.61 52.39
N GLU D 474 -45.92 11.65 53.18
CA GLU D 474 -46.10 13.04 52.75
C GLU D 474 -44.86 13.53 52.00
N LYS D 475 -43.74 12.85 52.21
CA LYS D 475 -42.45 13.31 51.68
C LYS D 475 -42.40 13.28 50.15
N ALA D 476 -41.95 14.39 49.58
CA ALA D 476 -41.73 14.50 48.14
C ALA D 476 -40.61 15.50 47.90
N THR D 477 -39.37 15.02 47.90
CA THR D 477 -38.22 15.90 47.73
C THR D 477 -37.55 15.73 46.37
N GLY D 478 -36.68 16.67 46.02
CA GLY D 478 -35.88 16.58 44.81
C GLY D 478 -36.68 16.45 43.52
N MET D 479 -36.47 15.34 42.84
CA MET D 479 -37.08 15.09 41.52
C MET D 479 -38.45 14.45 41.63
N ALA D 480 -38.74 13.88 42.79
CA ALA D 480 -40.01 13.17 43.01
C ALA D 480 -41.22 13.99 42.57
N PRO D 481 -41.31 15.26 43.01
CA PRO D 481 -42.43 16.11 42.61
C PRO D 481 -42.46 16.36 41.10
N VAL D 482 -41.30 16.39 40.45
CA VAL D 482 -41.23 16.61 39.02
C VAL D 482 -41.80 15.43 38.23
N TYR D 483 -41.28 14.24 38.50
CA TYR D 483 -41.78 13.04 37.82
C TYR D 483 -43.27 12.87 38.04
N GLY D 484 -43.75 13.35 39.18
CA GLY D 484 -45.15 13.21 39.57
C GLY D 484 -46.07 14.19 38.86
N MET D 485 -45.60 15.42 38.68
CA MET D 485 -46.35 16.42 37.93
C MET D 485 -46.40 16.01 36.48
N ALA D 486 -45.27 15.52 36.00
CA ALA D 486 -45.14 15.09 34.60
C ALA D 486 -46.16 14.02 34.26
N ALA D 487 -46.45 13.16 35.23
CA ALA D 487 -47.44 12.11 35.03
C ALA D 487 -48.84 12.70 34.78
N ALA D 488 -49.21 13.71 35.57
CA ALA D 488 -50.56 14.28 35.53
C ALA D 488 -50.78 15.38 34.48
N ALA D 489 -49.73 16.12 34.16
CA ALA D 489 -49.83 17.26 33.23
C ALA D 489 -50.34 16.86 31.83
N PRO D 490 -50.92 17.82 31.11
CA PRO D 490 -51.44 17.58 29.76
C PRO D 490 -50.32 17.61 28.73
N PRO D 491 -50.37 16.70 27.74
CA PRO D 491 -49.34 16.64 26.70
C PRO D 491 -48.77 18.01 26.30
N GLU D 492 -49.63 18.93 25.87
CA GLU D 492 -49.13 20.20 25.33
C GLU D 492 -48.40 21.08 26.34
N LEU D 493 -48.56 20.79 27.63
CA LEU D 493 -47.87 21.55 28.67
C LEU D 493 -46.47 20.97 28.85
N VAL D 494 -46.39 19.65 28.88
CA VAL D 494 -45.11 18.96 28.96
C VAL D 494 -44.27 19.33 27.75
N ARG D 495 -44.90 19.27 26.58
CA ARG D 495 -44.22 19.59 25.34
C ARG D 495 -43.52 20.94 25.43
N GLN D 496 -44.11 21.88 26.18
CA GLN D 496 -43.56 23.22 26.30
C GLN D 496 -42.47 23.37 27.37
N VAL D 497 -42.67 22.73 28.52
CA VAL D 497 -41.68 22.82 29.58
C VAL D 497 -40.39 22.08 29.19
N LEU D 498 -40.53 20.94 28.53
CA LEU D 498 -39.36 20.17 28.07
C LEU D 498 -38.60 20.95 27.00
N THR D 499 -39.33 21.65 26.15
CA THR D 499 -38.71 22.49 25.15
C THR D 499 -37.81 23.53 25.81
N GLY D 500 -38.23 24.03 26.97
CA GLY D 500 -37.42 24.98 27.71
C GLY D 500 -36.22 24.33 28.35
N PHE D 501 -36.38 23.07 28.71
CA PHE D 501 -35.31 22.29 29.32
C PHE D 501 -34.20 21.97 28.31
N ILE D 502 -34.58 21.66 27.07
CA ILE D 502 -33.59 21.37 26.04
C ILE D 502 -32.83 22.65 25.65
N ASP D 503 -33.45 23.80 25.89
CA ASP D 503 -32.83 25.08 25.63
C ASP D 503 -31.83 25.41 26.74
N LEU D 504 -32.16 25.01 27.96
CA LEU D 504 -31.29 25.18 29.12
C LEU D 504 -29.99 24.35 28.95
N LEU D 505 -30.11 23.17 28.35
CA LEU D 505 -28.94 22.33 28.07
C LEU D 505 -27.94 23.01 27.13
N TYR D 506 -28.43 23.90 26.27
CA TYR D 506 -27.61 24.48 25.22
C TYR D 506 -27.08 25.88 25.52
N GLU D 507 -27.24 26.33 26.78
CA GLU D 507 -26.79 27.66 27.22
C GLU D 507 -25.31 27.71 27.63
N VAL D 508 -24.66 28.82 27.31
CA VAL D 508 -23.26 29.05 27.69
C VAL D 508 -23.15 30.36 28.48
N HIS D 509 -22.65 30.26 29.72
CA HIS D 509 -22.60 31.41 30.61
C HIS D 509 -21.24 32.13 30.55
#